data_1BAM
# 
_entry.id   1BAM 
# 
_audit_conform.dict_name       mmcif_pdbx.dic 
_audit_conform.dict_version    5.385 
_audit_conform.dict_location   http://mmcif.pdb.org/dictionaries/ascii/mmcif_pdbx.dic 
# 
loop_
_database_2.database_id 
_database_2.database_code 
_database_2.pdbx_database_accession 
_database_2.pdbx_DOI 
PDB   1BAM         pdb_00001bam 10.2210/pdb1bam/pdb 
WWPDB D_1000171531 ?            ?                   
# 
loop_
_pdbx_audit_revision_history.ordinal 
_pdbx_audit_revision_history.data_content_type 
_pdbx_audit_revision_history.major_revision 
_pdbx_audit_revision_history.minor_revision 
_pdbx_audit_revision_history.revision_date 
1 'Structure model' 1 0 1995-02-27 
2 'Structure model' 1 1 2008-03-03 
3 'Structure model' 1 2 2011-07-13 
4 'Structure model' 1 3 2024-02-07 
# 
_pdbx_audit_revision_details.ordinal             1 
_pdbx_audit_revision_details.revision_ordinal    1 
_pdbx_audit_revision_details.data_content_type   'Structure model' 
_pdbx_audit_revision_details.provider            repository 
_pdbx_audit_revision_details.type                'Initial release' 
_pdbx_audit_revision_details.description         ? 
_pdbx_audit_revision_details.details             ? 
# 
loop_
_pdbx_audit_revision_group.ordinal 
_pdbx_audit_revision_group.revision_ordinal 
_pdbx_audit_revision_group.data_content_type 
_pdbx_audit_revision_group.group 
1 2 'Structure model' 'Version format compliance' 
2 3 'Structure model' 'Version format compliance' 
3 4 'Structure model' 'Data collection'           
4 4 'Structure model' 'Database references'       
5 4 'Structure model' Other                       
# 
loop_
_pdbx_audit_revision_category.ordinal 
_pdbx_audit_revision_category.revision_ordinal 
_pdbx_audit_revision_category.data_content_type 
_pdbx_audit_revision_category.category 
1 4 'Structure model' chem_comp_atom       
2 4 'Structure model' chem_comp_bond       
3 4 'Structure model' database_2           
4 4 'Structure model' pdbx_database_status 
# 
loop_
_pdbx_audit_revision_item.ordinal 
_pdbx_audit_revision_item.revision_ordinal 
_pdbx_audit_revision_item.data_content_type 
_pdbx_audit_revision_item.item 
1 4 'Structure model' '_database_2.pdbx_DOI'                
2 4 'Structure model' '_database_2.pdbx_database_accession' 
3 4 'Structure model' '_pdbx_database_status.process_site'  
# 
_pdbx_database_status.status_code                     REL 
_pdbx_database_status.entry_id                        1BAM 
_pdbx_database_status.recvd_initial_deposition_date   1994-12-28 
_pdbx_database_status.deposit_site                    ? 
_pdbx_database_status.process_site                    BNL 
_pdbx_database_status.SG_entry                        . 
_pdbx_database_status.pdb_format_compatible           Y 
_pdbx_database_status.status_code_mr                  ? 
_pdbx_database_status.status_code_sf                  ? 
_pdbx_database_status.status_code_cs                  ? 
_pdbx_database_status.status_code_nmr_data            ? 
_pdbx_database_status.methods_development_category    ? 
# 
loop_
_audit_author.name 
_audit_author.pdbx_ordinal 
'Aggarwal, A.K.' 1 
'Newman, M.'     2 
# 
loop_
_citation.id 
_citation.title 
_citation.journal_abbrev 
_citation.journal_volume 
_citation.page_first 
_citation.page_last 
_citation.year 
_citation.journal_id_ASTM 
_citation.country 
_citation.journal_id_ISSN 
_citation.journal_id_CSD 
_citation.book_publisher 
_citation.pdbx_database_id_PubMed 
_citation.pdbx_database_id_DOI 
primary 'Structure of restriction endonuclease bamhi phased at 1.95 A resolution by MAD analysis.' Structure 2   439 452 1994 
STRUE6 UK 0969-2126 2005 ? 8081758 '10.1016/S0969-2126(00)00045-9' 
1       'Structure of Restriction Endonuclease BamHI and its Relationship to EcoRI'                Nature    368 660 ?   1994 
NATUAS UK 0028-0836 0006 ? ?       ?                               
# 
loop_
_citation_author.citation_id 
_citation_author.name 
_citation_author.ordinal 
_citation_author.identifier_ORCID 
primary 'Newman, M.'      1  ? 
primary 'Strzelecka, T.'  2  ? 
primary 'Dorner, L.F.'    3  ? 
primary 'Schildkraut, I.' 4  ? 
primary 'Aggarwal, A.K.'  5  ? 
1       'Newman, M.'      6  ? 
1       'Strzelecka, T.'  7  ? 
1       'Dorner, L.F.'    8  ? 
1       'Schildkraut, I.' 9  ? 
1       'Aggarwal, A.K.'  10 ? 
# 
loop_
_entity.id 
_entity.type 
_entity.src_method 
_entity.pdbx_description 
_entity.formula_weight 
_entity.pdbx_number_of_molecules 
_entity.pdbx_ec 
_entity.pdbx_mutation 
_entity.pdbx_fragment 
_entity.details 
1 polymer man 'ENDONUCLEASE BamH I' 24602.297 1   3.1.21.4 ? ? ? 
2 water   nat water                 18.015    116 ?        ? ? ? 
# 
_entity_poly.entity_id                      1 
_entity_poly.type                           'polypeptide(L)' 
_entity_poly.nstd_linkage                   no 
_entity_poly.nstd_monomer                   no 
_entity_poly.pdbx_seq_one_letter_code       
;MEVEKEFITDEAKELLSKDKLIQQAYNEVKTSICSPIWPATSKTFTINNTEKNCNGVVPIKELCYTLLEDTYNWYREKPL
DILKLEKKKGGPIDVYKEFIENSELKRVGMEFETGNISSAHRSMNKLLLGLKHGEIDLAIILMPIKQLAYYLTDRVTNFE
ELEPYFELTEGQPFIFIGFNAEAYNSNVPLIPKGSDGMSKRSIKKWKDKVENK
;
_entity_poly.pdbx_seq_one_letter_code_can   
;MEVEKEFITDEAKELLSKDKLIQQAYNEVKTSICSPIWPATSKTFTINNTEKNCNGVVPIKELCYTLLEDTYNWYREKPL
DILKLEKKKGGPIDVYKEFIENSELKRVGMEFETGNISSAHRSMNKLLLGLKHGEIDLAIILMPIKQLAYYLTDRVTNFE
ELEPYFELTEGQPFIFIGFNAEAYNSNVPLIPKGSDGMSKRSIKKWKDKVENK
;
_entity_poly.pdbx_strand_id                 A 
_entity_poly.pdbx_target_identifier         ? 
# 
_pdbx_entity_nonpoly.entity_id   2 
_pdbx_entity_nonpoly.name        water 
_pdbx_entity_nonpoly.comp_id     HOH 
# 
loop_
_entity_poly_seq.entity_id 
_entity_poly_seq.num 
_entity_poly_seq.mon_id 
_entity_poly_seq.hetero 
1 1   MET n 
1 2   GLU n 
1 3   VAL n 
1 4   GLU n 
1 5   LYS n 
1 6   GLU n 
1 7   PHE n 
1 8   ILE n 
1 9   THR n 
1 10  ASP n 
1 11  GLU n 
1 12  ALA n 
1 13  LYS n 
1 14  GLU n 
1 15  LEU n 
1 16  LEU n 
1 17  SER n 
1 18  LYS n 
1 19  ASP n 
1 20  LYS n 
1 21  LEU n 
1 22  ILE n 
1 23  GLN n 
1 24  GLN n 
1 25  ALA n 
1 26  TYR n 
1 27  ASN n 
1 28  GLU n 
1 29  VAL n 
1 30  LYS n 
1 31  THR n 
1 32  SER n 
1 33  ILE n 
1 34  CYS n 
1 35  SER n 
1 36  PRO n 
1 37  ILE n 
1 38  TRP n 
1 39  PRO n 
1 40  ALA n 
1 41  THR n 
1 42  SER n 
1 43  LYS n 
1 44  THR n 
1 45  PHE n 
1 46  THR n 
1 47  ILE n 
1 48  ASN n 
1 49  ASN n 
1 50  THR n 
1 51  GLU n 
1 52  LYS n 
1 53  ASN n 
1 54  CYS n 
1 55  ASN n 
1 56  GLY n 
1 57  VAL n 
1 58  VAL n 
1 59  PRO n 
1 60  ILE n 
1 61  LYS n 
1 62  GLU n 
1 63  LEU n 
1 64  CYS n 
1 65  TYR n 
1 66  THR n 
1 67  LEU n 
1 68  LEU n 
1 69  GLU n 
1 70  ASP n 
1 71  THR n 
1 72  TYR n 
1 73  ASN n 
1 74  TRP n 
1 75  TYR n 
1 76  ARG n 
1 77  GLU n 
1 78  LYS n 
1 79  PRO n 
1 80  LEU n 
1 81  ASP n 
1 82  ILE n 
1 83  LEU n 
1 84  LYS n 
1 85  LEU n 
1 86  GLU n 
1 87  LYS n 
1 88  LYS n 
1 89  LYS n 
1 90  GLY n 
1 91  GLY n 
1 92  PRO n 
1 93  ILE n 
1 94  ASP n 
1 95  VAL n 
1 96  TYR n 
1 97  LYS n 
1 98  GLU n 
1 99  PHE n 
1 100 ILE n 
1 101 GLU n 
1 102 ASN n 
1 103 SER n 
1 104 GLU n 
1 105 LEU n 
1 106 LYS n 
1 107 ARG n 
1 108 VAL n 
1 109 GLY n 
1 110 MET n 
1 111 GLU n 
1 112 PHE n 
1 113 GLU n 
1 114 THR n 
1 115 GLY n 
1 116 ASN n 
1 117 ILE n 
1 118 SER n 
1 119 SER n 
1 120 ALA n 
1 121 HIS n 
1 122 ARG n 
1 123 SER n 
1 124 MET n 
1 125 ASN n 
1 126 LYS n 
1 127 LEU n 
1 128 LEU n 
1 129 LEU n 
1 130 GLY n 
1 131 LEU n 
1 132 LYS n 
1 133 HIS n 
1 134 GLY n 
1 135 GLU n 
1 136 ILE n 
1 137 ASP n 
1 138 LEU n 
1 139 ALA n 
1 140 ILE n 
1 141 ILE n 
1 142 LEU n 
1 143 MET n 
1 144 PRO n 
1 145 ILE n 
1 146 LYS n 
1 147 GLN n 
1 148 LEU n 
1 149 ALA n 
1 150 TYR n 
1 151 TYR n 
1 152 LEU n 
1 153 THR n 
1 154 ASP n 
1 155 ARG n 
1 156 VAL n 
1 157 THR n 
1 158 ASN n 
1 159 PHE n 
1 160 GLU n 
1 161 GLU n 
1 162 LEU n 
1 163 GLU n 
1 164 PRO n 
1 165 TYR n 
1 166 PHE n 
1 167 GLU n 
1 168 LEU n 
1 169 THR n 
1 170 GLU n 
1 171 GLY n 
1 172 GLN n 
1 173 PRO n 
1 174 PHE n 
1 175 ILE n 
1 176 PHE n 
1 177 ILE n 
1 178 GLY n 
1 179 PHE n 
1 180 ASN n 
1 181 ALA n 
1 182 GLU n 
1 183 ALA n 
1 184 TYR n 
1 185 ASN n 
1 186 SER n 
1 187 ASN n 
1 188 VAL n 
1 189 PRO n 
1 190 LEU n 
1 191 ILE n 
1 192 PRO n 
1 193 LYS n 
1 194 GLY n 
1 195 SER n 
1 196 ASP n 
1 197 GLY n 
1 198 MET n 
1 199 SER n 
1 200 LYS n 
1 201 ARG n 
1 202 SER n 
1 203 ILE n 
1 204 LYS n 
1 205 LYS n 
1 206 TRP n 
1 207 LYS n 
1 208 ASP n 
1 209 LYS n 
1 210 VAL n 
1 211 GLU n 
1 212 ASN n 
1 213 LYS n 
# 
_entity_src_gen.entity_id                          1 
_entity_src_gen.pdbx_src_id                        1 
_entity_src_gen.pdbx_alt_source_flag               sample 
_entity_src_gen.pdbx_seq_type                      ? 
_entity_src_gen.pdbx_beg_seq_num                   ? 
_entity_src_gen.pdbx_end_seq_num                   ? 
_entity_src_gen.gene_src_common_name               ? 
_entity_src_gen.gene_src_genus                     Bacillus 
_entity_src_gen.pdbx_gene_src_gene                 ? 
_entity_src_gen.gene_src_species                   ? 
_entity_src_gen.gene_src_strain                    ? 
_entity_src_gen.gene_src_tissue                    ? 
_entity_src_gen.gene_src_tissue_fraction           ? 
_entity_src_gen.gene_src_details                   ? 
_entity_src_gen.pdbx_gene_src_fragment             ? 
_entity_src_gen.pdbx_gene_src_scientific_name      'Bacillus amyloliquefaciens' 
_entity_src_gen.pdbx_gene_src_ncbi_taxonomy_id     1390 
_entity_src_gen.pdbx_gene_src_variant              ? 
_entity_src_gen.pdbx_gene_src_cell_line            ? 
_entity_src_gen.pdbx_gene_src_atcc                 ? 
_entity_src_gen.pdbx_gene_src_organ                ? 
_entity_src_gen.pdbx_gene_src_organelle            ? 
_entity_src_gen.pdbx_gene_src_cell                 ? 
_entity_src_gen.pdbx_gene_src_cellular_location    ? 
_entity_src_gen.host_org_common_name               ? 
_entity_src_gen.pdbx_host_org_scientific_name      ? 
_entity_src_gen.pdbx_host_org_ncbi_taxonomy_id     ? 
_entity_src_gen.host_org_genus                     ? 
_entity_src_gen.pdbx_host_org_gene                 ? 
_entity_src_gen.pdbx_host_org_organ                ? 
_entity_src_gen.host_org_species                   ? 
_entity_src_gen.pdbx_host_org_tissue               ? 
_entity_src_gen.pdbx_host_org_tissue_fraction      ? 
_entity_src_gen.pdbx_host_org_strain               ? 
_entity_src_gen.pdbx_host_org_variant              ? 
_entity_src_gen.pdbx_host_org_cell_line            ? 
_entity_src_gen.pdbx_host_org_atcc                 ? 
_entity_src_gen.pdbx_host_org_culture_collection   ? 
_entity_src_gen.pdbx_host_org_cell                 ? 
_entity_src_gen.pdbx_host_org_organelle            ? 
_entity_src_gen.pdbx_host_org_cellular_location    ? 
_entity_src_gen.pdbx_host_org_vector_type          ? 
_entity_src_gen.pdbx_host_org_vector               ? 
_entity_src_gen.host_org_details                   ? 
_entity_src_gen.expression_system_id               ? 
_entity_src_gen.plasmid_name                       ? 
_entity_src_gen.plasmid_details                    ? 
_entity_src_gen.pdbx_description                   ? 
# 
loop_
_chem_comp.id 
_chem_comp.type 
_chem_comp.mon_nstd_flag 
_chem_comp.name 
_chem_comp.pdbx_synonyms 
_chem_comp.formula 
_chem_comp.formula_weight 
ALA 'L-peptide linking' y ALANINE         ? 'C3 H7 N O2'     89.093  
ARG 'L-peptide linking' y ARGININE        ? 'C6 H15 N4 O2 1' 175.209 
ASN 'L-peptide linking' y ASPARAGINE      ? 'C4 H8 N2 O3'    132.118 
ASP 'L-peptide linking' y 'ASPARTIC ACID' ? 'C4 H7 N O4'     133.103 
CYS 'L-peptide linking' y CYSTEINE        ? 'C3 H7 N O2 S'   121.158 
GLN 'L-peptide linking' y GLUTAMINE       ? 'C5 H10 N2 O3'   146.144 
GLU 'L-peptide linking' y 'GLUTAMIC ACID' ? 'C5 H9 N O4'     147.129 
GLY 'peptide linking'   y GLYCINE         ? 'C2 H5 N O2'     75.067  
HIS 'L-peptide linking' y HISTIDINE       ? 'C6 H10 N3 O2 1' 156.162 
HOH non-polymer         . WATER           ? 'H2 O'           18.015  
ILE 'L-peptide linking' y ISOLEUCINE      ? 'C6 H13 N O2'    131.173 
LEU 'L-peptide linking' y LEUCINE         ? 'C6 H13 N O2'    131.173 
LYS 'L-peptide linking' y LYSINE          ? 'C6 H15 N2 O2 1' 147.195 
MET 'L-peptide linking' y METHIONINE      ? 'C5 H11 N O2 S'  149.211 
PHE 'L-peptide linking' y PHENYLALANINE   ? 'C9 H11 N O2'    165.189 
PRO 'L-peptide linking' y PROLINE         ? 'C5 H9 N O2'     115.130 
SER 'L-peptide linking' y SERINE          ? 'C3 H7 N O3'     105.093 
THR 'L-peptide linking' y THREONINE       ? 'C4 H9 N O3'     119.119 
TRP 'L-peptide linking' y TRYPTOPHAN      ? 'C11 H12 N2 O2'  204.225 
TYR 'L-peptide linking' y TYROSINE        ? 'C9 H11 N O3'    181.189 
VAL 'L-peptide linking' y VALINE          ? 'C5 H11 N O2'    117.146 
# 
loop_
_pdbx_poly_seq_scheme.asym_id 
_pdbx_poly_seq_scheme.entity_id 
_pdbx_poly_seq_scheme.seq_id 
_pdbx_poly_seq_scheme.mon_id 
_pdbx_poly_seq_scheme.ndb_seq_num 
_pdbx_poly_seq_scheme.pdb_seq_num 
_pdbx_poly_seq_scheme.auth_seq_num 
_pdbx_poly_seq_scheme.pdb_mon_id 
_pdbx_poly_seq_scheme.auth_mon_id 
_pdbx_poly_seq_scheme.pdb_strand_id 
_pdbx_poly_seq_scheme.pdb_ins_code 
_pdbx_poly_seq_scheme.hetero 
A 1 1   MET 1   1   1   MET MET A . n 
A 1 2   GLU 2   2   2   GLU GLU A . n 
A 1 3   VAL 3   3   3   VAL VAL A . n 
A 1 4   GLU 4   4   4   GLU GLU A . n 
A 1 5   LYS 5   5   5   LYS LYS A . n 
A 1 6   GLU 6   6   6   GLU GLU A . n 
A 1 7   PHE 7   7   7   PHE PHE A . n 
A 1 8   ILE 8   8   8   ILE ILE A . n 
A 1 9   THR 9   9   9   THR THR A . n 
A 1 10  ASP 10  10  10  ASP ASP A . n 
A 1 11  GLU 11  11  11  GLU GLU A . n 
A 1 12  ALA 12  12  12  ALA ALA A . n 
A 1 13  LYS 13  13  13  LYS LYS A . n 
A 1 14  GLU 14  14  14  GLU GLU A . n 
A 1 15  LEU 15  15  15  LEU LEU A . n 
A 1 16  LEU 16  16  16  LEU LEU A . n 
A 1 17  SER 17  17  17  SER SER A . n 
A 1 18  LYS 18  18  18  LYS LYS A . n 
A 1 19  ASP 19  19  19  ASP ASP A . n 
A 1 20  LYS 20  20  20  LYS LYS A . n 
A 1 21  LEU 21  21  21  LEU LEU A . n 
A 1 22  ILE 22  22  22  ILE ILE A . n 
A 1 23  GLN 23  23  23  GLN GLN A . n 
A 1 24  GLN 24  24  24  GLN GLN A . n 
A 1 25  ALA 25  25  25  ALA ALA A . n 
A 1 26  TYR 26  26  26  TYR TYR A . n 
A 1 27  ASN 27  27  27  ASN ASN A . n 
A 1 28  GLU 28  28  28  GLU GLU A . n 
A 1 29  VAL 29  29  29  VAL VAL A . n 
A 1 30  LYS 30  30  30  LYS LYS A . n 
A 1 31  THR 31  31  31  THR THR A . n 
A 1 32  SER 32  32  32  SER SER A . n 
A 1 33  ILE 33  33  33  ILE ILE A . n 
A 1 34  CYS 34  34  34  CYS CYS A . n 
A 1 35  SER 35  35  35  SER SER A . n 
A 1 36  PRO 36  36  36  PRO PRO A . n 
A 1 37  ILE 37  37  37  ILE ILE A . n 
A 1 38  TRP 38  38  38  TRP TRP A . n 
A 1 39  PRO 39  39  39  PRO PRO A . n 
A 1 40  ALA 40  40  40  ALA ALA A . n 
A 1 41  THR 41  41  41  THR THR A . n 
A 1 42  SER 42  42  42  SER SER A . n 
A 1 43  LYS 43  43  43  LYS LYS A . n 
A 1 44  THR 44  44  44  THR THR A . n 
A 1 45  PHE 45  45  45  PHE PHE A . n 
A 1 46  THR 46  46  46  THR THR A . n 
A 1 47  ILE 47  47  47  ILE ILE A . n 
A 1 48  ASN 48  48  48  ASN ASN A . n 
A 1 49  ASN 49  49  49  ASN ASN A . n 
A 1 50  THR 50  50  50  THR THR A . n 
A 1 51  GLU 51  51  51  GLU GLU A . n 
A 1 52  LYS 52  52  52  LYS LYS A . n 
A 1 53  ASN 53  53  53  ASN ASN A . n 
A 1 54  CYS 54  54  54  CYS CYS A . n 
A 1 55  ASN 55  55  55  ASN ASN A . n 
A 1 56  GLY 56  56  56  GLY GLY A . n 
A 1 57  VAL 57  57  57  VAL VAL A . n 
A 1 58  VAL 58  58  58  VAL VAL A . n 
A 1 59  PRO 59  59  59  PRO PRO A . n 
A 1 60  ILE 60  60  60  ILE ILE A . n 
A 1 61  LYS 61  61  61  LYS LYS A . n 
A 1 62  GLU 62  62  62  GLU GLU A . n 
A 1 63  LEU 63  63  63  LEU LEU A . n 
A 1 64  CYS 64  64  64  CYS CYS A . n 
A 1 65  TYR 65  65  65  TYR TYR A . n 
A 1 66  THR 66  66  66  THR THR A . n 
A 1 67  LEU 67  67  67  LEU LEU A . n 
A 1 68  LEU 68  68  68  LEU LEU A . n 
A 1 69  GLU 69  69  69  GLU GLU A . n 
A 1 70  ASP 70  70  70  ASP ASP A . n 
A 1 71  THR 71  71  71  THR THR A . n 
A 1 72  TYR 72  72  72  TYR TYR A . n 
A 1 73  ASN 73  73  73  ASN ASN A . n 
A 1 74  TRP 74  74  74  TRP TRP A . n 
A 1 75  TYR 75  75  75  TYR TYR A . n 
A 1 76  ARG 76  76  76  ARG ARG A . n 
A 1 77  GLU 77  77  77  GLU GLU A . n 
A 1 78  LYS 78  78  78  LYS LYS A . n 
A 1 79  PRO 79  79  ?   ?   ?   A . n 
A 1 80  LEU 80  80  ?   ?   ?   A . n 
A 1 81  ASP 81  81  ?   ?   ?   A . n 
A 1 82  ILE 82  82  ?   ?   ?   A . n 
A 1 83  LEU 83  83  ?   ?   ?   A . n 
A 1 84  LYS 84  84  ?   ?   ?   A . n 
A 1 85  LEU 85  85  ?   ?   ?   A . n 
A 1 86  GLU 86  86  ?   ?   ?   A . n 
A 1 87  LYS 87  87  ?   ?   ?   A . n 
A 1 88  LYS 88  88  ?   ?   ?   A . n 
A 1 89  LYS 89  89  ?   ?   ?   A . n 
A 1 90  GLY 90  90  ?   ?   ?   A . n 
A 1 91  GLY 91  91  ?   ?   ?   A . n 
A 1 92  PRO 92  92  92  PRO PRO A . n 
A 1 93  ILE 93  93  93  ILE ILE A . n 
A 1 94  ASP 94  94  94  ASP ASP A . n 
A 1 95  VAL 95  95  95  VAL VAL A . n 
A 1 96  TYR 96  96  96  TYR TYR A . n 
A 1 97  LYS 97  97  97  LYS LYS A . n 
A 1 98  GLU 98  98  98  GLU GLU A . n 
A 1 99  PHE 99  99  99  PHE PHE A . n 
A 1 100 ILE 100 100 100 ILE ILE A . n 
A 1 101 GLU 101 101 101 GLU GLU A . n 
A 1 102 ASN 102 102 102 ASN ASN A . n 
A 1 103 SER 103 103 103 SER SER A . n 
A 1 104 GLU 104 104 104 GLU GLU A . n 
A 1 105 LEU 105 105 105 LEU LEU A . n 
A 1 106 LYS 106 106 106 LYS LYS A . n 
A 1 107 ARG 107 107 107 ARG ARG A . n 
A 1 108 VAL 108 108 108 VAL VAL A . n 
A 1 109 GLY 109 109 109 GLY GLY A . n 
A 1 110 MET 110 110 110 MET MET A . n 
A 1 111 GLU 111 111 111 GLU GLU A . n 
A 1 112 PHE 112 112 112 PHE PHE A . n 
A 1 113 GLU 113 113 113 GLU GLU A . n 
A 1 114 THR 114 114 114 THR THR A . n 
A 1 115 GLY 115 115 115 GLY GLY A . n 
A 1 116 ASN 116 116 116 ASN ASN A . n 
A 1 117 ILE 117 117 117 ILE ILE A . n 
A 1 118 SER 118 118 118 SER SER A . n 
A 1 119 SER 119 119 119 SER SER A . n 
A 1 120 ALA 120 120 120 ALA ALA A . n 
A 1 121 HIS 121 121 121 HIS HIS A . n 
A 1 122 ARG 122 122 122 ARG ARG A . n 
A 1 123 SER 123 123 123 SER SER A . n 
A 1 124 MET 124 124 124 MET MET A . n 
A 1 125 ASN 125 125 125 ASN ASN A . n 
A 1 126 LYS 126 126 126 LYS LYS A . n 
A 1 127 LEU 127 127 127 LEU LEU A . n 
A 1 128 LEU 128 128 128 LEU LEU A . n 
A 1 129 LEU 129 129 129 LEU LEU A . n 
A 1 130 GLY 130 130 130 GLY GLY A . n 
A 1 131 LEU 131 131 131 LEU LEU A . n 
A 1 132 LYS 132 132 132 LYS LYS A . n 
A 1 133 HIS 133 133 133 HIS HIS A . n 
A 1 134 GLY 134 134 134 GLY GLY A . n 
A 1 135 GLU 135 135 135 GLU GLU A . n 
A 1 136 ILE 136 136 136 ILE ILE A . n 
A 1 137 ASP 137 137 137 ASP ASP A . n 
A 1 138 LEU 138 138 138 LEU LEU A . n 
A 1 139 ALA 139 139 139 ALA ALA A . n 
A 1 140 ILE 140 140 140 ILE ILE A . n 
A 1 141 ILE 141 141 141 ILE ILE A . n 
A 1 142 LEU 142 142 142 LEU LEU A . n 
A 1 143 MET 143 143 143 MET MET A . n 
A 1 144 PRO 144 144 144 PRO PRO A . n 
A 1 145 ILE 145 145 145 ILE ILE A . n 
A 1 146 LYS 146 146 146 LYS LYS A . n 
A 1 147 GLN 147 147 147 GLN GLN A . n 
A 1 148 LEU 148 148 148 LEU LEU A . n 
A 1 149 ALA 149 149 149 ALA ALA A . n 
A 1 150 TYR 150 150 150 TYR TYR A . n 
A 1 151 TYR 151 151 151 TYR TYR A . n 
A 1 152 LEU 152 152 152 LEU LEU A . n 
A 1 153 THR 153 153 153 THR THR A . n 
A 1 154 ASP 154 154 154 ASP ASP A . n 
A 1 155 ARG 155 155 155 ARG ARG A . n 
A 1 156 VAL 156 156 156 VAL VAL A . n 
A 1 157 THR 157 157 157 THR THR A . n 
A 1 158 ASN 158 158 158 ASN ASN A . n 
A 1 159 PHE 159 159 159 PHE PHE A . n 
A 1 160 GLU 160 160 160 GLU GLU A . n 
A 1 161 GLU 161 161 161 GLU GLU A . n 
A 1 162 LEU 162 162 162 LEU LEU A . n 
A 1 163 GLU 163 163 163 GLU GLU A . n 
A 1 164 PRO 164 164 164 PRO PRO A . n 
A 1 165 TYR 165 165 165 TYR TYR A . n 
A 1 166 PHE 166 166 166 PHE PHE A . n 
A 1 167 GLU 167 167 167 GLU GLU A . n 
A 1 168 LEU 168 168 168 LEU LEU A . n 
A 1 169 THR 169 169 169 THR THR A . n 
A 1 170 GLU 170 170 170 GLU GLU A . n 
A 1 171 GLY 171 171 171 GLY GLY A . n 
A 1 172 GLN 172 172 172 GLN GLN A . n 
A 1 173 PRO 173 173 173 PRO PRO A . n 
A 1 174 PHE 174 174 174 PHE PHE A . n 
A 1 175 ILE 175 175 175 ILE ILE A . n 
A 1 176 PHE 176 176 176 PHE PHE A . n 
A 1 177 ILE 177 177 177 ILE ILE A . n 
A 1 178 GLY 178 178 178 GLY GLY A . n 
A 1 179 PHE 179 179 179 PHE PHE A . n 
A 1 180 ASN 180 180 180 ASN ASN A . n 
A 1 181 ALA 181 181 181 ALA ALA A . n 
A 1 182 GLU 182 182 182 GLU GLU A . n 
A 1 183 ALA 183 183 183 ALA ALA A . n 
A 1 184 TYR 184 184 184 TYR TYR A . n 
A 1 185 ASN 185 185 185 ASN ASN A . n 
A 1 186 SER 186 186 186 SER SER A . n 
A 1 187 ASN 187 187 187 ASN ASN A . n 
A 1 188 VAL 188 188 188 VAL VAL A . n 
A 1 189 PRO 189 189 189 PRO PRO A . n 
A 1 190 LEU 190 190 190 LEU LEU A . n 
A 1 191 ILE 191 191 191 ILE ILE A . n 
A 1 192 PRO 192 192 192 PRO PRO A . n 
A 1 193 LYS 193 193 193 LYS LYS A . n 
A 1 194 GLY 194 194 194 GLY GLY A . n 
A 1 195 SER 195 195 195 SER SER A . n 
A 1 196 ASP 196 196 196 ASP ASP A . n 
A 1 197 GLY 197 197 197 GLY GLY A . n 
A 1 198 MET 198 198 198 MET MET A . n 
A 1 199 SER 199 199 199 SER SER A . n 
A 1 200 LYS 200 200 200 LYS LYS A . n 
A 1 201 ARG 201 201 201 ARG ARG A . n 
A 1 202 SER 202 202 202 SER SER A . n 
A 1 203 ILE 203 203 203 ILE ILE A . n 
A 1 204 LYS 204 204 204 LYS LYS A . n 
A 1 205 LYS 205 205 205 LYS LYS A . n 
A 1 206 TRP 206 206 206 TRP TRP A . n 
A 1 207 LYS 207 207 207 LYS LYS A . n 
A 1 208 ASP 208 208 208 ASP ASP A . n 
A 1 209 LYS 209 209 209 LYS LYS A . n 
A 1 210 VAL 210 210 210 VAL VAL A . n 
A 1 211 GLU 211 211 211 GLU GLU A . n 
A 1 212 ASN 212 212 212 ASN ASN A . n 
A 1 213 LYS 213 213 213 LYS LYS A . n 
# 
loop_
_pdbx_nonpoly_scheme.asym_id 
_pdbx_nonpoly_scheme.entity_id 
_pdbx_nonpoly_scheme.mon_id 
_pdbx_nonpoly_scheme.ndb_seq_num 
_pdbx_nonpoly_scheme.pdb_seq_num 
_pdbx_nonpoly_scheme.auth_seq_num 
_pdbx_nonpoly_scheme.pdb_mon_id 
_pdbx_nonpoly_scheme.auth_mon_id 
_pdbx_nonpoly_scheme.pdb_strand_id 
_pdbx_nonpoly_scheme.pdb_ins_code 
B 2 HOH 1   301 301 HOH HOH A . 
B 2 HOH 2   302 302 HOH HOH A . 
B 2 HOH 3   303 303 HOH HOH A . 
B 2 HOH 4   304 304 HOH HOH A . 
B 2 HOH 5   305 305 HOH HOH A . 
B 2 HOH 6   306 306 HOH HOH A . 
B 2 HOH 7   307 307 HOH HOH A . 
B 2 HOH 8   308 308 HOH HOH A . 
B 2 HOH 9   309 309 HOH HOH A . 
B 2 HOH 10  310 310 HOH HOH A . 
B 2 HOH 11  311 311 HOH HOH A . 
B 2 HOH 12  312 312 HOH HOH A . 
B 2 HOH 13  313 313 HOH HOH A . 
B 2 HOH 14  314 314 HOH HOH A . 
B 2 HOH 15  315 315 HOH HOH A . 
B 2 HOH 16  316 316 HOH HOH A . 
B 2 HOH 17  317 317 HOH HOH A . 
B 2 HOH 18  318 318 HOH HOH A . 
B 2 HOH 19  319 319 HOH HOH A . 
B 2 HOH 20  320 320 HOH HOH A . 
B 2 HOH 21  321 321 HOH HOH A . 
B 2 HOH 22  322 322 HOH HOH A . 
B 2 HOH 23  323 323 HOH HOH A . 
B 2 HOH 24  324 324 HOH HOH A . 
B 2 HOH 25  325 325 HOH HOH A . 
B 2 HOH 26  326 326 HOH HOH A . 
B 2 HOH 27  327 327 HOH HOH A . 
B 2 HOH 28  328 328 HOH HOH A . 
B 2 HOH 29  329 329 HOH HOH A . 
B 2 HOH 30  330 330 HOH HOH A . 
B 2 HOH 31  331 331 HOH HOH A . 
B 2 HOH 32  332 332 HOH HOH A . 
B 2 HOH 33  333 333 HOH HOH A . 
B 2 HOH 34  334 334 HOH HOH A . 
B 2 HOH 35  335 335 HOH HOH A . 
B 2 HOH 36  336 336 HOH HOH A . 
B 2 HOH 37  337 337 HOH HOH A . 
B 2 HOH 38  338 338 HOH HOH A . 
B 2 HOH 39  339 339 HOH HOH A . 
B 2 HOH 40  340 340 HOH HOH A . 
B 2 HOH 41  341 341 HOH HOH A . 
B 2 HOH 42  342 342 HOH HOH A . 
B 2 HOH 43  343 343 HOH HOH A . 
B 2 HOH 44  344 344 HOH HOH A . 
B 2 HOH 45  345 345 HOH HOH A . 
B 2 HOH 46  346 346 HOH HOH A . 
B 2 HOH 47  347 347 HOH HOH A . 
B 2 HOH 48  348 348 HOH HOH A . 
B 2 HOH 49  349 349 HOH HOH A . 
B 2 HOH 50  350 350 HOH HOH A . 
B 2 HOH 51  351 351 HOH HOH A . 
B 2 HOH 52  352 352 HOH HOH A . 
B 2 HOH 53  353 353 HOH HOH A . 
B 2 HOH 54  354 354 HOH HOH A . 
B 2 HOH 55  355 355 HOH HOH A . 
B 2 HOH 56  356 356 HOH HOH A . 
B 2 HOH 57  357 357 HOH HOH A . 
B 2 HOH 58  358 358 HOH HOH A . 
B 2 HOH 59  359 359 HOH HOH A . 
B 2 HOH 60  360 360 HOH HOH A . 
B 2 HOH 61  361 361 HOH HOH A . 
B 2 HOH 62  362 362 HOH HOH A . 
B 2 HOH 63  363 363 HOH HOH A . 
B 2 HOH 64  364 364 HOH HOH A . 
B 2 HOH 65  365 365 HOH HOH A . 
B 2 HOH 66  366 366 HOH HOH A . 
B 2 HOH 67  367 367 HOH HOH A . 
B 2 HOH 68  368 368 HOH HOH A . 
B 2 HOH 69  369 369 HOH HOH A . 
B 2 HOH 70  370 370 HOH HOH A . 
B 2 HOH 71  371 371 HOH HOH A . 
B 2 HOH 72  372 372 HOH HOH A . 
B 2 HOH 73  373 373 HOH HOH A . 
B 2 HOH 74  374 374 HOH HOH A . 
B 2 HOH 75  375 375 HOH HOH A . 
B 2 HOH 76  376 376 HOH HOH A . 
B 2 HOH 77  377 377 HOH HOH A . 
B 2 HOH 78  378 378 HOH HOH A . 
B 2 HOH 79  379 379 HOH HOH A . 
B 2 HOH 80  380 380 HOH HOH A . 
B 2 HOH 81  381 381 HOH HOH A . 
B 2 HOH 82  382 382 HOH HOH A . 
B 2 HOH 83  383 383 HOH HOH A . 
B 2 HOH 84  384 384 HOH HOH A . 
B 2 HOH 85  385 385 HOH HOH A . 
B 2 HOH 86  386 386 HOH HOH A . 
B 2 HOH 87  387 387 HOH HOH A . 
B 2 HOH 88  388 388 HOH HOH A . 
B 2 HOH 89  389 389 HOH HOH A . 
B 2 HOH 90  390 390 HOH HOH A . 
B 2 HOH 91  391 391 HOH HOH A . 
B 2 HOH 92  392 392 HOH HOH A . 
B 2 HOH 93  393 393 HOH HOH A . 
B 2 HOH 94  394 394 HOH HOH A . 
B 2 HOH 95  395 395 HOH HOH A . 
B 2 HOH 96  396 396 HOH HOH A . 
B 2 HOH 97  397 397 HOH HOH A . 
B 2 HOH 98  398 398 HOH HOH A . 
B 2 HOH 99  399 399 HOH HOH A . 
B 2 HOH 100 400 400 HOH HOH A . 
B 2 HOH 101 401 401 HOH HOH A . 
B 2 HOH 102 402 402 HOH HOH A . 
B 2 HOH 103 403 403 HOH HOH A . 
B 2 HOH 104 404 404 HOH HOH A . 
B 2 HOH 105 405 405 HOH HOH A . 
B 2 HOH 106 406 406 HOH HOH A . 
B 2 HOH 107 407 407 HOH HOH A . 
B 2 HOH 108 408 408 HOH HOH A . 
B 2 HOH 109 409 409 HOH HOH A . 
B 2 HOH 110 410 410 HOH HOH A . 
B 2 HOH 111 411 411 HOH HOH A . 
B 2 HOH 112 412 412 HOH HOH A . 
B 2 HOH 113 413 413 HOH HOH A . 
B 2 HOH 114 414 414 HOH HOH A . 
B 2 HOH 115 415 415 HOH HOH A . 
B 2 HOH 116 416 416 HOH HOH A . 
# 
loop_
_pdbx_unobs_or_zero_occ_atoms.id 
_pdbx_unobs_or_zero_occ_atoms.PDB_model_num 
_pdbx_unobs_or_zero_occ_atoms.polymer_flag 
_pdbx_unobs_or_zero_occ_atoms.occupancy_flag 
_pdbx_unobs_or_zero_occ_atoms.auth_asym_id 
_pdbx_unobs_or_zero_occ_atoms.auth_comp_id 
_pdbx_unobs_or_zero_occ_atoms.auth_seq_id 
_pdbx_unobs_or_zero_occ_atoms.PDB_ins_code 
_pdbx_unobs_or_zero_occ_atoms.auth_atom_id 
_pdbx_unobs_or_zero_occ_atoms.label_alt_id 
_pdbx_unobs_or_zero_occ_atoms.label_asym_id 
_pdbx_unobs_or_zero_occ_atoms.label_comp_id 
_pdbx_unobs_or_zero_occ_atoms.label_seq_id 
_pdbx_unobs_or_zero_occ_atoms.label_atom_id 
1  1 Y 1 A LYS 52 ? CG ? A LYS 52 CG 
2  1 Y 1 A LYS 52 ? CD ? A LYS 52 CD 
3  1 Y 1 A LYS 52 ? CE ? A LYS 52 CE 
4  1 Y 1 A LYS 52 ? NZ ? A LYS 52 NZ 
5  1 Y 1 A LYS 78 ? CG ? A LYS 78 CG 
6  1 Y 1 A LYS 78 ? CD ? A LYS 78 CD 
7  1 Y 1 A LYS 78 ? CE ? A LYS 78 CE 
8  1 Y 1 A LYS 78 ? NZ ? A LYS 78 NZ 
9  1 Y 1 A PRO 92 ? CG ? A PRO 92 CG 
10 1 Y 1 A PRO 92 ? CD ? A PRO 92 CD 
# 
loop_
_software.name 
_software.classification 
_software.version 
_software.citation_id 
_software.pdbx_ordinal 
X-PLOR 'model building' . ? 1 
X-PLOR refinement       . ? 2 
X-PLOR phasing          . ? 3 
# 
_cell.entry_id           1BAM 
_cell.length_a           76.400 
_cell.length_b           46.000 
_cell.length_c           69.400 
_cell.angle_alpha        90.00 
_cell.angle_beta         110.50 
_cell.angle_gamma        90.00 
_cell.Z_PDB              4 
_cell.pdbx_unique_axis   ? 
# 
_symmetry.entry_id                         1BAM 
_symmetry.space_group_name_H-M             'C 1 2 1' 
_symmetry.pdbx_full_space_group_name_H-M   ? 
_symmetry.cell_setting                     ? 
_symmetry.Int_Tables_number                5 
# 
_exptl.entry_id          1BAM 
_exptl.method            'X-RAY DIFFRACTION' 
_exptl.crystals_number   ? 
# 
_exptl_crystal.id                    1 
_exptl_crystal.density_meas          ? 
_exptl_crystal.density_Matthews      2.32 
_exptl_crystal.density_percent_sol   46.99 
_exptl_crystal.description           ? 
# 
_diffrn.id                     1 
_diffrn.ambient_temp           ? 
_diffrn.ambient_temp_details   ? 
_diffrn.crystal_id             1 
# 
_diffrn_radiation.diffrn_id                        1 
_diffrn_radiation.wavelength_id                    1 
_diffrn_radiation.pdbx_monochromatic_or_laue_m_l   ? 
_diffrn_radiation.monochromator                    ? 
_diffrn_radiation.pdbx_diffrn_protocol             ? 
_diffrn_radiation.pdbx_scattering_type             x-ray 
# 
_diffrn_radiation_wavelength.id           1 
_diffrn_radiation_wavelength.wavelength   . 
_diffrn_radiation_wavelength.wt           1.0 
# 
_reflns.entry_id                     1BAM 
_reflns.observed_criterion_sigma_I   ? 
_reflns.observed_criterion_sigma_F   ? 
_reflns.d_resolution_low             ? 
_reflns.d_resolution_high            ? 
_reflns.number_obs                   14335 
_reflns.number_all                   ? 
_reflns.percent_possible_obs         86.1 
_reflns.pdbx_Rmerge_I_obs            ? 
_reflns.pdbx_Rsym_value              ? 
_reflns.pdbx_netI_over_sigmaI        ? 
_reflns.B_iso_Wilson_estimate        ? 
_reflns.pdbx_redundancy              ? 
_reflns.pdbx_diffrn_id               1 
_reflns.pdbx_ordinal                 1 
# 
_refine.entry_id                                 1BAM 
_refine.ls_number_reflns_obs                     ? 
_refine.ls_number_reflns_all                     ? 
_refine.pdbx_ls_sigma_I                          ? 
_refine.pdbx_ls_sigma_F                          ? 
_refine.pdbx_data_cutoff_high_absF               ? 
_refine.pdbx_data_cutoff_low_absF                ? 
_refine.pdbx_data_cutoff_high_rms_absF           ? 
_refine.ls_d_res_low                             ? 
_refine.ls_d_res_high                            1.95 
_refine.ls_percent_reflns_obs                    ? 
_refine.ls_R_factor_obs                          0.1900000 
_refine.ls_R_factor_all                          ? 
_refine.ls_R_factor_R_work                       0.1900000 
_refine.ls_R_factor_R_free                       ? 
_refine.ls_R_factor_R_free_error                 ? 
_refine.ls_R_factor_R_free_error_details         ? 
_refine.ls_percent_reflns_R_free                 ? 
_refine.ls_number_reflns_R_free                  ? 
_refine.ls_number_parameters                     ? 
_refine.ls_number_restraints                     ? 
_refine.occupancy_min                            ? 
_refine.occupancy_max                            ? 
_refine.B_iso_mean                               ? 
_refine.aniso_B[1][1]                            ? 
_refine.aniso_B[2][2]                            ? 
_refine.aniso_B[3][3]                            ? 
_refine.aniso_B[1][2]                            ? 
_refine.aniso_B[1][3]                            ? 
_refine.aniso_B[2][3]                            ? 
_refine.solvent_model_details                    ? 
_refine.solvent_model_param_ksol                 ? 
_refine.solvent_model_param_bsol                 ? 
_refine.pdbx_ls_cross_valid_method               ? 
_refine.details                                  ? 
_refine.pdbx_starting_model                      ? 
_refine.pdbx_method_to_determine_struct          ? 
_refine.pdbx_isotropic_thermal_model             ? 
_refine.pdbx_stereochemistry_target_values       ? 
_refine.pdbx_stereochem_target_val_spec_case     ? 
_refine.pdbx_R_Free_selection_details            ? 
_refine.pdbx_overall_ESU_R                       ? 
_refine.pdbx_overall_ESU_R_Free                  ? 
_refine.overall_SU_ML                            ? 
_refine.overall_SU_B                             ? 
_refine.pdbx_refine_id                           'X-RAY DIFFRACTION' 
_refine.pdbx_diffrn_id                           1 
_refine.pdbx_TLS_residual_ADP_flag               ? 
_refine.correlation_coeff_Fo_to_Fc               ? 
_refine.correlation_coeff_Fo_to_Fc_free          ? 
_refine.pdbx_solvent_vdw_probe_radii             ? 
_refine.pdbx_solvent_ion_probe_radii             ? 
_refine.pdbx_solvent_shrinkage_radii             ? 
_refine.pdbx_overall_phase_error                 ? 
_refine.overall_SU_R_Cruickshank_DPI             ? 
_refine.pdbx_overall_SU_R_free_Cruickshank_DPI   ? 
_refine.pdbx_overall_SU_R_Blow_DPI               ? 
_refine.pdbx_overall_SU_R_free_Blow_DPI          ? 
# 
_refine_hist.pdbx_refine_id                   'X-RAY DIFFRACTION' 
_refine_hist.cycle_id                         LAST 
_refine_hist.pdbx_number_atoms_protein        1619 
_refine_hist.pdbx_number_atoms_nucleic_acid   0 
_refine_hist.pdbx_number_atoms_ligand         0 
_refine_hist.number_atoms_solvent             116 
_refine_hist.number_atoms_total               1735 
_refine_hist.d_res_high                       1.95 
_refine_hist.d_res_low                        . 
# 
loop_
_refine_ls_restr.type 
_refine_ls_restr.dev_ideal 
_refine_ls_restr.dev_ideal_target 
_refine_ls_restr.weight 
_refine_ls_restr.number 
_refine_ls_restr.pdbx_refine_id 
_refine_ls_restr.pdbx_restraint_function 
x_bond_d                0.011 ? ? ? 'X-RAY DIFFRACTION' ? 
x_bond_d_na             ?     ? ? ? 'X-RAY DIFFRACTION' ? 
x_bond_d_prot           ?     ? ? ? 'X-RAY DIFFRACTION' ? 
x_angle_d               ?     ? ? ? 'X-RAY DIFFRACTION' ? 
x_angle_d_na            ?     ? ? ? 'X-RAY DIFFRACTION' ? 
x_angle_d_prot          ?     ? ? ? 'X-RAY DIFFRACTION' ? 
x_angle_deg             1.6   ? ? ? 'X-RAY DIFFRACTION' ? 
x_angle_deg_na          ?     ? ? ? 'X-RAY DIFFRACTION' ? 
x_angle_deg_prot        ?     ? ? ? 'X-RAY DIFFRACTION' ? 
x_dihedral_angle_d      ?     ? ? ? 'X-RAY DIFFRACTION' ? 
x_dihedral_angle_d_na   ?     ? ? ? 'X-RAY DIFFRACTION' ? 
x_dihedral_angle_d_prot ?     ? ? ? 'X-RAY DIFFRACTION' ? 
x_improper_angle_d      ?     ? ? ? 'X-RAY DIFFRACTION' ? 
x_improper_angle_d_na   ?     ? ? ? 'X-RAY DIFFRACTION' ? 
x_improper_angle_d_prot ?     ? ? ? 'X-RAY DIFFRACTION' ? 
x_mcbond_it             ?     ? ? ? 'X-RAY DIFFRACTION' ? 
x_mcangle_it            ?     ? ? ? 'X-RAY DIFFRACTION' ? 
x_scbond_it             ?     ? ? ? 'X-RAY DIFFRACTION' ? 
x_scangle_it            ?     ? ? ? 'X-RAY DIFFRACTION' ? 
# 
_struct.entry_id                  1BAM 
_struct.title                     'STRUCTURE OF RESTRICTION ENDONUCLEASE BAMHI PHASED AT 1.95 ANGSTROMS RESOLUTION BY MAD ANALYSIS' 
_struct.pdbx_model_details        ? 
_struct.pdbx_CASP_flag            ? 
_struct.pdbx_model_type_details   ? 
# 
_struct_keywords.entry_id        1BAM 
_struct_keywords.pdbx_keywords   ENDONUCLEASE 
_struct_keywords.text            ENDONUCLEASE 
# 
loop_
_struct_asym.id 
_struct_asym.pdbx_blank_PDB_chainid_flag 
_struct_asym.pdbx_modified 
_struct_asym.entity_id 
_struct_asym.details 
A N N 1 ? 
B N N 2 ? 
# 
_struct_ref.id                         1 
_struct_ref.db_name                    UNP 
_struct_ref.db_code                    T2BA_BACAM 
_struct_ref.entity_id                  1 
_struct_ref.pdbx_db_accession          P23940 
_struct_ref.pdbx_align_begin           1 
_struct_ref.pdbx_seq_one_letter_code   
;MEVEKEFITDEAKELLSKDKLIQQAYNEVKTSICSPIWPATSKTFTINNTEKNCNGVVPIKELCYTLLEDTYNWYREKPL
DILKLEKKKGGPIDVYKEFIENSELKRVGMEFETGNISSAHRSMNKLLLGLKHGEIDLAIILMPIKQLAYYLTDRVTNFE
ELEPYFELTEGQPFIFIGFNAEAYNSNVPLIPKGSDGMSKRSIKKWKDKVENK
;
_struct_ref.pdbx_db_isoform            ? 
# 
_struct_ref_seq.align_id                      1 
_struct_ref_seq.ref_id                        1 
_struct_ref_seq.pdbx_PDB_id_code              1BAM 
_struct_ref_seq.pdbx_strand_id                A 
_struct_ref_seq.seq_align_beg                 1 
_struct_ref_seq.pdbx_seq_align_beg_ins_code   ? 
_struct_ref_seq.seq_align_end                 213 
_struct_ref_seq.pdbx_seq_align_end_ins_code   ? 
_struct_ref_seq.pdbx_db_accession             P23940 
_struct_ref_seq.db_align_beg                  1 
_struct_ref_seq.pdbx_db_align_beg_ins_code    ? 
_struct_ref_seq.db_align_end                  213 
_struct_ref_seq.pdbx_db_align_end_ins_code    ? 
_struct_ref_seq.pdbx_auth_seq_align_beg       1 
_struct_ref_seq.pdbx_auth_seq_align_end       213 
# 
_pdbx_struct_assembly.id                   1 
_pdbx_struct_assembly.details              author_defined_assembly 
_pdbx_struct_assembly.method_details       ? 
_pdbx_struct_assembly.oligomeric_details   dimeric 
_pdbx_struct_assembly.oligomeric_count     2 
# 
_pdbx_struct_assembly_gen.assembly_id       1 
_pdbx_struct_assembly_gen.oper_expression   1,2 
_pdbx_struct_assembly_gen.asym_id_list      A,B 
# 
loop_
_pdbx_struct_oper_list.id 
_pdbx_struct_oper_list.type 
_pdbx_struct_oper_list.name 
_pdbx_struct_oper_list.symmetry_operation 
_pdbx_struct_oper_list.matrix[1][1] 
_pdbx_struct_oper_list.matrix[1][2] 
_pdbx_struct_oper_list.matrix[1][3] 
_pdbx_struct_oper_list.vector[1] 
_pdbx_struct_oper_list.matrix[2][1] 
_pdbx_struct_oper_list.matrix[2][2] 
_pdbx_struct_oper_list.matrix[2][3] 
_pdbx_struct_oper_list.vector[2] 
_pdbx_struct_oper_list.matrix[3][1] 
_pdbx_struct_oper_list.matrix[3][2] 
_pdbx_struct_oper_list.matrix[3][3] 
_pdbx_struct_oper_list.vector[3] 
1 'identity operation'         1_555 x,y,z   1.0000000000 0.0000000000  0.0000000000 0.0000000000 0.0000000000  1.0000000000  0.0000000000  0.0000000000  0.0000000000 0.0000000000  1.0000000000  0.0000000000 
2 'crystal symmetry operation' 2_555 -x,y,-z 0.1580996492 -0.4342074890 0.8868305122 5.7041590692 -0.4342074890 -0.8372021409 -0.3325002733 34.5930656732 0.8868305122 -0.3325002733 -0.3208975083 9.4883784994 
# 
_struct_biol.id   1 
# 
loop_
_struct_conf.conf_type_id 
_struct_conf.id 
_struct_conf.pdbx_PDB_helix_id 
_struct_conf.beg_label_comp_id 
_struct_conf.beg_label_asym_id 
_struct_conf.beg_label_seq_id 
_struct_conf.pdbx_beg_PDB_ins_code 
_struct_conf.end_label_comp_id 
_struct_conf.end_label_asym_id 
_struct_conf.end_label_seq_id 
_struct_conf.pdbx_end_PDB_ins_code 
_struct_conf.beg_auth_comp_id 
_struct_conf.beg_auth_asym_id 
_struct_conf.beg_auth_seq_id 
_struct_conf.end_auth_comp_id 
_struct_conf.end_auth_asym_id 
_struct_conf.end_auth_seq_id 
_struct_conf.pdbx_PDB_helix_class 
_struct_conf.details 
_struct_conf.pdbx_PDB_helix_length 
HELX_P HELX_P1 A1 ASP A 10  ? LEU A 16  ? ASP A 10  LEU A 16  1 ?               7  
HELX_P HELX_P2 A2 LYS A 20  ? CYS A 34  ? LYS A 20  CYS A 34  1 ?               15 
HELX_P HELX_P3 A3 VAL A 58  ? ASP A 70  ? VAL A 58  ASP A 70  1 ?               13 
HELX_P HELX_P4 A4 ILE A 117 ? LYS A 132 ? ILE A 117 LYS A 132 1 ?               16 
HELX_P HELX_P5 A5 LYS A 146 ? ALA A 149 ? LYS A 146 ALA A 149 1 ?               4  
HELX_P HELX_P6 A6 PHE A 159 ? THR A 169 ? PHE A 159 THR A 169 1 'SEE REMARK 6.' 11 
HELX_P HELX_P7 A7 LYS A 200 ? GLU A 211 ? LYS A 200 GLU A 211 1 ?               12 
# 
_struct_conf_type.id          HELX_P 
_struct_conf_type.criteria    ? 
_struct_conf_type.reference   ? 
# 
_struct_mon_prot_cis.pdbx_id                1 
_struct_mon_prot_cis.label_comp_id          TRP 
_struct_mon_prot_cis.label_seq_id           38 
_struct_mon_prot_cis.label_asym_id          A 
_struct_mon_prot_cis.label_alt_id           . 
_struct_mon_prot_cis.pdbx_PDB_ins_code      ? 
_struct_mon_prot_cis.auth_comp_id           TRP 
_struct_mon_prot_cis.auth_seq_id            38 
_struct_mon_prot_cis.auth_asym_id           A 
_struct_mon_prot_cis.pdbx_label_comp_id_2   PRO 
_struct_mon_prot_cis.pdbx_label_seq_id_2    39 
_struct_mon_prot_cis.pdbx_label_asym_id_2   A 
_struct_mon_prot_cis.pdbx_PDB_ins_code_2    ? 
_struct_mon_prot_cis.pdbx_auth_comp_id_2    PRO 
_struct_mon_prot_cis.pdbx_auth_seq_id_2     39 
_struct_mon_prot_cis.pdbx_auth_asym_id_2    A 
_struct_mon_prot_cis.pdbx_PDB_model_num     1 
_struct_mon_prot_cis.pdbx_omega_angle       -0.65 
# 
loop_
_struct_sheet.id 
_struct_sheet.type 
_struct_sheet.number_strands 
_struct_sheet.details 
SA ? 6 ? 
SB ? 2 ? 
# 
loop_
_struct_sheet_order.sheet_id 
_struct_sheet_order.range_id_1 
_struct_sheet_order.range_id_2 
_struct_sheet_order.offset 
_struct_sheet_order.sense 
SA 1 2 ? anti-parallel 
SA 2 3 ? anti-parallel 
SA 3 4 ? parallel      
SA 4 5 ? parallel      
SA 5 6 ? anti-parallel 
SB 1 2 ? parallel      
# 
loop_
_struct_sheet_range.sheet_id 
_struct_sheet_range.id 
_struct_sheet_range.beg_label_comp_id 
_struct_sheet_range.beg_label_asym_id 
_struct_sheet_range.beg_label_seq_id 
_struct_sheet_range.pdbx_beg_PDB_ins_code 
_struct_sheet_range.end_label_comp_id 
_struct_sheet_range.end_label_asym_id 
_struct_sheet_range.end_label_seq_id 
_struct_sheet_range.pdbx_end_PDB_ins_code 
_struct_sheet_range.beg_auth_comp_id 
_struct_sheet_range.beg_auth_asym_id 
_struct_sheet_range.beg_auth_seq_id 
_struct_sheet_range.end_auth_comp_id 
_struct_sheet_range.end_auth_asym_id 
_struct_sheet_range.end_auth_seq_id 
SA 1 TYR A 75  ? ARG A 76  ? TYR A 75  ARG A 76  
SA 2 VAL A 95  ? GLU A 101 ? VAL A 95  GLU A 101 
SA 3 GLU A 104 ? PHE A 112 ? GLU A 104 PHE A 112 
SA 4 ASP A 137 ? PRO A 144 ? ASP A 137 PRO A 144 
SA 5 PHE A 174 ? ASN A 180 ? PHE A 174 ASN A 180 
SA 6 GLU A 2   ? ILE A 8   ? GLU A 2   ILE A 8   
SB 1 THR A 46  ? ASN A 48  ? THR A 46  ASN A 48  
SB 2 ALA A 183 ? ASN A 185 ? ALA A 183 ASN A 185 
# 
_struct_site.id                   CAT 
_struct_site.pdbx_evidence_code   Unknown 
_struct_site.pdbx_auth_asym_id    ? 
_struct_site.pdbx_auth_comp_id    ? 
_struct_site.pdbx_auth_seq_id     ? 
_struct_site.pdbx_auth_ins_code   ? 
_struct_site.pdbx_num_residues    3 
_struct_site.details              ? 
# 
loop_
_struct_site_gen.id 
_struct_site_gen.site_id 
_struct_site_gen.pdbx_num_res 
_struct_site_gen.label_comp_id 
_struct_site_gen.label_asym_id 
_struct_site_gen.label_seq_id 
_struct_site_gen.pdbx_auth_ins_code 
_struct_site_gen.auth_comp_id 
_struct_site_gen.auth_asym_id 
_struct_site_gen.auth_seq_id 
_struct_site_gen.label_atom_id 
_struct_site_gen.label_alt_id 
_struct_site_gen.symmetry 
_struct_site_gen.details 
1 CAT 3 ASP A 94  ? ASP A 94  . ? 1_555 ? 
2 CAT 3 GLU A 111 ? GLU A 111 . ? 1_555 ? 
3 CAT 3 GLU A 113 ? GLU A 113 . ? 1_555 ? 
# 
loop_
_pdbx_validate_torsion.id 
_pdbx_validate_torsion.PDB_model_num 
_pdbx_validate_torsion.auth_comp_id 
_pdbx_validate_torsion.auth_asym_id 
_pdbx_validate_torsion.auth_seq_id 
_pdbx_validate_torsion.PDB_ins_code 
_pdbx_validate_torsion.label_alt_id 
_pdbx_validate_torsion.phi 
_pdbx_validate_torsion.psi 
1 1 GLU A 77  ? ? 82.67  94.47  
2 1 VAL A 156 ? ? -35.59 128.26 
3 1 ASN A 212 ? ? 61.65  68.13  
# 
_pdbx_database_remark.id     650 
_pdbx_database_remark.text   
;HELIX
HELIX A6 IS A MIXTURE OF TYPE 1 AND TYPE 5.  PRO 164 IN THE
MIDDLE OF THE HELIX KINKS IT.  RESIDUES 159 - 162 FORM AN
ALPHA HELIX.  RESIDUE 163 - 165 AND 166 - 169 FORM A 3/10
HELIX.
;
# 
loop_
_pdbx_unobs_or_zero_occ_residues.id 
_pdbx_unobs_or_zero_occ_residues.PDB_model_num 
_pdbx_unobs_or_zero_occ_residues.polymer_flag 
_pdbx_unobs_or_zero_occ_residues.occupancy_flag 
_pdbx_unobs_or_zero_occ_residues.auth_asym_id 
_pdbx_unobs_or_zero_occ_residues.auth_comp_id 
_pdbx_unobs_or_zero_occ_residues.auth_seq_id 
_pdbx_unobs_or_zero_occ_residues.PDB_ins_code 
_pdbx_unobs_or_zero_occ_residues.label_asym_id 
_pdbx_unobs_or_zero_occ_residues.label_comp_id 
_pdbx_unobs_or_zero_occ_residues.label_seq_id 
1  1 Y 1 A PRO 79 ? A PRO 79 
2  1 Y 1 A LEU 80 ? A LEU 80 
3  1 Y 1 A ASP 81 ? A ASP 81 
4  1 Y 1 A ILE 82 ? A ILE 82 
5  1 Y 1 A LEU 83 ? A LEU 83 
6  1 Y 1 A LYS 84 ? A LYS 84 
7  1 Y 1 A LEU 85 ? A LEU 85 
8  1 Y 1 A GLU 86 ? A GLU 86 
9  1 Y 1 A LYS 87 ? A LYS 87 
10 1 Y 1 A LYS 88 ? A LYS 88 
11 1 Y 1 A LYS 89 ? A LYS 89 
12 1 Y 1 A GLY 90 ? A GLY 90 
13 1 Y 1 A GLY 91 ? A GLY 91 
# 
loop_
_chem_comp_atom.comp_id 
_chem_comp_atom.atom_id 
_chem_comp_atom.type_symbol 
_chem_comp_atom.pdbx_aromatic_flag 
_chem_comp_atom.pdbx_stereo_config 
_chem_comp_atom.pdbx_ordinal 
ALA N    N N N 1   
ALA CA   C N S 2   
ALA C    C N N 3   
ALA O    O N N 4   
ALA CB   C N N 5   
ALA OXT  O N N 6   
ALA H    H N N 7   
ALA H2   H N N 8   
ALA HA   H N N 9   
ALA HB1  H N N 10  
ALA HB2  H N N 11  
ALA HB3  H N N 12  
ALA HXT  H N N 13  
ARG N    N N N 14  
ARG CA   C N S 15  
ARG C    C N N 16  
ARG O    O N N 17  
ARG CB   C N N 18  
ARG CG   C N N 19  
ARG CD   C N N 20  
ARG NE   N N N 21  
ARG CZ   C N N 22  
ARG NH1  N N N 23  
ARG NH2  N N N 24  
ARG OXT  O N N 25  
ARG H    H N N 26  
ARG H2   H N N 27  
ARG HA   H N N 28  
ARG HB2  H N N 29  
ARG HB3  H N N 30  
ARG HG2  H N N 31  
ARG HG3  H N N 32  
ARG HD2  H N N 33  
ARG HD3  H N N 34  
ARG HE   H N N 35  
ARG HH11 H N N 36  
ARG HH12 H N N 37  
ARG HH21 H N N 38  
ARG HH22 H N N 39  
ARG HXT  H N N 40  
ASN N    N N N 41  
ASN CA   C N S 42  
ASN C    C N N 43  
ASN O    O N N 44  
ASN CB   C N N 45  
ASN CG   C N N 46  
ASN OD1  O N N 47  
ASN ND2  N N N 48  
ASN OXT  O N N 49  
ASN H    H N N 50  
ASN H2   H N N 51  
ASN HA   H N N 52  
ASN HB2  H N N 53  
ASN HB3  H N N 54  
ASN HD21 H N N 55  
ASN HD22 H N N 56  
ASN HXT  H N N 57  
ASP N    N N N 58  
ASP CA   C N S 59  
ASP C    C N N 60  
ASP O    O N N 61  
ASP CB   C N N 62  
ASP CG   C N N 63  
ASP OD1  O N N 64  
ASP OD2  O N N 65  
ASP OXT  O N N 66  
ASP H    H N N 67  
ASP H2   H N N 68  
ASP HA   H N N 69  
ASP HB2  H N N 70  
ASP HB3  H N N 71  
ASP HD2  H N N 72  
ASP HXT  H N N 73  
CYS N    N N N 74  
CYS CA   C N R 75  
CYS C    C N N 76  
CYS O    O N N 77  
CYS CB   C N N 78  
CYS SG   S N N 79  
CYS OXT  O N N 80  
CYS H    H N N 81  
CYS H2   H N N 82  
CYS HA   H N N 83  
CYS HB2  H N N 84  
CYS HB3  H N N 85  
CYS HG   H N N 86  
CYS HXT  H N N 87  
GLN N    N N N 88  
GLN CA   C N S 89  
GLN C    C N N 90  
GLN O    O N N 91  
GLN CB   C N N 92  
GLN CG   C N N 93  
GLN CD   C N N 94  
GLN OE1  O N N 95  
GLN NE2  N N N 96  
GLN OXT  O N N 97  
GLN H    H N N 98  
GLN H2   H N N 99  
GLN HA   H N N 100 
GLN HB2  H N N 101 
GLN HB3  H N N 102 
GLN HG2  H N N 103 
GLN HG3  H N N 104 
GLN HE21 H N N 105 
GLN HE22 H N N 106 
GLN HXT  H N N 107 
GLU N    N N N 108 
GLU CA   C N S 109 
GLU C    C N N 110 
GLU O    O N N 111 
GLU CB   C N N 112 
GLU CG   C N N 113 
GLU CD   C N N 114 
GLU OE1  O N N 115 
GLU OE2  O N N 116 
GLU OXT  O N N 117 
GLU H    H N N 118 
GLU H2   H N N 119 
GLU HA   H N N 120 
GLU HB2  H N N 121 
GLU HB3  H N N 122 
GLU HG2  H N N 123 
GLU HG3  H N N 124 
GLU HE2  H N N 125 
GLU HXT  H N N 126 
GLY N    N N N 127 
GLY CA   C N N 128 
GLY C    C N N 129 
GLY O    O N N 130 
GLY OXT  O N N 131 
GLY H    H N N 132 
GLY H2   H N N 133 
GLY HA2  H N N 134 
GLY HA3  H N N 135 
GLY HXT  H N N 136 
HIS N    N N N 137 
HIS CA   C N S 138 
HIS C    C N N 139 
HIS O    O N N 140 
HIS CB   C N N 141 
HIS CG   C Y N 142 
HIS ND1  N Y N 143 
HIS CD2  C Y N 144 
HIS CE1  C Y N 145 
HIS NE2  N Y N 146 
HIS OXT  O N N 147 
HIS H    H N N 148 
HIS H2   H N N 149 
HIS HA   H N N 150 
HIS HB2  H N N 151 
HIS HB3  H N N 152 
HIS HD1  H N N 153 
HIS HD2  H N N 154 
HIS HE1  H N N 155 
HIS HE2  H N N 156 
HIS HXT  H N N 157 
HOH O    O N N 158 
HOH H1   H N N 159 
HOH H2   H N N 160 
ILE N    N N N 161 
ILE CA   C N S 162 
ILE C    C N N 163 
ILE O    O N N 164 
ILE CB   C N S 165 
ILE CG1  C N N 166 
ILE CG2  C N N 167 
ILE CD1  C N N 168 
ILE OXT  O N N 169 
ILE H    H N N 170 
ILE H2   H N N 171 
ILE HA   H N N 172 
ILE HB   H N N 173 
ILE HG12 H N N 174 
ILE HG13 H N N 175 
ILE HG21 H N N 176 
ILE HG22 H N N 177 
ILE HG23 H N N 178 
ILE HD11 H N N 179 
ILE HD12 H N N 180 
ILE HD13 H N N 181 
ILE HXT  H N N 182 
LEU N    N N N 183 
LEU CA   C N S 184 
LEU C    C N N 185 
LEU O    O N N 186 
LEU CB   C N N 187 
LEU CG   C N N 188 
LEU CD1  C N N 189 
LEU CD2  C N N 190 
LEU OXT  O N N 191 
LEU H    H N N 192 
LEU H2   H N N 193 
LEU HA   H N N 194 
LEU HB2  H N N 195 
LEU HB3  H N N 196 
LEU HG   H N N 197 
LEU HD11 H N N 198 
LEU HD12 H N N 199 
LEU HD13 H N N 200 
LEU HD21 H N N 201 
LEU HD22 H N N 202 
LEU HD23 H N N 203 
LEU HXT  H N N 204 
LYS N    N N N 205 
LYS CA   C N S 206 
LYS C    C N N 207 
LYS O    O N N 208 
LYS CB   C N N 209 
LYS CG   C N N 210 
LYS CD   C N N 211 
LYS CE   C N N 212 
LYS NZ   N N N 213 
LYS OXT  O N N 214 
LYS H    H N N 215 
LYS H2   H N N 216 
LYS HA   H N N 217 
LYS HB2  H N N 218 
LYS HB3  H N N 219 
LYS HG2  H N N 220 
LYS HG3  H N N 221 
LYS HD2  H N N 222 
LYS HD3  H N N 223 
LYS HE2  H N N 224 
LYS HE3  H N N 225 
LYS HZ1  H N N 226 
LYS HZ2  H N N 227 
LYS HZ3  H N N 228 
LYS HXT  H N N 229 
MET N    N N N 230 
MET CA   C N S 231 
MET C    C N N 232 
MET O    O N N 233 
MET CB   C N N 234 
MET CG   C N N 235 
MET SD   S N N 236 
MET CE   C N N 237 
MET OXT  O N N 238 
MET H    H N N 239 
MET H2   H N N 240 
MET HA   H N N 241 
MET HB2  H N N 242 
MET HB3  H N N 243 
MET HG2  H N N 244 
MET HG3  H N N 245 
MET HE1  H N N 246 
MET HE2  H N N 247 
MET HE3  H N N 248 
MET HXT  H N N 249 
PHE N    N N N 250 
PHE CA   C N S 251 
PHE C    C N N 252 
PHE O    O N N 253 
PHE CB   C N N 254 
PHE CG   C Y N 255 
PHE CD1  C Y N 256 
PHE CD2  C Y N 257 
PHE CE1  C Y N 258 
PHE CE2  C Y N 259 
PHE CZ   C Y N 260 
PHE OXT  O N N 261 
PHE H    H N N 262 
PHE H2   H N N 263 
PHE HA   H N N 264 
PHE HB2  H N N 265 
PHE HB3  H N N 266 
PHE HD1  H N N 267 
PHE HD2  H N N 268 
PHE HE1  H N N 269 
PHE HE2  H N N 270 
PHE HZ   H N N 271 
PHE HXT  H N N 272 
PRO N    N N N 273 
PRO CA   C N S 274 
PRO C    C N N 275 
PRO O    O N N 276 
PRO CB   C N N 277 
PRO CG   C N N 278 
PRO CD   C N N 279 
PRO OXT  O N N 280 
PRO H    H N N 281 
PRO HA   H N N 282 
PRO HB2  H N N 283 
PRO HB3  H N N 284 
PRO HG2  H N N 285 
PRO HG3  H N N 286 
PRO HD2  H N N 287 
PRO HD3  H N N 288 
PRO HXT  H N N 289 
SER N    N N N 290 
SER CA   C N S 291 
SER C    C N N 292 
SER O    O N N 293 
SER CB   C N N 294 
SER OG   O N N 295 
SER OXT  O N N 296 
SER H    H N N 297 
SER H2   H N N 298 
SER HA   H N N 299 
SER HB2  H N N 300 
SER HB3  H N N 301 
SER HG   H N N 302 
SER HXT  H N N 303 
THR N    N N N 304 
THR CA   C N S 305 
THR C    C N N 306 
THR O    O N N 307 
THR CB   C N R 308 
THR OG1  O N N 309 
THR CG2  C N N 310 
THR OXT  O N N 311 
THR H    H N N 312 
THR H2   H N N 313 
THR HA   H N N 314 
THR HB   H N N 315 
THR HG1  H N N 316 
THR HG21 H N N 317 
THR HG22 H N N 318 
THR HG23 H N N 319 
THR HXT  H N N 320 
TRP N    N N N 321 
TRP CA   C N S 322 
TRP C    C N N 323 
TRP O    O N N 324 
TRP CB   C N N 325 
TRP CG   C Y N 326 
TRP CD1  C Y N 327 
TRP CD2  C Y N 328 
TRP NE1  N Y N 329 
TRP CE2  C Y N 330 
TRP CE3  C Y N 331 
TRP CZ2  C Y N 332 
TRP CZ3  C Y N 333 
TRP CH2  C Y N 334 
TRP OXT  O N N 335 
TRP H    H N N 336 
TRP H2   H N N 337 
TRP HA   H N N 338 
TRP HB2  H N N 339 
TRP HB3  H N N 340 
TRP HD1  H N N 341 
TRP HE1  H N N 342 
TRP HE3  H N N 343 
TRP HZ2  H N N 344 
TRP HZ3  H N N 345 
TRP HH2  H N N 346 
TRP HXT  H N N 347 
TYR N    N N N 348 
TYR CA   C N S 349 
TYR C    C N N 350 
TYR O    O N N 351 
TYR CB   C N N 352 
TYR CG   C Y N 353 
TYR CD1  C Y N 354 
TYR CD2  C Y N 355 
TYR CE1  C Y N 356 
TYR CE2  C Y N 357 
TYR CZ   C Y N 358 
TYR OH   O N N 359 
TYR OXT  O N N 360 
TYR H    H N N 361 
TYR H2   H N N 362 
TYR HA   H N N 363 
TYR HB2  H N N 364 
TYR HB3  H N N 365 
TYR HD1  H N N 366 
TYR HD2  H N N 367 
TYR HE1  H N N 368 
TYR HE2  H N N 369 
TYR HH   H N N 370 
TYR HXT  H N N 371 
VAL N    N N N 372 
VAL CA   C N S 373 
VAL C    C N N 374 
VAL O    O N N 375 
VAL CB   C N N 376 
VAL CG1  C N N 377 
VAL CG2  C N N 378 
VAL OXT  O N N 379 
VAL H    H N N 380 
VAL H2   H N N 381 
VAL HA   H N N 382 
VAL HB   H N N 383 
VAL HG11 H N N 384 
VAL HG12 H N N 385 
VAL HG13 H N N 386 
VAL HG21 H N N 387 
VAL HG22 H N N 388 
VAL HG23 H N N 389 
VAL HXT  H N N 390 
# 
loop_
_chem_comp_bond.comp_id 
_chem_comp_bond.atom_id_1 
_chem_comp_bond.atom_id_2 
_chem_comp_bond.value_order 
_chem_comp_bond.pdbx_aromatic_flag 
_chem_comp_bond.pdbx_stereo_config 
_chem_comp_bond.pdbx_ordinal 
ALA N   CA   sing N N 1   
ALA N   H    sing N N 2   
ALA N   H2   sing N N 3   
ALA CA  C    sing N N 4   
ALA CA  CB   sing N N 5   
ALA CA  HA   sing N N 6   
ALA C   O    doub N N 7   
ALA C   OXT  sing N N 8   
ALA CB  HB1  sing N N 9   
ALA CB  HB2  sing N N 10  
ALA CB  HB3  sing N N 11  
ALA OXT HXT  sing N N 12  
ARG N   CA   sing N N 13  
ARG N   H    sing N N 14  
ARG N   H2   sing N N 15  
ARG CA  C    sing N N 16  
ARG CA  CB   sing N N 17  
ARG CA  HA   sing N N 18  
ARG C   O    doub N N 19  
ARG C   OXT  sing N N 20  
ARG CB  CG   sing N N 21  
ARG CB  HB2  sing N N 22  
ARG CB  HB3  sing N N 23  
ARG CG  CD   sing N N 24  
ARG CG  HG2  sing N N 25  
ARG CG  HG3  sing N N 26  
ARG CD  NE   sing N N 27  
ARG CD  HD2  sing N N 28  
ARG CD  HD3  sing N N 29  
ARG NE  CZ   sing N N 30  
ARG NE  HE   sing N N 31  
ARG CZ  NH1  sing N N 32  
ARG CZ  NH2  doub N N 33  
ARG NH1 HH11 sing N N 34  
ARG NH1 HH12 sing N N 35  
ARG NH2 HH21 sing N N 36  
ARG NH2 HH22 sing N N 37  
ARG OXT HXT  sing N N 38  
ASN N   CA   sing N N 39  
ASN N   H    sing N N 40  
ASN N   H2   sing N N 41  
ASN CA  C    sing N N 42  
ASN CA  CB   sing N N 43  
ASN CA  HA   sing N N 44  
ASN C   O    doub N N 45  
ASN C   OXT  sing N N 46  
ASN CB  CG   sing N N 47  
ASN CB  HB2  sing N N 48  
ASN CB  HB3  sing N N 49  
ASN CG  OD1  doub N N 50  
ASN CG  ND2  sing N N 51  
ASN ND2 HD21 sing N N 52  
ASN ND2 HD22 sing N N 53  
ASN OXT HXT  sing N N 54  
ASP N   CA   sing N N 55  
ASP N   H    sing N N 56  
ASP N   H2   sing N N 57  
ASP CA  C    sing N N 58  
ASP CA  CB   sing N N 59  
ASP CA  HA   sing N N 60  
ASP C   O    doub N N 61  
ASP C   OXT  sing N N 62  
ASP CB  CG   sing N N 63  
ASP CB  HB2  sing N N 64  
ASP CB  HB3  sing N N 65  
ASP CG  OD1  doub N N 66  
ASP CG  OD2  sing N N 67  
ASP OD2 HD2  sing N N 68  
ASP OXT HXT  sing N N 69  
CYS N   CA   sing N N 70  
CYS N   H    sing N N 71  
CYS N   H2   sing N N 72  
CYS CA  C    sing N N 73  
CYS CA  CB   sing N N 74  
CYS CA  HA   sing N N 75  
CYS C   O    doub N N 76  
CYS C   OXT  sing N N 77  
CYS CB  SG   sing N N 78  
CYS CB  HB2  sing N N 79  
CYS CB  HB3  sing N N 80  
CYS SG  HG   sing N N 81  
CYS OXT HXT  sing N N 82  
GLN N   CA   sing N N 83  
GLN N   H    sing N N 84  
GLN N   H2   sing N N 85  
GLN CA  C    sing N N 86  
GLN CA  CB   sing N N 87  
GLN CA  HA   sing N N 88  
GLN C   O    doub N N 89  
GLN C   OXT  sing N N 90  
GLN CB  CG   sing N N 91  
GLN CB  HB2  sing N N 92  
GLN CB  HB3  sing N N 93  
GLN CG  CD   sing N N 94  
GLN CG  HG2  sing N N 95  
GLN CG  HG3  sing N N 96  
GLN CD  OE1  doub N N 97  
GLN CD  NE2  sing N N 98  
GLN NE2 HE21 sing N N 99  
GLN NE2 HE22 sing N N 100 
GLN OXT HXT  sing N N 101 
GLU N   CA   sing N N 102 
GLU N   H    sing N N 103 
GLU N   H2   sing N N 104 
GLU CA  C    sing N N 105 
GLU CA  CB   sing N N 106 
GLU CA  HA   sing N N 107 
GLU C   O    doub N N 108 
GLU C   OXT  sing N N 109 
GLU CB  CG   sing N N 110 
GLU CB  HB2  sing N N 111 
GLU CB  HB3  sing N N 112 
GLU CG  CD   sing N N 113 
GLU CG  HG2  sing N N 114 
GLU CG  HG3  sing N N 115 
GLU CD  OE1  doub N N 116 
GLU CD  OE2  sing N N 117 
GLU OE2 HE2  sing N N 118 
GLU OXT HXT  sing N N 119 
GLY N   CA   sing N N 120 
GLY N   H    sing N N 121 
GLY N   H2   sing N N 122 
GLY CA  C    sing N N 123 
GLY CA  HA2  sing N N 124 
GLY CA  HA3  sing N N 125 
GLY C   O    doub N N 126 
GLY C   OXT  sing N N 127 
GLY OXT HXT  sing N N 128 
HIS N   CA   sing N N 129 
HIS N   H    sing N N 130 
HIS N   H2   sing N N 131 
HIS CA  C    sing N N 132 
HIS CA  CB   sing N N 133 
HIS CA  HA   sing N N 134 
HIS C   O    doub N N 135 
HIS C   OXT  sing N N 136 
HIS CB  CG   sing N N 137 
HIS CB  HB2  sing N N 138 
HIS CB  HB3  sing N N 139 
HIS CG  ND1  sing Y N 140 
HIS CG  CD2  doub Y N 141 
HIS ND1 CE1  doub Y N 142 
HIS ND1 HD1  sing N N 143 
HIS CD2 NE2  sing Y N 144 
HIS CD2 HD2  sing N N 145 
HIS CE1 NE2  sing Y N 146 
HIS CE1 HE1  sing N N 147 
HIS NE2 HE2  sing N N 148 
HIS OXT HXT  sing N N 149 
HOH O   H1   sing N N 150 
HOH O   H2   sing N N 151 
ILE N   CA   sing N N 152 
ILE N   H    sing N N 153 
ILE N   H2   sing N N 154 
ILE CA  C    sing N N 155 
ILE CA  CB   sing N N 156 
ILE CA  HA   sing N N 157 
ILE C   O    doub N N 158 
ILE C   OXT  sing N N 159 
ILE CB  CG1  sing N N 160 
ILE CB  CG2  sing N N 161 
ILE CB  HB   sing N N 162 
ILE CG1 CD1  sing N N 163 
ILE CG1 HG12 sing N N 164 
ILE CG1 HG13 sing N N 165 
ILE CG2 HG21 sing N N 166 
ILE CG2 HG22 sing N N 167 
ILE CG2 HG23 sing N N 168 
ILE CD1 HD11 sing N N 169 
ILE CD1 HD12 sing N N 170 
ILE CD1 HD13 sing N N 171 
ILE OXT HXT  sing N N 172 
LEU N   CA   sing N N 173 
LEU N   H    sing N N 174 
LEU N   H2   sing N N 175 
LEU CA  C    sing N N 176 
LEU CA  CB   sing N N 177 
LEU CA  HA   sing N N 178 
LEU C   O    doub N N 179 
LEU C   OXT  sing N N 180 
LEU CB  CG   sing N N 181 
LEU CB  HB2  sing N N 182 
LEU CB  HB3  sing N N 183 
LEU CG  CD1  sing N N 184 
LEU CG  CD2  sing N N 185 
LEU CG  HG   sing N N 186 
LEU CD1 HD11 sing N N 187 
LEU CD1 HD12 sing N N 188 
LEU CD1 HD13 sing N N 189 
LEU CD2 HD21 sing N N 190 
LEU CD2 HD22 sing N N 191 
LEU CD2 HD23 sing N N 192 
LEU OXT HXT  sing N N 193 
LYS N   CA   sing N N 194 
LYS N   H    sing N N 195 
LYS N   H2   sing N N 196 
LYS CA  C    sing N N 197 
LYS CA  CB   sing N N 198 
LYS CA  HA   sing N N 199 
LYS C   O    doub N N 200 
LYS C   OXT  sing N N 201 
LYS CB  CG   sing N N 202 
LYS CB  HB2  sing N N 203 
LYS CB  HB3  sing N N 204 
LYS CG  CD   sing N N 205 
LYS CG  HG2  sing N N 206 
LYS CG  HG3  sing N N 207 
LYS CD  CE   sing N N 208 
LYS CD  HD2  sing N N 209 
LYS CD  HD3  sing N N 210 
LYS CE  NZ   sing N N 211 
LYS CE  HE2  sing N N 212 
LYS CE  HE3  sing N N 213 
LYS NZ  HZ1  sing N N 214 
LYS NZ  HZ2  sing N N 215 
LYS NZ  HZ3  sing N N 216 
LYS OXT HXT  sing N N 217 
MET N   CA   sing N N 218 
MET N   H    sing N N 219 
MET N   H2   sing N N 220 
MET CA  C    sing N N 221 
MET CA  CB   sing N N 222 
MET CA  HA   sing N N 223 
MET C   O    doub N N 224 
MET C   OXT  sing N N 225 
MET CB  CG   sing N N 226 
MET CB  HB2  sing N N 227 
MET CB  HB3  sing N N 228 
MET CG  SD   sing N N 229 
MET CG  HG2  sing N N 230 
MET CG  HG3  sing N N 231 
MET SD  CE   sing N N 232 
MET CE  HE1  sing N N 233 
MET CE  HE2  sing N N 234 
MET CE  HE3  sing N N 235 
MET OXT HXT  sing N N 236 
PHE N   CA   sing N N 237 
PHE N   H    sing N N 238 
PHE N   H2   sing N N 239 
PHE CA  C    sing N N 240 
PHE CA  CB   sing N N 241 
PHE CA  HA   sing N N 242 
PHE C   O    doub N N 243 
PHE C   OXT  sing N N 244 
PHE CB  CG   sing N N 245 
PHE CB  HB2  sing N N 246 
PHE CB  HB3  sing N N 247 
PHE CG  CD1  doub Y N 248 
PHE CG  CD2  sing Y N 249 
PHE CD1 CE1  sing Y N 250 
PHE CD1 HD1  sing N N 251 
PHE CD2 CE2  doub Y N 252 
PHE CD2 HD2  sing N N 253 
PHE CE1 CZ   doub Y N 254 
PHE CE1 HE1  sing N N 255 
PHE CE2 CZ   sing Y N 256 
PHE CE2 HE2  sing N N 257 
PHE CZ  HZ   sing N N 258 
PHE OXT HXT  sing N N 259 
PRO N   CA   sing N N 260 
PRO N   CD   sing N N 261 
PRO N   H    sing N N 262 
PRO CA  C    sing N N 263 
PRO CA  CB   sing N N 264 
PRO CA  HA   sing N N 265 
PRO C   O    doub N N 266 
PRO C   OXT  sing N N 267 
PRO CB  CG   sing N N 268 
PRO CB  HB2  sing N N 269 
PRO CB  HB3  sing N N 270 
PRO CG  CD   sing N N 271 
PRO CG  HG2  sing N N 272 
PRO CG  HG3  sing N N 273 
PRO CD  HD2  sing N N 274 
PRO CD  HD3  sing N N 275 
PRO OXT HXT  sing N N 276 
SER N   CA   sing N N 277 
SER N   H    sing N N 278 
SER N   H2   sing N N 279 
SER CA  C    sing N N 280 
SER CA  CB   sing N N 281 
SER CA  HA   sing N N 282 
SER C   O    doub N N 283 
SER C   OXT  sing N N 284 
SER CB  OG   sing N N 285 
SER CB  HB2  sing N N 286 
SER CB  HB3  sing N N 287 
SER OG  HG   sing N N 288 
SER OXT HXT  sing N N 289 
THR N   CA   sing N N 290 
THR N   H    sing N N 291 
THR N   H2   sing N N 292 
THR CA  C    sing N N 293 
THR CA  CB   sing N N 294 
THR CA  HA   sing N N 295 
THR C   O    doub N N 296 
THR C   OXT  sing N N 297 
THR CB  OG1  sing N N 298 
THR CB  CG2  sing N N 299 
THR CB  HB   sing N N 300 
THR OG1 HG1  sing N N 301 
THR CG2 HG21 sing N N 302 
THR CG2 HG22 sing N N 303 
THR CG2 HG23 sing N N 304 
THR OXT HXT  sing N N 305 
TRP N   CA   sing N N 306 
TRP N   H    sing N N 307 
TRP N   H2   sing N N 308 
TRP CA  C    sing N N 309 
TRP CA  CB   sing N N 310 
TRP CA  HA   sing N N 311 
TRP C   O    doub N N 312 
TRP C   OXT  sing N N 313 
TRP CB  CG   sing N N 314 
TRP CB  HB2  sing N N 315 
TRP CB  HB3  sing N N 316 
TRP CG  CD1  doub Y N 317 
TRP CG  CD2  sing Y N 318 
TRP CD1 NE1  sing Y N 319 
TRP CD1 HD1  sing N N 320 
TRP CD2 CE2  doub Y N 321 
TRP CD2 CE3  sing Y N 322 
TRP NE1 CE2  sing Y N 323 
TRP NE1 HE1  sing N N 324 
TRP CE2 CZ2  sing Y N 325 
TRP CE3 CZ3  doub Y N 326 
TRP CE3 HE3  sing N N 327 
TRP CZ2 CH2  doub Y N 328 
TRP CZ2 HZ2  sing N N 329 
TRP CZ3 CH2  sing Y N 330 
TRP CZ3 HZ3  sing N N 331 
TRP CH2 HH2  sing N N 332 
TRP OXT HXT  sing N N 333 
TYR N   CA   sing N N 334 
TYR N   H    sing N N 335 
TYR N   H2   sing N N 336 
TYR CA  C    sing N N 337 
TYR CA  CB   sing N N 338 
TYR CA  HA   sing N N 339 
TYR C   O    doub N N 340 
TYR C   OXT  sing N N 341 
TYR CB  CG   sing N N 342 
TYR CB  HB2  sing N N 343 
TYR CB  HB3  sing N N 344 
TYR CG  CD1  doub Y N 345 
TYR CG  CD2  sing Y N 346 
TYR CD1 CE1  sing Y N 347 
TYR CD1 HD1  sing N N 348 
TYR CD2 CE2  doub Y N 349 
TYR CD2 HD2  sing N N 350 
TYR CE1 CZ   doub Y N 351 
TYR CE1 HE1  sing N N 352 
TYR CE2 CZ   sing Y N 353 
TYR CE2 HE2  sing N N 354 
TYR CZ  OH   sing N N 355 
TYR OH  HH   sing N N 356 
TYR OXT HXT  sing N N 357 
VAL N   CA   sing N N 358 
VAL N   H    sing N N 359 
VAL N   H2   sing N N 360 
VAL CA  C    sing N N 361 
VAL CA  CB   sing N N 362 
VAL CA  HA   sing N N 363 
VAL C   O    doub N N 364 
VAL C   OXT  sing N N 365 
VAL CB  CG1  sing N N 366 
VAL CB  CG2  sing N N 367 
VAL CB  HB   sing N N 368 
VAL CG1 HG11 sing N N 369 
VAL CG1 HG12 sing N N 370 
VAL CG1 HG13 sing N N 371 
VAL CG2 HG21 sing N N 372 
VAL CG2 HG22 sing N N 373 
VAL CG2 HG23 sing N N 374 
VAL OXT HXT  sing N N 375 
# 
_atom_sites.entry_id                    1BAM 
_atom_sites.fract_transf_matrix[1][1]   -0.00853056 
_atom_sites.fract_transf_matrix[1][2]   -0.00865042 
_atom_sites.fract_transf_matrix[1][3]   0.00690455 
_atom_sites.fract_transf_matrix[2][1]   -0.01654236 
_atom_sites.fract_transf_matrix[2][2]   0.00620224 
_atom_sites.fract_transf_matrix[2][3]   -0.01266754 
_atom_sites.fract_transf_matrix[3][1]   -0.00012250 
_atom_sites.fract_transf_matrix[3][2]   -0.01387801 
_atom_sites.fract_transf_matrix[3][3]   -0.00663494 
_atom_sites.fract_transf_vector[1]      0.141196 
_atom_sites.fract_transf_vector[2]      0.013439 
_atom_sites.fract_transf_vector[3]      0.271868 
# 
_atom_sites_footnote.id     1 
_atom_sites_footnote.text   'CIS PROLINE - PRO      39' 
# 
loop_
_atom_type.symbol 
C 
N 
O 
S 
# 
loop_
_atom_site.group_PDB 
_atom_site.id 
_atom_site.type_symbol 
_atom_site.label_atom_id 
_atom_site.label_alt_id 
_atom_site.label_comp_id 
_atom_site.label_asym_id 
_atom_site.label_entity_id 
_atom_site.label_seq_id 
_atom_site.pdbx_PDB_ins_code 
_atom_site.Cartn_x 
_atom_site.Cartn_y 
_atom_site.Cartn_z 
_atom_site.occupancy 
_atom_site.B_iso_or_equiv 
_atom_site.pdbx_formal_charge 
_atom_site.auth_seq_id 
_atom_site.auth_comp_id 
_atom_site.auth_asym_id 
_atom_site.auth_atom_id 
_atom_site.pdbx_PDB_model_num 
ATOM   1    N N   . MET A 1 1   ? 0.660   -7.308  -9.516  1.00 13.71 ? 1   MET A N   1 
ATOM   2    C CA  . MET A 1 1   ? 1.321   -5.978  -9.387  1.00 14.32 ? 1   MET A CA  1 
ATOM   3    C C   . MET A 1 1   ? 2.733   -6.295  -8.928  1.00 13.84 ? 1   MET A C   1 
ATOM   4    O O   . MET A 1 1   ? 2.955   -7.349  -8.364  1.00 14.61 ? 1   MET A O   1 
ATOM   5    C CB  . MET A 1 1   ? 0.572   -5.168  -8.331  1.00 16.23 ? 1   MET A CB  1 
ATOM   6    C CG  . MET A 1 1   ? 0.892   -3.688  -8.283  1.00 17.45 ? 1   MET A CG  1 
ATOM   7    S SD  . MET A 1 1   ? 0.010   -2.736  -9.518  1.00 19.23 ? 1   MET A SD  1 
ATOM   8    C CE  . MET A 1 1   ? -1.498  -2.458  -8.609  1.00 11.70 ? 1   MET A CE  1 
ATOM   9    N N   . GLU A 1 2   ? 3.690   -5.419  -9.208  1.00 14.35 ? 2   GLU A N   1 
ATOM   10   C CA  . GLU A 1 2   ? 5.086   -5.617  -8.830  1.00 16.23 ? 2   GLU A CA  1 
ATOM   11   C C   . GLU A 1 2   ? 5.549   -4.562  -7.836  1.00 17.10 ? 2   GLU A C   1 
ATOM   12   O O   . GLU A 1 2   ? 5.090   -3.430  -7.901  1.00 16.92 ? 2   GLU A O   1 
ATOM   13   C CB  . GLU A 1 2   ? 5.971   -5.408  -10.054 1.00 22.19 ? 2   GLU A CB  1 
ATOM   14   C CG  . GLU A 1 2   ? 5.722   -6.345  -11.187 1.00 34.75 ? 2   GLU A CG  1 
ATOM   15   C CD  . GLU A 1 2   ? 6.654   -7.541  -11.190 1.00 40.29 ? 2   GLU A CD  1 
ATOM   16   O OE1 . GLU A 1 2   ? 7.137   -7.945  -10.098 1.00 43.94 ? 2   GLU A OE1 1 
ATOM   17   O OE2 . GLU A 1 2   ? 6.908   -8.071  -12.301 1.00 44.13 ? 2   GLU A OE2 1 
ATOM   18   N N   . VAL A 1 3   ? 6.477   -4.918  -6.947  1.00 16.85 ? 3   VAL A N   1 
ATOM   19   C CA  . VAL A 1 3   ? 7.070   -3.951  -6.017  1.00 16.55 ? 3   VAL A CA  1 
ATOM   20   C C   . VAL A 1 3   ? 8.332   -3.618  -6.823  1.00 17.52 ? 3   VAL A C   1 
ATOM   21   O O   . VAL A 1 3   ? 9.151   -4.501  -7.080  1.00 19.81 ? 3   VAL A O   1 
ATOM   22   C CB  . VAL A 1 3   ? 7.486   -4.559  -4.651  1.00 12.56 ? 3   VAL A CB  1 
ATOM   23   C CG1 . VAL A 1 3   ? 8.364   -3.563  -3.859  1.00 13.86 ? 3   VAL A CG1 1 
ATOM   24   C CG2 . VAL A 1 3   ? 6.270   -4.875  -3.830  1.00 12.41 ? 3   VAL A CG2 1 
ATOM   25   N N   . GLU A 1 4   ? 8.454   -2.387  -7.305  1.00 15.03 ? 4   GLU A N   1 
ATOM   26   C CA  . GLU A 1 4   ? 9.603   -2.059  -8.102  1.00 14.20 ? 4   GLU A CA  1 
ATOM   27   C C   . GLU A 1 4   ? 10.671  -1.325  -7.325  1.00 14.87 ? 4   GLU A C   1 
ATOM   28   O O   . GLU A 1 4   ? 11.846  -1.514  -7.565  1.00 15.57 ? 4   GLU A O   1 
ATOM   29   C CB  . GLU A 1 4   ? 9.170   -1.271  -9.321  1.00 16.98 ? 4   GLU A CB  1 
ATOM   30   C CG  . GLU A 1 4   ? 10.195  -1.256  -10.412 1.00 24.76 ? 4   GLU A CG  1 
ATOM   31   C CD  . GLU A 1 4   ? 9.575   -1.119  -11.783 1.00 30.50 ? 4   GLU A CD  1 
ATOM   32   O OE1 . GLU A 1 4   ? 8.652   -1.917  -12.094 1.00 33.28 ? 4   GLU A OE1 1 
ATOM   33   O OE2 . GLU A 1 4   ? 10.005  -0.205  -12.538 1.00 33.94 ? 4   GLU A OE2 1 
ATOM   34   N N   . LYS A 1 5   ? 10.284  -0.503  -6.368  1.00 13.74 ? 5   LYS A N   1 
ATOM   35   C CA  . LYS A 1 5   ? 11.278  0.237   -5.597  1.00 13.02 ? 5   LYS A CA  1 
ATOM   36   C C   . LYS A 1 5   ? 10.900  0.119   -4.159  1.00 13.36 ? 5   LYS A C   1 
ATOM   37   O O   . LYS A 1 5   ? 9.720   0.017   -3.828  1.00 15.77 ? 5   LYS A O   1 
ATOM   38   C CB  . LYS A 1 5   ? 11.290  1.714   -5.976  1.00 12.66 ? 5   LYS A CB  1 
ATOM   39   C CG  . LYS A 1 5   ? 11.502  1.968   -7.432  1.00 15.56 ? 5   LYS A CG  1 
ATOM   40   C CD  . LYS A 1 5   ? 11.766  3.431   -7.704  1.00 16.50 ? 5   LYS A CD  1 
ATOM   41   C CE  . LYS A 1 5   ? 11.829  3.690   -9.202  1.00 18.96 ? 5   LYS A CE  1 
ATOM   42   N NZ  . LYS A 1 5   ? 12.825  4.738   -9.536  1.00 21.18 ? 5   LYS A NZ  1 
ATOM   43   N N   . GLU A 1 6   ? 11.884  0.171   -3.287  1.00 14.97 ? 6   GLU A N   1 
ATOM   44   C CA  . GLU A 1 6   ? 11.601  0.025   -1.877  1.00 14.76 ? 6   GLU A CA  1 
ATOM   45   C C   . GLU A 1 6   ? 12.664  0.695   -1.027  1.00 14.26 ? 6   GLU A C   1 
ATOM   46   O O   . GLU A 1 6   ? 13.858  0.557   -1.299  1.00 14.99 ? 6   GLU A O   1 
ATOM   47   C CB  . GLU A 1 6   ? 11.527  -1.465  -1.567  1.00 16.06 ? 6   GLU A CB  1 
ATOM   48   C CG  . GLU A 1 6   ? 11.171  -1.797  -0.146  1.00 20.38 ? 6   GLU A CG  1 
ATOM   49   C CD  . GLU A 1 6   ? 10.812  -3.254  0.026   1.00 21.70 ? 6   GLU A CD  1 
ATOM   50   O OE1 . GLU A 1 6   ? 11.308  -4.106  -0.748  1.00 24.26 ? 6   GLU A OE1 1 
ATOM   51   O OE2 . GLU A 1 6   ? 10.032  -3.546  0.949   1.00 20.79 ? 6   GLU A OE2 1 
ATOM   52   N N   . PHE A 1 7   ? 12.239  1.439   -0.014  1.00 12.66 ? 7   PHE A N   1 
ATOM   53   C CA  . PHE A 1 7   ? 13.167  2.110   0.878   1.00 12.41 ? 7   PHE A CA  1 
ATOM   54   C C   . PHE A 1 7   ? 12.904  1.626   2.277   1.00 11.70 ? 7   PHE A C   1 
ATOM   55   O O   . PHE A 1 7   ? 11.791  1.752   2.782   1.00 13.45 ? 7   PHE A O   1 
ATOM   56   C CB  . PHE A 1 7   ? 12.989  3.625   0.835   1.00 14.56 ? 7   PHE A CB  1 
ATOM   57   C CG  . PHE A 1 7   ? 13.910  4.369   1.779   1.00 16.44 ? 7   PHE A CG  1 
ATOM   58   C CD1 . PHE A 1 7   ? 15.206  4.665   1.414   1.00 17.13 ? 7   PHE A CD1 1 
ATOM   59   C CD2 . PHE A 1 7   ? 13.477  4.750   3.040   1.00 18.61 ? 7   PHE A CD2 1 
ATOM   60   C CE1 . PHE A 1 7   ? 16.051  5.321   2.274   1.00 19.20 ? 7   PHE A CE1 1 
ATOM   61   C CE2 . PHE A 1 7   ? 14.311  5.409   3.917   1.00 17.03 ? 7   PHE A CE2 1 
ATOM   62   C CZ  . PHE A 1 7   ? 15.603  5.697   3.534   1.00 17.88 ? 7   PHE A CZ  1 
ATOM   63   N N   . ILE A 1 8   ? 13.945  1.119   2.924   1.00 11.03 ? 8   ILE A N   1 
ATOM   64   C CA  . ILE A 1 8   ? 13.837  0.584   4.278   1.00 11.22 ? 8   ILE A CA  1 
ATOM   65   C C   . ILE A 1 8   ? 14.920  1.211   5.141   1.00 10.53 ? 8   ILE A C   1 
ATOM   66   O O   . ILE A 1 8   ? 16.096  1.122   4.812   1.00 12.51 ? 8   ILE A O   1 
ATOM   67   C CB  . ILE A 1 8   ? 14.056  -0.936  4.262   1.00 12.45 ? 8   ILE A CB  1 
ATOM   68   C CG1 . ILE A 1 8   ? 13.099  -1.597  3.273   1.00 12.90 ? 8   ILE A CG1 1 
ATOM   69   C CG2 . ILE A 1 8   ? 13.897  -1.501  5.655   1.00 11.68 ? 8   ILE A CG2 1 
ATOM   70   C CD1 . ILE A 1 8   ? 13.192  -3.125  3.261   1.00 18.45 ? 8   ILE A CD1 1 
ATOM   71   N N   . THR A 1 9   ? 14.557  1.849   6.241   1.00 11.57 ? 9   THR A N   1 
ATOM   72   C CA  . THR A 1 9   ? 15.584  2.453   7.078   1.00 12.15 ? 9   THR A CA  1 
ATOM   73   C C   . THR A 1 9   ? 16.385  1.361   7.759   1.00 14.71 ? 9   THR A C   1 
ATOM   74   O O   . THR A 1 9   ? 15.925  0.215   7.873   1.00 13.27 ? 9   THR A O   1 
ATOM   75   C CB  . THR A 1 9   ? 14.994  3.360   8.185   1.00 9.63  ? 9   THR A CB  1 
ATOM   76   O OG1 . THR A 1 9   ? 14.148  2.585   9.040   1.00 11.31 ? 9   THR A OG1 1 
ATOM   77   C CG2 . THR A 1 9   ? 14.194  4.472   7.602   1.00 5.47  ? 9   THR A CG2 1 
ATOM   78   N N   . ASP A 1 10  ? 17.565  1.728   8.251   1.00 15.71 ? 10  ASP A N   1 
ATOM   79   C CA  . ASP A 1 10  ? 18.425  0.791   8.962   1.00 16.67 ? 10  ASP A CA  1 
ATOM   80   C C   . ASP A 1 10  ? 17.700  0.214   10.150  1.00 16.77 ? 10  ASP A C   1 
ATOM   81   O O   . ASP A 1 10  ? 17.872  -0.957  10.444  1.00 19.06 ? 10  ASP A O   1 
ATOM   82   C CB  . ASP A 1 10  ? 19.689  1.477   9.463   1.00 20.55 ? 10  ASP A CB  1 
ATOM   83   C CG  . ASP A 1 10  ? 20.668  1.809   8.346   1.00 27.44 ? 10  ASP A CG  1 
ATOM   84   O OD1 . ASP A 1 10  ? 20.491  1.326   7.204   1.00 30.20 ? 10  ASP A OD1 1 
ATOM   85   O OD2 . ASP A 1 10  ? 21.627  2.567   8.616   1.00 33.04 ? 10  ASP A OD2 1 
ATOM   86   N N   . GLU A 1 11  ? 16.885  1.026   10.828  1.00 14.99 ? 11  GLU A N   1 
ATOM   87   C CA  . GLU A 1 11  ? 16.146  0.560   11.997  1.00 14.45 ? 11  GLU A CA  1 
ATOM   88   C C   . GLU A 1 11  ? 15.050  -0.440  11.634  1.00 13.13 ? 11  GLU A C   1 
ATOM   89   O O   . GLU A 1 11  ? 14.692  -1.263  12.454  1.00 14.85 ? 11  GLU A O   1 
ATOM   90   C CB  . GLU A 1 11  ? 15.569  1.722   12.814  1.00 15.26 ? 11  GLU A CB  1 
ATOM   91   C CG  . GLU A 1 11  ? 16.601  2.557   13.578  1.00 19.89 ? 11  GLU A CG  1 
ATOM   92   C CD  . GLU A 1 11  ? 17.440  3.487   12.683  1.00 25.74 ? 11  GLU A CD  1 
ATOM   93   O OE1 . GLU A 1 11  ? 17.034  3.764   11.522  1.00 26.28 ? 11  GLU A OE1 1 
ATOM   94   O OE2 . GLU A 1 11  ? 18.513  3.949   13.144  1.00 27.99 ? 11  GLU A OE2 1 
ATOM   95   N N   . ALA A 1 12  ? 14.494  -0.343  10.430  1.00 12.64 ? 12  ALA A N   1 
ATOM   96   C CA  . ALA A 1 12  ? 13.473  -1.290  9.989   1.00 14.80 ? 12  ALA A CA  1 
ATOM   97   C C   . ALA A 1 12  ? 14.188  -2.600  9.635   1.00 15.44 ? 12  ALA A C   1 
ATOM   98   O O   . ALA A 1 12  ? 13.681  -3.677  9.929   1.00 14.45 ? 12  ALA A O   1 
ATOM   99   C CB  . ALA A 1 12  ? 12.721  -0.763  8.770   1.00 13.66 ? 12  ALA A CB  1 
ATOM   100  N N   . LYS A 1 13  ? 15.366  -2.487  9.017   1.00 15.96 ? 13  LYS A N   1 
ATOM   101  C CA  . LYS A 1 13  ? 16.173  -3.647  8.630   1.00 19.28 ? 13  LYS A CA  1 
ATOM   102  C C   . LYS A 1 13  ? 16.522  -4.480  9.850   1.00 20.92 ? 13  LYS A C   1 
ATOM   103  O O   . LYS A 1 13  ? 16.381  -5.704  9.828   1.00 21.89 ? 13  LYS A O   1 
ATOM   104  C CB  . LYS A 1 13  ? 17.464  -3.214  7.939   1.00 18.46 ? 13  LYS A CB  1 
ATOM   105  C CG  . LYS A 1 13  ? 17.250  -2.670  6.554   1.00 24.74 ? 13  LYS A CG  1 
ATOM   106  C CD  . LYS A 1 13  ? 18.543  -2.110  5.960   1.00 31.02 ? 13  LYS A CD  1 
ATOM   107  C CE  . LYS A 1 13  ? 18.334  -1.614  4.517   1.00 34.40 ? 13  LYS A CE  1 
ATOM   108  N NZ  . LYS A 1 13  ? 19.592  -1.175  3.837   1.00 37.07 ? 13  LYS A NZ  1 
ATOM   109  N N   . GLU A 1 14  ? 16.986  -3.820  10.912  1.00 21.71 ? 14  GLU A N   1 
ATOM   110  C CA  . GLU A 1 14  ? 17.345  -4.503  12.155  1.00 22.47 ? 14  GLU A CA  1 
ATOM   111  C C   . GLU A 1 14  ? 16.121  -5.153  12.762  1.00 20.11 ? 14  GLU A C   1 
ATOM   112  O O   . GLU A 1 14  ? 16.154  -6.307  13.164  1.00 22.69 ? 14  GLU A O   1 
ATOM   113  C CB  . GLU A 1 14  ? 17.924  -3.519  13.163  1.00 26.17 ? 14  GLU A CB  1 
ATOM   114  C CG  . GLU A 1 14  ? 19.405  -3.271  13.069  1.00 33.30 ? 14  GLU A CG  1 
ATOM   115  C CD  . GLU A 1 14  ? 19.865  -2.290  14.144  1.00 39.06 ? 14  GLU A CD  1 
ATOM   116  O OE1 . GLU A 1 14  ? 19.469  -2.467  15.325  1.00 39.98 ? 14  GLU A OE1 1 
ATOM   117  O OE2 . GLU A 1 14  ? 20.591  -1.328  13.803  1.00 42.47 ? 14  GLU A OE2 1 
ATOM   118  N N   . LEU A 1 15  ? 15.037  -4.401  12.835  1.00 19.06 ? 15  LEU A N   1 
ATOM   119  C CA  . LEU A 1 15  ? 13.788  -4.901  13.386  1.00 18.21 ? 15  LEU A CA  1 
ATOM   120  C C   . LEU A 1 15  ? 13.243  -6.120  12.620  1.00 20.10 ? 15  LEU A C   1 
ATOM   121  O O   . LEU A 1 15  ? 12.759  -7.068  13.232  1.00 20.51 ? 15  LEU A O   1 
ATOM   122  C CB  . LEU A 1 15  ? 12.753  -3.790  13.379  1.00 16.33 ? 15  LEU A CB  1 
ATOM   123  C CG  . LEU A 1 15  ? 11.440  -4.186  14.020  1.00 16.95 ? 15  LEU A CG  1 
ATOM   124  C CD1 . LEU A 1 15  ? 11.728  -4.548  15.446  1.00 17.01 ? 15  LEU A CD1 1 
ATOM   125  C CD2 . LEU A 1 15  ? 10.441  -3.064  13.938  1.00 18.23 ? 15  LEU A CD2 1 
ATOM   126  N N   . LEU A 1 16  ? 13.280  -6.079  11.290  1.00 21.46 ? 16  LEU A N   1 
ATOM   127  C CA  . LEU A 1 16  ? 12.797  -7.192  10.482  1.00 22.60 ? 16  LEU A CA  1 
ATOM   128  C C   . LEU A 1 16  ? 13.690  -8.405  10.724  1.00 24.43 ? 16  LEU A C   1 
ATOM   129  O O   . LEU A 1 16  ? 13.197  -9.495  10.995  1.00 26.50 ? 16  LEU A O   1 
ATOM   130  C CB  . LEU A 1 16  ? 12.776  -6.842  8.984   1.00 21.19 ? 16  LEU A CB  1 
ATOM   131  C CG  . LEU A 1 16  ? 11.710  -5.867  8.459   1.00 20.95 ? 16  LEU A CG  1 
ATOM   132  C CD1 . LEU A 1 16  ? 11.911  -5.605  6.982   1.00 18.36 ? 16  LEU A CD1 1 
ATOM   133  C CD2 . LEU A 1 16  ? 10.323  -6.390  8.701   1.00 20.87 ? 16  LEU A CD2 1 
ATOM   134  N N   . SER A 1 17  ? 15.001  -8.202  10.719  1.00 25.47 ? 17  SER A N   1 
ATOM   135  C CA  . SER A 1 17  ? 15.927  -9.305  10.926  1.00 27.20 ? 17  SER A CA  1 
ATOM   136  C C   . SER A 1 17  ? 15.936  -9.907  12.333  1.00 27.39 ? 17  SER A C   1 
ATOM   137  O O   . SER A 1 17  ? 16.672  -10.850 12.570  1.00 31.74 ? 17  SER A O   1 
ATOM   138  C CB  . SER A 1 17  ? 17.351  -8.907  10.532  1.00 25.49 ? 17  SER A CB  1 
ATOM   139  O OG  . SER A 1 17  ? 17.986  -8.242  11.604  1.00 26.99 ? 17  SER A OG  1 
ATOM   140  N N   . LYS A 1 18  ? 15.142  -9.390  13.267  1.00 26.61 ? 18  LYS A N   1 
ATOM   141  C CA  . LYS A 1 18  ? 15.148  -9.964  14.613  1.00 24.35 ? 18  LYS A CA  1 
ATOM   142  C C   . LYS A 1 18  ? 13.765  -10.165 15.203  1.00 23.31 ? 18  LYS A C   1 
ATOM   143  O O   . LYS A 1 18  ? 13.648  -10.700 16.294  1.00 25.42 ? 18  LYS A O   1 
ATOM   144  C CB  . LYS A 1 18  ? 16.025  -9.142  15.573  1.00 25.47 ? 18  LYS A CB  1 
ATOM   145  C CG  . LYS A 1 18  ? 15.370  -7.881  16.110  1.00 28.27 ? 18  LYS A CG  1 
ATOM   146  C CD  . LYS A 1 18  ? 16.382  -6.914  16.719  1.00 30.90 ? 18  LYS A CD  1 
ATOM   147  C CE  . LYS A 1 18  ? 15.657  -5.662  17.217  1.00 35.06 ? 18  LYS A CE  1 
ATOM   148  N NZ  . LYS A 1 18  ? 16.541  -4.524  17.641  1.00 37.11 ? 18  LYS A NZ  1 
ATOM   149  N N   . ASP A 1 19  ? 12.719  -9.742  14.493  1.00 21.18 ? 19  ASP A N   1 
ATOM   150  C CA  . ASP A 1 19  ? 11.347  -9.884  14.979  1.00 20.38 ? 19  ASP A CA  1 
ATOM   151  C C   . ASP A 1 19  ? 10.473  -10.592 13.949  1.00 21.38 ? 19  ASP A C   1 
ATOM   152  O O   . ASP A 1 19  ? 9.899   -9.958  13.064  1.00 21.62 ? 19  ASP A O   1 
ATOM   153  C CB  . ASP A 1 19  ? 10.748  -8.524  15.342  1.00 17.66 ? 19  ASP A CB  1 
ATOM   154  C CG  . ASP A 1 19  ? 9.444   -8.640  16.110  1.00 21.99 ? 19  ASP A CG  1 
ATOM   155  O OD1 . ASP A 1 19  ? 8.530   -9.340  15.646  1.00 20.99 ? 19  ASP A OD1 1 
ATOM   156  O OD2 . ASP A 1 19  ? 9.310   -8.017  17.183  1.00 22.92 ? 19  ASP A OD2 1 
ATOM   157  N N   . LYS A 1 20  ? 10.309  -11.901 14.138  1.00 21.54 ? 20  LYS A N   1 
ATOM   158  C CA  . LYS A 1 20  ? 9.519   -12.747 13.255  1.00 21.10 ? 20  LYS A CA  1 
ATOM   159  C C   . LYS A 1 20  ? 8.123   -12.254 12.957  1.00 18.77 ? 20  LYS A C   1 
ATOM   160  O O   . LYS A 1 20  ? 7.714   -12.214 11.804  1.00 19.63 ? 20  LYS A O   1 
ATOM   161  C CB  . LYS A 1 20  ? 9.424   -14.170 13.806  1.00 26.09 ? 20  LYS A CB  1 
ATOM   162  C CG  . LYS A 1 20  ? 10.660  -15.010 13.573  1.00 33.85 ? 20  LYS A CG  1 
ATOM   163  C CD  . LYS A 1 20  ? 10.381  -16.487 13.883  1.00 40.30 ? 20  LYS A CD  1 
ATOM   164  C CE  . LYS A 1 20  ? 11.569  -17.388 13.522  1.00 43.79 ? 20  LYS A CE  1 
ATOM   165  N NZ  . LYS A 1 20  ? 11.260  -18.840 13.787  1.00 47.94 ? 20  LYS A NZ  1 
ATOM   166  N N   . LEU A 1 21  ? 7.365   -11.929 13.992  1.00 17.13 ? 21  LEU A N   1 
ATOM   167  C CA  . LEU A 1 21  ? 6.017   -11.463 13.753  1.00 17.30 ? 21  LEU A CA  1 
ATOM   168  C C   . LEU A 1 21  ? 5.951   -10.132 13.012  1.00 17.18 ? 21  LEU A C   1 
ATOM   169  O O   . LEU A 1 21  ? 5.009   -9.928  12.258  1.00 17.07 ? 21  LEU A O   1 
ATOM   170  C CB  . LEU A 1 21  ? 5.183   -11.462 15.028  1.00 19.61 ? 21  LEU A CB  1 
ATOM   171  C CG  . LEU A 1 21  ? 4.882   -12.873 15.557  1.00 23.81 ? 21  LEU A CG  1 
ATOM   172  C CD1 . LEU A 1 21  ? 3.913   -12.769 16.685  1.00 23.95 ? 21  LEU A CD1 1 
ATOM   173  C CD2 . LEU A 1 21  ? 4.274   -13.746 14.459  1.00 23.89 ? 21  LEU A CD2 1 
ATOM   174  N N   . ILE A 1 22  ? 6.956   -9.264  13.165  1.00 16.62 ? 22  ILE A N   1 
ATOM   175  C CA  . ILE A 1 22  ? 6.970   -7.983  12.442  1.00 14.85 ? 22  ILE A CA  1 
ATOM   176  C C   . ILE A 1 22  ? 7.335   -8.322  10.990  1.00 13.49 ? 22  ILE A C   1 
ATOM   177  O O   . ILE A 1 22  ? 6.737   -7.805  10.054  1.00 11.83 ? 22  ILE A O   1 
ATOM   178  C CB  . ILE A 1 22  ? 7.970   -6.956  13.046  1.00 14.67 ? 22  ILE A CB  1 
ATOM   179  C CG1 . ILE A 1 22  ? 7.239   -5.942  13.948  1.00 17.09 ? 22  ILE A CG1 1 
ATOM   180  C CG2 . ILE A 1 22  ? 8.563   -6.096  11.949  1.00 12.32 ? 22  ILE A CG2 1 
ATOM   181  C CD1 . ILE A 1 22  ? 6.442   -6.511  15.074  1.00 16.23 ? 22  ILE A CD1 1 
ATOM   182  N N   . GLN A 1 23  ? 8.275   -9.248  10.829  1.00 13.96 ? 23  GLN A N   1 
ATOM   183  C CA  . GLN A 1 23  ? 8.677   -9.697  9.507   1.00 14.65 ? 23  GLN A CA  1 
ATOM   184  C C   . GLN A 1 23  ? 7.422   -10.239 8.788   1.00 13.55 ? 23  GLN A C   1 
ATOM   185  O O   . GLN A 1 23  ? 7.191   -9.966  7.611   1.00 14.70 ? 23  GLN A O   1 
ATOM   186  C CB  . GLN A 1 23  ? 9.784   -10.755 9.642   1.00 18.66 ? 23  GLN A CB  1 
ATOM   187  C CG  . GLN A 1 23  ? 10.050  -11.644 8.421   1.00 30.65 ? 23  GLN A CG  1 
ATOM   188  C CD  . GLN A 1 23  ? 11.143  -11.132 7.481   1.00 38.89 ? 23  GLN A CD  1 
ATOM   189  O OE1 . GLN A 1 23  ? 10.883  -10.779 6.322   1.00 44.91 ? 23  GLN A OE1 1 
ATOM   190  N NE2 . GLN A 1 23  ? 12.387  -11.142 7.956   1.00 42.52 ? 23  GLN A NE2 1 
ATOM   191  N N   . GLN A 1 24  ? 6.574   -10.947 9.520   1.00 12.85 ? 24  GLN A N   1 
ATOM   192  C CA  . GLN A 1 24  ? 5.352   -11.481 8.941   1.00 11.83 ? 24  GLN A CA  1 
ATOM   193  C C   . GLN A 1 24  ? 4.369   -10.385 8.480   1.00 11.57 ? 24  GLN A C   1 
ATOM   194  O O   . GLN A 1 24  ? 3.778   -10.493 7.394   1.00 10.82 ? 24  GLN A O   1 
ATOM   195  C CB  . GLN A 1 24  ? 4.662   -12.439 9.908   1.00 9.85  ? 24  GLN A CB  1 
ATOM   196  C CG  . GLN A 1 24  ? 3.378   -12.964 9.344   1.00 11.45 ? 24  GLN A CG  1 
ATOM   197  C CD  . GLN A 1 24  ? 2.719   -13.987 10.226  1.00 16.03 ? 24  GLN A CD  1 
ATOM   198  O OE1 . GLN A 1 24  ? 3.385   -14.713 10.955  1.00 18.58 ? 24  GLN A OE1 1 
ATOM   199  N NE2 . GLN A 1 24  ? 1.414   -14.045 10.183  1.00 16.73 ? 24  GLN A NE2 1 
ATOM   200  N N   . ALA A 1 25  ? 4.158   -9.360  9.310   1.00 9.35  ? 25  ALA A N   1 
ATOM   201  C CA  . ALA A 1 25  ? 3.254   -8.267  8.957   1.00 6.88  ? 25  ALA A CA  1 
ATOM   202  C C   . ALA A 1 25  ? 3.749   -7.639  7.669   1.00 5.26  ? 25  ALA A C   1 
ATOM   203  O O   . ALA A 1 25  ? 2.986   -7.333  6.773   1.00 9.04  ? 25  ALA A O   1 
ATOM   204  C CB  . ALA A 1 25  ? 3.238   -7.222  10.080  1.00 6.74  ? 25  ALA A CB  1 
ATOM   205  N N   . TYR A 1 26  ? 5.052   -7.448  7.584   1.00 8.55  ? 26  TYR A N   1 
ATOM   206  C CA  . TYR A 1 26  ? 5.647   -6.859  6.407   1.00 8.77  ? 26  TYR A CA  1 
ATOM   207  C C   . TYR A 1 26  ? 5.413   -7.758  5.199   1.00 10.71 ? 26  TYR A C   1 
ATOM   208  O O   . TYR A 1 26  ? 4.993   -7.279  4.150   1.00 11.64 ? 26  TYR A O   1 
ATOM   209  C CB  . TYR A 1 26  ? 7.125   -6.605  6.653   1.00 12.27 ? 26  TYR A CB  1 
ATOM   210  C CG  . TYR A 1 26  ? 7.954   -6.363  5.418   1.00 15.61 ? 26  TYR A CG  1 
ATOM   211  C CD1 . TYR A 1 26  ? 7.706   -5.286  4.576   1.00 14.50 ? 26  TYR A CD1 1 
ATOM   212  C CD2 . TYR A 1 26  ? 9.002   -7.206  5.111   1.00 16.87 ? 26  TYR A CD2 1 
ATOM   213  C CE1 . TYR A 1 26  ? 8.491   -5.064  3.471   1.00 15.91 ? 26  TYR A CE1 1 
ATOM   214  C CE2 . TYR A 1 26  ? 9.784   -6.994  4.013   1.00 17.60 ? 26  TYR A CE2 1 
ATOM   215  C CZ  . TYR A 1 26  ? 9.527   -5.923  3.202   1.00 17.78 ? 26  TYR A CZ  1 
ATOM   216  O OH  . TYR A 1 26  ? 10.356  -5.723  2.133   1.00 17.70 ? 26  TYR A OH  1 
ATOM   217  N N   . ASN A 1 27  ? 5.584   -9.072  5.369   1.00 12.08 ? 27  ASN A N   1 
ATOM   218  C CA  . ASN A 1 27  ? 5.361   -10.010 4.255   1.00 8.93  ? 27  ASN A CA  1 
ATOM   219  C C   . ASN A 1 27  ? 3.940   -9.956  3.771   1.00 7.12  ? 27  ASN A C   1 
ATOM   220  O O   . ASN A 1 27  ? 3.707   -10.067 2.586   1.00 11.01 ? 27  ASN A O   1 
ATOM   221  C CB  . ASN A 1 27  ? 5.665   -11.456 4.637   1.00 11.53 ? 27  ASN A CB  1 
ATOM   222  C CG  . ASN A 1 27  ? 7.137   -11.750 4.720   1.00 14.25 ? 27  ASN A CG  1 
ATOM   223  O OD1 . ASN A 1 27  ? 7.954   -11.120 4.065   1.00 19.21 ? 27  ASN A OD1 1 
ATOM   224  N ND2 . ASN A 1 27  ? 7.480   -12.761 5.492   1.00 17.90 ? 27  ASN A ND2 1 
ATOM   225  N N   . GLU A 1 28  ? 2.990   -9.776  4.684   1.00 8.06  ? 28  GLU A N   1 
ATOM   226  C CA  . GLU A 1 28  ? 1.580   -9.726  4.320   1.00 8.01  ? 28  GLU A CA  1 
ATOM   227  C C   . GLU A 1 28  ? 1.279   -8.467  3.545   1.00 8.96  ? 28  GLU A C   1 
ATOM   228  O O   . GLU A 1 28  ? 0.460   -8.479  2.620   1.00 7.98  ? 28  GLU A O   1 
ATOM   229  C CB  . GLU A 1 28  ? 0.693   -9.836  5.553   1.00 9.12  ? 28  GLU A CB  1 
ATOM   230  C CG  . GLU A 1 28  ? 0.945   -11.130 6.317   1.00 12.03 ? 28  GLU A CG  1 
ATOM   231  C CD  . GLU A 1 28  ? 0.241   -11.204 7.645   1.00 15.33 ? 28  GLU A CD  1 
ATOM   232  O OE1 . GLU A 1 28  ? -0.160  -10.162 8.180   1.00 16.32 ? 28  GLU A OE1 1 
ATOM   233  O OE2 . GLU A 1 28  ? 0.097   -12.317 8.185   1.00 16.41 ? 28  GLU A OE2 1 
ATOM   234  N N   . VAL A 1 29  ? 1.950   -7.373  3.901   1.00 9.00  ? 29  VAL A N   1 
ATOM   235  C CA  . VAL A 1 29  ? 1.741   -6.139  3.159   1.00 8.45  ? 29  VAL A CA  1 
ATOM   236  C C   . VAL A 1 29  ? 2.290   -6.321  1.747   1.00 8.56  ? 29  VAL A C   1 
ATOM   237  O O   . VAL A 1 29  ? 1.580   -6.059  0.770   1.00 9.77  ? 29  VAL A O   1 
ATOM   238  C CB  . VAL A 1 29  ? 2.388   -4.920  3.840   1.00 8.02  ? 29  VAL A CB  1 
ATOM   239  C CG1 . VAL A 1 29  ? 2.361   -3.714  2.889   1.00 6.25  ? 29  VAL A CG1 1 
ATOM   240  C CG2 . VAL A 1 29  ? 1.618   -4.588  5.080   1.00 6.80  ? 29  VAL A CG2 1 
ATOM   241  N N   . LYS A 1 30  ? 3.523   -6.807  1.613   1.00 9.33  ? 30  LYS A N   1 
ATOM   242  C CA  . LYS A 1 30  ? 4.071   -7.005  0.276   1.00 10.29 ? 30  LYS A CA  1 
ATOM   243  C C   . LYS A 1 30  ? 3.188   -7.910  -0.576  1.00 11.78 ? 30  LYS A C   1 
ATOM   244  O O   . LYS A 1 30  ? 2.969   -7.641  -1.754  1.00 11.23 ? 30  LYS A O   1 
ATOM   245  C CB  . LYS A 1 30  ? 5.479   -7.556  0.330   1.00 13.82 ? 30  LYS A CB  1 
ATOM   246  C CG  . LYS A 1 30  ? 6.530   -6.470  0.341   1.00 23.06 ? 30  LYS A CG  1 
ATOM   247  C CD  . LYS A 1 30  ? 7.883   -6.986  -0.155  1.00 28.67 ? 30  LYS A CD  1 
ATOM   248  C CE  . LYS A 1 30  ? 8.347   -8.182  0.680   1.00 35.53 ? 30  LYS A CE  1 
ATOM   249  N NZ  . LYS A 1 30  ? 9.760   -8.603  0.387   1.00 36.51 ? 30  LYS A NZ  1 
ATOM   250  N N   . THR A 1 31  ? 2.612   -8.947  0.031   1.00 12.01 ? 31  THR A N   1 
ATOM   251  C CA  . THR A 1 31  ? 1.741   -9.838  -0.729  1.00 12.70 ? 31  THR A CA  1 
ATOM   252  C C   . THR A 1 31  ? 0.432   -9.183  -1.145  1.00 12.36 ? 31  THR A C   1 
ATOM   253  O O   . THR A 1 31  ? -0.033  -9.363  -2.274  1.00 12.38 ? 31  THR A O   1 
ATOM   254  C CB  . THR A 1 31  ? 1.468   -11.159 0.041   1.00 14.99 ? 31  THR A CB  1 
ATOM   255  O OG1 . THR A 1 31  ? 2.712   -11.839 0.245   1.00 19.31 ? 31  THR A OG1 1 
ATOM   256  C CG2 . THR A 1 31  ? 0.547   -12.064 -0.755  1.00 15.28 ? 31  THR A CG2 1 
ATOM   257  N N   . SER A 1 32  ? -0.156  -8.383  -0.269  1.00 11.32 ? 32  SER A N   1 
ATOM   258  C CA  . SER A 1 32  ? -1.407  -7.738  -0.613  1.00 10.00 ? 32  SER A CA  1 
ATOM   259  C C   . SER A 1 32  ? -1.244  -6.705  -1.725  1.00 9.47  ? 32  SER A C   1 
ATOM   260  O O   . SER A 1 32  ? -2.210  -6.420  -2.442  1.00 9.05  ? 32  SER A O   1 
ATOM   261  C CB  . SER A 1 32  ? -2.035  -7.106  0.631   1.00 13.73 ? 32  SER A CB  1 
ATOM   262  O OG  . SER A 1 32  ? -2.343  -8.106  1.603   1.00 22.67 ? 32  SER A OG  1 
ATOM   263  N N   . ILE A 1 33  ? -0.037  -6.139  -1.867  1.00 7.06  ? 33  ILE A N   1 
ATOM   264  C CA  . ILE A 1 33  ? 0.215   -5.150  -2.911  1.00 9.54  ? 33  ILE A CA  1 
ATOM   265  C C   . ILE A 1 33  ? 0.682   -5.807  -4.209  1.00 11.15 ? 33  ILE A C   1 
ATOM   266  O O   . ILE A 1 33  ? 0.483   -5.262  -5.284  1.00 13.53 ? 33  ILE A O   1 
ATOM   267  C CB  . ILE A 1 33  ? 1.142   -3.986  -2.448  1.00 5.84  ? 33  ILE A CB  1 
ATOM   268  C CG1 . ILE A 1 33  ? 1.009   -2.802  -3.395  1.00 5.33  ? 33  ILE A CG1 1 
ATOM   269  C CG2 . ILE A 1 33  ? 2.564   -4.404  -2.393  1.00 5.50  ? 33  ILE A CG2 1 
ATOM   270  C CD1 . ILE A 1 33  ? -0.432  -2.315  -3.579  1.00 7.13  ? 33  ILE A CD1 1 
ATOM   271  N N   . CYS A 1 34  ? 1.222   -7.013  -4.121  1.00 11.58 ? 34  CYS A N   1 
ATOM   272  C CA  . CYS A 1 34  ? 1.619   -7.737  -5.324  1.00 14.49 ? 34  CYS A CA  1 
ATOM   273  C C   . CYS A 1 34  ? 0.442   -8.486  -5.944  1.00 14.99 ? 34  CYS A C   1 
ATOM   274  O O   . CYS A 1 34  ? 0.360   -8.630  -7.151  1.00 17.12 ? 34  CYS A O   1 
ATOM   275  C CB  . CYS A 1 34  ? 2.732   -8.715  -5.015  1.00 14.73 ? 34  CYS A CB  1 
ATOM   276  S SG  . CYS A 1 34  ? 4.308   -7.889  -4.935  1.00 22.04 ? 34  CYS A SG  1 
ATOM   277  N N   . SER A 1 35  ? -0.508  -8.887  -5.113  1.00 15.85 ? 35  SER A N   1 
ATOM   278  C CA  . SER A 1 35  ? -1.684  -9.636  -5.548  1.00 17.12 ? 35  SER A CA  1 
ATOM   279  C C   . SER A 1 35  ? -2.684  -9.024  -6.524  1.00 18.46 ? 35  SER A C   1 
ATOM   280  O O   . SER A 1 35  ? -3.346  -9.774  -7.240  1.00 18.02 ? 35  SER A O   1 
ATOM   281  C CB  . SER A 1 35  ? -2.458  -10.151 -4.329  1.00 17.02 ? 35  SER A CB  1 
ATOM   282  O OG  . SER A 1 35  ? -1.675  -11.062 -3.585  1.00 19.50 ? 35  SER A OG  1 
ATOM   283  N N   . PRO A 1 36  ? -2.879  -7.689  -6.523  1.00 15.96 ? 36  PRO A N   1 
ATOM   284  C CA  . PRO A 1 36  ? -3.857  -7.174  -7.481  1.00 14.32 ? 36  PRO A CA  1 
ATOM   285  C C   . PRO A 1 36  ? -3.568  -7.572  -8.916  1.00 13.23 ? 36  PRO A C   1 
ATOM   286  O O   . PRO A 1 36  ? -2.416  -7.550  -9.343  1.00 13.59 ? 36  PRO A O   1 
ATOM   287  C CB  . PRO A 1 36  ? -3.751  -5.655  -7.297  1.00 15.22 ? 36  PRO A CB  1 
ATOM   288  C CG  . PRO A 1 36  ? -3.435  -5.530  -5.843  1.00 15.79 ? 36  PRO A CG  1 
ATOM   289  C CD  . PRO A 1 36  ? -2.368  -6.592  -5.678  1.00 17.53 ? 36  PRO A CD  1 
ATOM   290  N N   . ILE A 1 37  ? -4.627  -7.933  -9.635  1.00 12.50 ? 37  ILE A N   1 
ATOM   291  C CA  . ILE A 1 37  ? -4.559  -8.317  -11.041 1.00 12.94 ? 37  ILE A CA  1 
ATOM   292  C C   . ILE A 1 37  ? -5.653  -7.508  -11.747 1.00 11.09 ? 37  ILE A C   1 
ATOM   293  O O   . ILE A 1 37  ? -6.557  -6.998  -11.087 1.00 11.69 ? 37  ILE A O   1 
ATOM   294  C CB  . ILE A 1 37  ? -4.711  -9.882  -11.255 1.00 11.62 ? 37  ILE A CB  1 
ATOM   295  C CG1 . ILE A 1 37  ? -5.876  -10.469 -10.446 1.00 11.09 ? 37  ILE A CG1 1 
ATOM   296  C CG2 . ILE A 1 37  ? -3.443  -10.567 -10.832 1.00 10.81 ? 37  ILE A CG2 1 
ATOM   297  C CD1 . ILE A 1 37  ? -7.229  -10.184 -11.033 1.00 8.55  ? 37  ILE A CD1 1 
ATOM   298  N N   . TRP A 1 38  ? -5.509  -7.292  -13.050 1.00 10.42 ? 38  TRP A N   1 
ATOM   299  C CA  . TRP A 1 38  ? -6.494  -6.528  -13.808 1.00 12.05 ? 38  TRP A CA  1 
ATOM   300  C C   . TRP A 1 38  ? -6.349  -6.851  -15.285 1.00 13.20 ? 38  TRP A C   1 
ATOM   301  O O   . TRP A 1 38  ? -5.227  -6.871  -15.800 1.00 16.68 ? 38  TRP A O   1 
ATOM   302  C CB  . TRP A 1 38  ? -6.296  -5.013  -13.598 1.00 11.22 ? 38  TRP A CB  1 
ATOM   303  C CG  . TRP A 1 38  ? -7.394  -4.186  -14.175 1.00 6.66  ? 38  TRP A CG  1 
ATOM   304  C CD1 . TRP A 1 38  ? -7.381  -3.521  -15.351 1.00 7.74  ? 38  TRP A CD1 1 
ATOM   305  C CD2 . TRP A 1 38  ? -8.694  -4.005  -13.618 1.00 7.10  ? 38  TRP A CD2 1 
ATOM   306  N NE1 . TRP A 1 38  ? -8.606  -2.942  -15.578 1.00 10.38 ? 38  TRP A NE1 1 
ATOM   307  C CE2 . TRP A 1 38  ? -9.429  -3.226  -14.526 1.00 9.26  ? 38  TRP A CE2 1 
ATOM   308  C CE3 . TRP A 1 38  ? -9.313  -4.431  -12.446 1.00 10.79 ? 38  TRP A CE3 1 
ATOM   309  C CZ2 . TRP A 1 38  ? -10.753 -2.866  -14.292 1.00 11.46 ? 38  TRP A CZ2 1 
ATOM   310  C CZ3 . TRP A 1 38  ? -10.623 -4.074  -12.216 1.00 11.67 ? 38  TRP A CZ3 1 
ATOM   311  C CH2 . TRP A 1 38  ? -11.330 -3.298  -13.135 1.00 10.27 ? 38  TRP A CH2 1 
ATOM   312  N N   . PRO A 1 39  ? -7.463  -7.167  -15.979 1.00 13.85 ? 39  PRO A N   1 
ATOM   313  C CA  . PRO A 1 39  ? -8.859  -7.270  -15.527 1.00 12.82 ? 39  PRO A CA  1 
ATOM   314  C C   . PRO A 1 39  ? -9.028  -8.404  -14.514 1.00 13.07 ? 39  PRO A C   1 
ATOM   315  O O   . PRO A 1 39  ? -8.124  -9.200  -14.315 1.00 12.61 ? 39  PRO A O   1 
ATOM   316  C CB  . PRO A 1 39  ? -9.616  -7.573  -16.816 1.00 12.95 ? 39  PRO A CB  1 
ATOM   317  C CG  . PRO A 1 39  ? -8.724  -7.079  -17.884 1.00 15.17 ? 39  PRO A CG  1 
ATOM   318  C CD  . PRO A 1 39  ? -7.373  -7.474  -17.410 1.00 15.76 ? 39  PRO A CD  1 
ATOM   319  N N   . ALA A 1 40  ? -10.187 -8.481  -13.881 1.00 13.85 ? 40  ALA A N   1 
ATOM   320  C CA  . ALA A 1 40  ? -10.417 -9.498  -12.864 1.00 15.94 ? 40  ALA A CA  1 
ATOM   321  C C   . ALA A 1 40  ? -10.252 -10.952 -13.348 1.00 17.37 ? 40  ALA A C   1 
ATOM   322  O O   . ALA A 1 40  ? -10.032 -11.860 -12.536 1.00 21.14 ? 40  ALA A O   1 
ATOM   323  C CB  . ALA A 1 40  ? -11.772 -9.291  -12.235 1.00 14.37 ? 40  ALA A CB  1 
ATOM   324  N N   . THR A 1 41  ? -10.329 -11.171 -14.655 1.00 16.21 ? 41  THR A N   1 
ATOM   325  C CA  . THR A 1 41  ? -10.188 -12.515 -15.209 1.00 15.98 ? 41  THR A CA  1 
ATOM   326  C C   . THR A 1 41  ? -8.734  -12.918 -15.433 1.00 16.30 ? 41  THR A C   1 
ATOM   327  O O   . THR A 1 41  ? -8.414  -14.103 -15.599 1.00 14.64 ? 41  THR A O   1 
ATOM   328  C CB  . THR A 1 41  ? -10.948 -12.632 -16.547 1.00 14.49 ? 41  THR A CB  1 
ATOM   329  O OG1 . THR A 1 41  ? -10.591 -11.543 -17.408 1.00 16.93 ? 41  THR A OG1 1 
ATOM   330  C CG2 . THR A 1 41  ? -12.421 -12.602 -16.316 1.00 12.69 ? 41  THR A CG2 1 
ATOM   331  N N   . SER A 1 42  ? -7.863  -11.920 -15.367 1.00 13.90 ? 42  SER A N   1 
ATOM   332  C CA  . SER A 1 42  ? -6.441  -12.081 -15.613 1.00 14.67 ? 42  SER A CA  1 
ATOM   333  C C   . SER A 1 42  ? -5.587  -12.466 -14.418 1.00 13.54 ? 42  SER A C   1 
ATOM   334  O O   . SER A 1 42  ? -6.023  -12.433 -13.278 1.00 16.66 ? 42  SER A O   1 
ATOM   335  C CB  . SER A 1 42  ? -5.906  -10.786 -16.210 1.00 15.55 ? 42  SER A CB  1 
ATOM   336  O OG  . SER A 1 42  ? -4.658  -11.004 -16.807 1.00 22.59 ? 42  SER A OG  1 
ATOM   337  N N   . LYS A 1 43  ? -4.337  -12.807 -14.688 1.00 16.44 ? 43  LYS A N   1 
ATOM   338  C CA  . LYS A 1 43  ? -3.392  -13.189 -13.638 1.00 18.83 ? 43  LYS A CA  1 
ATOM   339  C C   . LYS A 1 43  ? -2.221  -12.206 -13.490 1.00 19.27 ? 43  LYS A C   1 
ATOM   340  O O   . LYS A 1 43  ? -1.258  -12.501 -12.771 1.00 19.91 ? 43  LYS A O   1 
ATOM   341  C CB  . LYS A 1 43  ? -2.865  -14.614 -13.879 1.00 19.37 ? 43  LYS A CB  1 
ATOM   342  C CG  . LYS A 1 43  ? -3.916  -15.675 -13.640 1.00 20.53 ? 43  LYS A CG  1 
ATOM   343  C CD  . LYS A 1 43  ? -4.368  -15.627 -12.204 1.00 21.31 ? 43  LYS A CD  1 
ATOM   344  C CE  . LYS A 1 43  ? -5.670  -16.355 -12.022 1.00 23.86 ? 43  LYS A CE  1 
ATOM   345  N NZ  . LYS A 1 43  ? -6.277  -15.940 -10.731 1.00 26.29 ? 43  LYS A NZ  1 
ATOM   346  N N   . THR A 1 44  ? -2.278  -11.088 -14.222 1.00 18.28 ? 44  THR A N   1 
ATOM   347  C CA  . THR A 1 44  ? -1.270  -10.023 -14.146 1.00 17.42 ? 44  THR A CA  1 
ATOM   348  C C   . THR A 1 44  ? -2.071  -8.752  -14.003 1.00 14.59 ? 44  THR A C   1 
ATOM   349  O O   . THR A 1 44  ? -3.293  -8.748  -14.177 1.00 13.24 ? 44  THR A O   1 
ATOM   350  C CB  . THR A 1 44  ? -0.412  -9.862  -15.437 1.00 18.16 ? 44  THR A CB  1 
ATOM   351  O OG1 . THR A 1 44  ? -1.262  -9.662  -16.572 1.00 21.53 ? 44  THR A OG1 1 
ATOM   352  C CG2 . THR A 1 44  ? 0.485   -11.064 -15.671 1.00 22.63 ? 44  THR A CG2 1 
ATOM   353  N N   . PHE A 1 45  ? -1.397  -7.670  -13.660 1.00 12.83 ? 45  PHE A N   1 
ATOM   354  C CA  . PHE A 1 45  ? -2.100  -6.403  -13.555 1.00 11.94 ? 45  PHE A CA  1 
ATOM   355  C C   . PHE A 1 45  ? -1.694  -5.601  -14.782 1.00 13.01 ? 45  PHE A C   1 
ATOM   356  O O   . PHE A 1 45  ? -0.509  -5.282  -14.957 1.00 12.95 ? 45  PHE A O   1 
ATOM   357  C CB  . PHE A 1 45  ? -1.718  -5.646  -12.294 1.00 11.23 ? 45  PHE A CB  1 
ATOM   358  C CG  . PHE A 1 45  ? -2.587  -4.469  -12.029 1.00 11.40 ? 45  PHE A CG  1 
ATOM   359  C CD1 . PHE A 1 45  ? -2.430  -3.310  -12.745 1.00 12.13 ? 45  PHE A CD1 1 
ATOM   360  C CD2 . PHE A 1 45  ? -3.603  -4.541  -11.104 1.00 11.33 ? 45  PHE A CD2 1 
ATOM   361  C CE1 . PHE A 1 45  ? -3.281  -2.238  -12.553 1.00 14.18 ? 45  PHE A CE1 1 
ATOM   362  C CE2 . PHE A 1 45  ? -4.451  -3.477  -10.912 1.00 14.02 ? 45  PHE A CE2 1 
ATOM   363  C CZ  . PHE A 1 45  ? -4.289  -2.325  -11.639 1.00 11.83 ? 45  PHE A CZ  1 
ATOM   364  N N   . THR A 1 46  ? -2.653  -5.378  -15.681 1.00 14.01 ? 46  THR A N   1 
ATOM   365  C CA  . THR A 1 46  ? -2.421  -4.596  -16.884 1.00 13.41 ? 46  THR A CA  1 
ATOM   366  C C   . THR A 1 46  ? -3.200  -3.303  -16.715 1.00 13.90 ? 46  THR A C   1 
ATOM   367  O O   . THR A 1 46  ? -4.373  -3.321  -16.357 1.00 14.93 ? 46  THR A O   1 
ATOM   368  C CB  . THR A 1 46  ? -2.886  -5.312  -18.152 1.00 13.65 ? 46  THR A CB  1 
ATOM   369  O OG1 . THR A 1 46  ? -2.120  -6.507  -18.325 1.00 14.96 ? 46  THR A OG1 1 
ATOM   370  C CG2 . THR A 1 46  ? -2.664  -4.434  -19.362 1.00 10.40 ? 46  THR A CG2 1 
ATOM   371  N N   . ILE A 1 47  ? -2.528  -2.182  -16.935 1.00 13.16 ? 47  ILE A N   1 
ATOM   372  C CA  . ILE A 1 47  ? -3.159  -0.882  -16.782 1.00 14.01 ? 47  ILE A CA  1 
ATOM   373  C C   . ILE A 1 47  ? -3.403  -0.270  -18.163 1.00 12.61 ? 47  ILE A C   1 
ATOM   374  O O   . ILE A 1 47  ? -2.548  -0.348  -19.061 1.00 12.28 ? 47  ILE A O   1 
ATOM   375  C CB  . ILE A 1 47  ? -2.276  0.068   -15.861 1.00 16.08 ? 47  ILE A CB  1 
ATOM   376  C CG1 . ILE A 1 47  ? -3.037  1.329   -15.448 1.00 16.84 ? 47  ILE A CG1 1 
ATOM   377  C CG2 . ILE A 1 47  ? -1.001  0.471   -16.558 1.00 15.23 ? 47  ILE A CG2 1 
ATOM   378  C CD1 . ILE A 1 47  ? -3.938  1.144   -14.241 1.00 17.09 ? 47  ILE A CD1 1 
ATOM   379  N N   . ASN A 1 48  ? -4.595  0.283   -18.347 1.00 13.86 ? 48  ASN A N   1 
ATOM   380  C CA  . ASN A 1 48  ? -4.947  0.929   -19.603 1.00 16.02 ? 48  ASN A CA  1 
ATOM   381  C C   . ASN A 1 48  ? -4.093  2.191   -19.761 1.00 15.23 ? 48  ASN A C   1 
ATOM   382  O O   . ASN A 1 48  ? -4.128  3.087   -18.913 1.00 13.59 ? 48  ASN A O   1 
ATOM   383  C CB  . ASN A 1 48  ? -6.429  1.292   -19.617 1.00 17.66 ? 48  ASN A CB  1 
ATOM   384  C CG  . ASN A 1 48  ? -6.855  1.917   -20.930 1.00 20.67 ? 48  ASN A CG  1 
ATOM   385  O OD1 . ASN A 1 48  ? -6.132  2.726   -21.521 1.00 23.52 ? 48  ASN A OD1 1 
ATOM   386  N ND2 . ASN A 1 48  ? -8.018  1.523   -21.414 1.00 22.20 ? 48  ASN A ND2 1 
ATOM   387  N N   . ASN A 1 49  ? -3.349  2.263   -20.857 1.00 16.00 ? 49  ASN A N   1 
ATOM   388  C CA  . ASN A 1 49  ? -2.464  3.391   -21.089 1.00 18.14 ? 49  ASN A CA  1 
ATOM   389  C C   . ASN A 1 49  ? -2.876  4.329   -22.208 1.00 20.01 ? 49  ASN A C   1 
ATOM   390  O O   . ASN A 1 49  ? -2.021  4.959   -22.823 1.00 19.88 ? 49  ASN A O   1 
ATOM   391  C CB  . ASN A 1 49  ? -1.043  2.895   -21.342 1.00 16.74 ? 49  ASN A CB  1 
ATOM   392  C CG  . ASN A 1 49  ? -0.926  2.101   -22.627 1.00 17.73 ? 49  ASN A CG  1 
ATOM   393  O OD1 . ASN A 1 49  ? -1.931  1.753   -23.232 1.00 17.97 ? 49  ASN A OD1 1 
ATOM   394  N ND2 . ASN A 1 49  ? 0.289   1.791   -23.031 1.00 15.92 ? 49  ASN A ND2 1 
ATOM   395  N N   . THR A 1 50  ? -4.176  4.469   -22.442 1.00 23.45 ? 50  THR A N   1 
ATOM   396  C CA  . THR A 1 50  ? -4.659  5.364   -23.487 1.00 27.50 ? 50  THR A CA  1 
ATOM   397  C C   . THR A 1 50  ? -4.262  6.834   -23.251 1.00 29.13 ? 50  THR A C   1 
ATOM   398  O O   . THR A 1 50  ? -3.577  7.428   -24.078 1.00 31.20 ? 50  THR A O   1 
ATOM   399  C CB  . THR A 1 50  ? -6.193  5.235   -23.703 1.00 29.09 ? 50  THR A CB  1 
ATOM   400  O OG1 . THR A 1 50  ? -6.896  5.444   -22.468 1.00 32.84 ? 50  THR A OG1 1 
ATOM   401  C CG2 . THR A 1 50  ? -6.543  3.848   -24.272 1.00 28.12 ? 50  THR A CG2 1 
ATOM   402  N N   . GLU A 1 51  ? -4.696  7.430   -22.143 1.00 29.01 ? 51  GLU A N   1 
ATOM   403  C CA  . GLU A 1 51  ? -4.347  8.823   -21.852 1.00 29.16 ? 51  GLU A CA  1 
ATOM   404  C C   . GLU A 1 51  ? -3.787  8.945   -20.451 1.00 26.74 ? 51  GLU A C   1 
ATOM   405  O O   . GLU A 1 51  ? -3.987  8.067   -19.604 1.00 27.00 ? 51  GLU A O   1 
ATOM   406  C CB  . GLU A 1 51  ? -5.575  9.738   -21.879 1.00 33.28 ? 51  GLU A CB  1 
ATOM   407  C CG  . GLU A 1 51  ? -6.609  9.488   -22.941 1.00 40.54 ? 51  GLU A CG  1 
ATOM   408  C CD  . GLU A 1 51  ? -7.955  10.108  -22.582 1.00 45.11 ? 51  GLU A CD  1 
ATOM   409  O OE1 . GLU A 1 51  ? -8.135  10.553  -21.427 1.00 47.79 ? 51  GLU A OE1 1 
ATOM   410  O OE2 . GLU A 1 51  ? -8.845  10.140  -23.458 1.00 49.63 ? 51  GLU A OE2 1 
ATOM   411  N N   . LYS A 1 52  ? -3.138  10.076  -20.198 1.00 22.77 ? 52  LYS A N   1 
ATOM   412  C CA  . LYS A 1 52  ? -2.605  10.384  -18.885 1.00 18.75 ? 52  LYS A CA  1 
ATOM   413  C C   . LYS A 1 52  ? -3.818  10.547  -17.975 1.00 16.60 ? 52  LYS A C   1 
ATOM   414  O O   . LYS A 1 52  ? -4.894  10.954  -18.429 1.00 15.56 ? 52  LYS A O   1 
ATOM   415  C CB  . LYS A 1 52  ? -1.820  11.686  -18.933 1.00 19.70 ? 52  LYS A CB  1 
ATOM   416  N N   . ASN A 1 53  ? -3.664  10.133  -16.724 1.00 16.07 ? 53  ASN A N   1 
ATOM   417  C CA  . ASN A 1 53  ? -4.709  10.236  -15.706 1.00 17.21 ? 53  ASN A CA  1 
ATOM   418  C C   . ASN A 1 53  ? -6.057  9.556   -15.961 1.00 17.86 ? 53  ASN A C   1 
ATOM   419  O O   . ASN A 1 53  ? -7.055  9.952   -15.346 1.00 18.55 ? 53  ASN A O   1 
ATOM   420  C CB  . ASN A 1 53  ? -4.974  11.702  -15.368 1.00 20.40 ? 53  ASN A CB  1 
ATOM   421  C CG  . ASN A 1 53  ? -3.709  12.479  -15.107 1.00 22.35 ? 53  ASN A CG  1 
ATOM   422  O OD1 . ASN A 1 53  ? -3.529  13.571  -15.636 1.00 28.00 ? 53  ASN A OD1 1 
ATOM   423  N ND2 . ASN A 1 53  ? -2.821  11.926  -14.303 1.00 22.80 ? 53  ASN A ND2 1 
ATOM   424  N N   . CYS A 1 54  ? -6.097  8.508   -16.784 1.00 17.15 ? 54  CYS A N   1 
ATOM   425  C CA  . CYS A 1 54  ? -7.374  7.839   -17.087 1.00 16.12 ? 54  CYS A CA  1 
ATOM   426  C C   . CYS A 1 54  ? -7.913  6.829   -16.090 1.00 15.81 ? 54  CYS A C   1 
ATOM   427  O O   . CYS A 1 54  ? -9.117  6.541   -16.079 1.00 16.66 ? 54  CYS A O   1 
ATOM   428  C CB  . CYS A 1 54  ? -7.356  7.213   -18.484 1.00 17.02 ? 54  CYS A CB  1 
ATOM   429  S SG  . CYS A 1 54  ? -6.023  6.024   -18.829 1.00 20.78 ? 54  CYS A SG  1 
ATOM   430  N N   . ASN A 1 55  ? -7.057  6.335   -15.211 1.00 14.36 ? 55  ASN A N   1 
ATOM   431  C CA  . ASN A 1 55  ? -7.491  5.323   -14.261 1.00 14.45 ? 55  ASN A CA  1 
ATOM   432  C C   . ASN A 1 55  ? -7.646  5.812   -12.843 1.00 13.40 ? 55  ASN A C   1 
ATOM   433  O O   . ASN A 1 55  ? -6.958  6.720   -12.416 1.00 13.00 ? 55  ASN A O   1 
ATOM   434  C CB  . ASN A 1 55  ? -6.489  4.160   -14.266 1.00 15.71 ? 55  ASN A CB  1 
ATOM   435  C CG  . ASN A 1 55  ? -6.400  3.467   -15.609 1.00 16.68 ? 55  ASN A CG  1 
ATOM   436  O OD1 . ASN A 1 55  ? -7.311  2.736   -15.995 1.00 16.69 ? 55  ASN A OD1 1 
ATOM   437  N ND2 . ASN A 1 55  ? -5.313  3.696   -16.329 1.00 15.22 ? 55  ASN A ND2 1 
ATOM   438  N N   . GLY A 1 56  ? -8.525  5.165   -12.099 1.00 13.21 ? 56  GLY A N   1 
ATOM   439  C CA  . GLY A 1 56  ? -8.700  5.505   -10.703 1.00 14.60 ? 56  GLY A CA  1 
ATOM   440  C C   . GLY A 1 56  ? -7.656  4.728   -9.903  1.00 13.00 ? 56  GLY A C   1 
ATOM   441  O O   . GLY A 1 56  ? -7.076  3.775   -10.416 1.00 14.00 ? 56  GLY A O   1 
ATOM   442  N N   . VAL A 1 57  ? -7.419  5.124   -8.656  1.00 12.77 ? 57  VAL A N   1 
ATOM   443  C CA  . VAL A 1 57  ? -6.439  4.450   -7.806  1.00 12.02 ? 57  VAL A CA  1 
ATOM   444  C C   . VAL A 1 57  ? -7.098  3.990   -6.516  1.00 13.56 ? 57  VAL A C   1 
ATOM   445  O O   . VAL A 1 57  ? -6.644  3.028   -5.887  1.00 16.60 ? 57  VAL A O   1 
ATOM   446  C CB  . VAL A 1 57  ? -5.235  5.371   -7.448  1.00 11.91 ? 57  VAL A CB  1 
ATOM   447  C CG1 . VAL A 1 57  ? -5.715  6.578   -6.729  1.00 8.90  ? 57  VAL A CG1 1 
ATOM   448  C CG2 . VAL A 1 57  ? -4.237  4.641   -6.573  1.00 8.60  ? 57  VAL A CG2 1 
ATOM   449  N N   . VAL A 1 58  ? -8.201  4.631   -6.143  1.00 12.54 ? 58  VAL A N   1 
ATOM   450  C CA  . VAL A 1 58  ? -8.867  4.261   -4.899  1.00 12.09 ? 58  VAL A CA  1 
ATOM   451  C C   . VAL A 1 58  ? -9.312  2.796   -4.879  1.00 13.01 ? 58  VAL A C   1 
ATOM   452  O O   . VAL A 1 58  ? -9.137  2.135   -3.859  1.00 13.49 ? 58  VAL A O   1 
ATOM   453  C CB  . VAL A 1 58  ? -9.992  5.236   -4.500  1.00 11.08 ? 58  VAL A CB  1 
ATOM   454  C CG1 . VAL A 1 58  ? -10.690 4.751   -3.214  1.00 11.46 ? 58  VAL A CG1 1 
ATOM   455  C CG2 . VAL A 1 58  ? -9.387  6.628   -4.254  1.00 9.96  ? 58  VAL A CG2 1 
ATOM   456  N N   . PRO A 1 59  ? -9.868  2.269   -5.996  1.00 13.05 ? 59  PRO A N   1 
ATOM   457  C CA  . PRO A 1 59  ? -10.283 0.856   -5.990  1.00 14.10 ? 59  PRO A CA  1 
ATOM   458  C C   . PRO A 1 59  ? -9.130  -0.098  -5.632  1.00 14.11 ? 59  PRO A C   1 
ATOM   459  O O   . PRO A 1 59  ? -9.346  -1.097  -4.940  1.00 14.33 ? 59  PRO A O   1 
ATOM   460  C CB  . PRO A 1 59  ? -10.793 0.653   -7.415  1.00 13.65 ? 59  PRO A CB  1 
ATOM   461  C CG  . PRO A 1 59  ? -11.447 1.953   -7.690  1.00 14.63 ? 59  PRO A CG  1 
ATOM   462  C CD  . PRO A 1 59  ? -10.418 2.949   -7.183  1.00 11.45 ? 59  PRO A CD  1 
ATOM   463  N N   . ILE A 1 60  ? -7.909  0.248   -6.060  1.00 13.97 ? 60  ILE A N   1 
ATOM   464  C CA  . ILE A 1 60  ? -6.711  -0.545  -5.776  1.00 13.28 ? 60  ILE A CA  1 
ATOM   465  C C   . ILE A 1 60  ? -6.415  -0.537  -4.278  1.00 13.79 ? 60  ILE A C   1 
ATOM   466  O O   . ILE A 1 60  ? -6.065  -1.569  -3.692  1.00 14.10 ? 60  ILE A O   1 
ATOM   467  C CB  . ILE A 1 60  ? -5.479  -0.010  -6.563  1.00 16.24 ? 60  ILE A CB  1 
ATOM   468  C CG1 . ILE A 1 60  ? -5.814  0.059   -8.055  1.00 15.18 ? 60  ILE A CG1 1 
ATOM   469  C CG2 . ILE A 1 60  ? -4.262  -0.912  -6.338  1.00 14.74 ? 60  ILE A CG2 1 
ATOM   470  C CD1 . ILE A 1 60  ? -4.765  0.762   -8.913  1.00 16.38 ? 60  ILE A CD1 1 
ATOM   471  N N   . LYS A 1 61  ? -6.572  0.628   -3.653  1.00 12.60 ? 61  LYS A N   1 
ATOM   472  C CA  . LYS A 1 61  ? -6.339  0.773   -2.216  1.00 11.49 ? 61  LYS A CA  1 
ATOM   473  C C   . LYS A 1 61  ? -7.391  -0.022  -1.441  1.00 10.32 ? 61  LYS A C   1 
ATOM   474  O O   . LYS A 1 61  ? -7.090  -0.676  -0.453  1.00 10.70 ? 61  LYS A O   1 
ATOM   475  C CB  . LYS A 1 61  ? -6.405  2.258   -1.838  1.00 12.05 ? 61  LYS A CB  1 
ATOM   476  C CG  . LYS A 1 61  ? -6.507  2.567   -0.372  1.00 13.93 ? 61  LYS A CG  1 
ATOM   477  C CD  . LYS A 1 61  ? -6.430  4.062   -0.216  1.00 19.09 ? 61  LYS A CD  1 
ATOM   478  C CE  . LYS A 1 61  ? -7.435  4.631   0.757   1.00 21.96 ? 61  LYS A CE  1 
ATOM   479  N NZ  . LYS A 1 61  ? -7.057  6.075   1.012   1.00 24.62 ? 61  LYS A NZ  1 
ATOM   480  N N   . GLU A 1 62  ? -8.631  0.049   -1.887  1.00 10.02 ? 62  GLU A N   1 
ATOM   481  C CA  . GLU A 1 62  ? -9.695  -0.673  -1.228  1.00 12.46 ? 62  GLU A CA  1 
ATOM   482  C C   . GLU A 1 62  ? -9.420  -2.153  -1.333  1.00 12.27 ? 62  GLU A C   1 
ATOM   483  O O   . GLU A 1 62  ? -9.591  -2.874  -0.354  1.00 14.24 ? 62  GLU A O   1 
ATOM   484  C CB  . GLU A 1 62  ? -11.058 -0.361  -1.850  1.00 17.38 ? 62  GLU A CB  1 
ATOM   485  C CG  . GLU A 1 62  ? -11.728 0.930   -1.363  1.00 24.04 ? 62  GLU A CG  1 
ATOM   486  C CD  . GLU A 1 62  ? -11.830 1.005   0.151   1.00 27.95 ? 62  GLU A CD  1 
ATOM   487  O OE1 . GLU A 1 62  ? -12.380 0.070   0.778   1.00 28.49 ? 62  GLU A OE1 1 
ATOM   488  O OE2 . GLU A 1 62  ? -11.335 2.003   0.713   1.00 31.17 ? 62  GLU A OE2 1 
ATOM   489  N N   . LEU A 1 63  ? -8.981  -2.619  -2.500  1.00 10.20 ? 63  LEU A N   1 
ATOM   490  C CA  . LEU A 1 63  ? -8.689  -4.046  -2.666  1.00 10.39 ? 63  LEU A CA  1 
ATOM   491  C C   . LEU A 1 63  ? -7.571  -4.478  -1.729  1.00 12.16 ? 63  LEU A C   1 
ATOM   492  O O   . LEU A 1 63  ? -7.676  -5.494  -1.028  1.00 12.91 ? 63  LEU A O   1 
ATOM   493  C CB  . LEU A 1 63  ? -8.310  -4.368  -4.110  1.00 8.50  ? 63  LEU A CB  1 
ATOM   494  C CG  . LEU A 1 63  ? -7.860  -5.819  -4.362  1.00 10.72 ? 63  LEU A CG  1 
ATOM   495  C CD1 . LEU A 1 63  ? -9.001  -6.823  -4.121  1.00 6.44  ? 63  LEU A CD1 1 
ATOM   496  C CD2 . LEU A 1 63  ? -7.326  -5.932  -5.769  1.00 10.19 ? 63  LEU A CD2 1 
ATOM   497  N N   . CYS A 1 64  ? -6.504  -3.696  -1.701  1.00 10.86 ? 64  CYS A N   1 
ATOM   498  C CA  . CYS A 1 64  ? -5.377  -3.981  -0.836  1.00 10.99 ? 64  CYS A CA  1 
ATOM   499  C C   . CYS A 1 64  ? -5.783  -4.064  0.634   1.00 12.03 ? 64  CYS A C   1 
ATOM   500  O O   . CYS A 1 64  ? -5.469  -5.038  1.324   1.00 14.67 ? 64  CYS A O   1 
ATOM   501  C CB  . CYS A 1 64  ? -4.319  -2.893  -1.011  1.00 12.51 ? 64  CYS A CB  1 
ATOM   502  S SG  . CYS A 1 64  ? -2.908  -3.086  0.050   1.00 16.01 ? 64  CYS A SG  1 
ATOM   503  N N   . TYR A 1 65  ? -6.525  -3.071  1.111   1.00 11.43 ? 65  TYR A N   1 
ATOM   504  C CA  . TYR A 1 65  ? -6.959  -3.044  2.508   1.00 12.64 ? 65  TYR A CA  1 
ATOM   505  C C   . TYR A 1 65  ? -7.903  -4.187  2.853   1.00 14.64 ? 65  TYR A C   1 
ATOM   506  O O   . TYR A 1 65  ? -7.956  -4.639  4.002   1.00 15.47 ? 65  TYR A O   1 
ATOM   507  C CB  . TYR A 1 65  ? -7.637  -1.715  2.837   1.00 12.16 ? 65  TYR A CB  1 
ATOM   508  C CG  . TYR A 1 65  ? -6.696  -0.525  2.945   1.00 10.35 ? 65  TYR A CG  1 
ATOM   509  C CD1 . TYR A 1 65  ? -5.338  -0.630  2.646   1.00 10.81 ? 65  TYR A CD1 1 
ATOM   510  C CD2 . TYR A 1 65  ? -7.180  0.700   3.347   1.00 11.70 ? 65  TYR A CD2 1 
ATOM   511  C CE1 . TYR A 1 65  ? -4.495  0.470   2.755   1.00 11.71 ? 65  TYR A CE1 1 
ATOM   512  C CE2 . TYR A 1 65  ? -6.369  1.792   3.454   1.00 12.12 ? 65  TYR A CE2 1 
ATOM   513  C CZ  . TYR A 1 65  ? -5.035  1.687   3.165   1.00 13.32 ? 65  TYR A CZ  1 
ATOM   514  O OH  . TYR A 1 65  ? -4.245  2.812   3.317   1.00 14.78 ? 65  TYR A OH  1 
ATOM   515  N N   . THR A 1 66  ? -8.712  -4.585  1.880   1.00 15.99 ? 66  THR A N   1 
ATOM   516  C CA  . THR A 1 66  ? -9.653  -5.690  2.040   1.00 16.23 ? 66  THR A CA  1 
ATOM   517  C C   . THR A 1 66  ? -8.929  -7.048  2.195   1.00 15.38 ? 66  THR A C   1 
ATOM   518  O O   . THR A 1 66  ? -9.301  -7.849  3.053   1.00 18.37 ? 66  THR A O   1 
ATOM   519  C CB  . THR A 1 66  ? -10.680 -5.692  0.882   1.00 17.31 ? 66  THR A CB  1 
ATOM   520  O OG1 . THR A 1 66  ? -11.527 -4.544  1.024   1.00 15.14 ? 66  THR A OG1 1 
ATOM   521  C CG2 . THR A 1 66  ? -11.541 -6.974  0.887   1.00 18.80 ? 66  THR A CG2 1 
ATOM   522  N N   . LEU A 1 67  ? -7.879  -7.291  1.418   1.00 13.93 ? 67  LEU A N   1 
ATOM   523  C CA  . LEU A 1 67  ? -7.100  -8.520  1.549   1.00 14.43 ? 67  LEU A CA  1 
ATOM   524  C C   . LEU A 1 67  ? -6.479  -8.568  2.938   1.00 15.77 ? 67  LEU A C   1 
ATOM   525  O O   . LEU A 1 67  ? -6.541  -9.589  3.636   1.00 13.81 ? 67  LEU A O   1 
ATOM   526  C CB  . LEU A 1 67  ? -5.974  -8.526  0.528   1.00 16.44 ? 67  LEU A CB  1 
ATOM   527  C CG  . LEU A 1 67  ? -6.252  -8.972  -0.898  1.00 18.34 ? 67  LEU A CG  1 
ATOM   528  C CD1 . LEU A 1 67  ? -5.084  -8.549  -1.778  1.00 18.75 ? 67  LEU A CD1 1 
ATOM   529  C CD2 . LEU A 1 67  ? -6.447  -10.489 -0.912  1.00 20.91 ? 67  LEU A CD2 1 
ATOM   530  N N   . LEU A 1 68  ? -5.854  -7.460  3.344   1.00 14.19 ? 68  LEU A N   1 
ATOM   531  C CA  . LEU A 1 68  ? -5.234  -7.391  4.666   1.00 13.03 ? 68  LEU A CA  1 
ATOM   532  C C   . LEU A 1 68  ? -6.276  -7.629  5.765   1.00 13.20 ? 68  LEU A C   1 
ATOM   533  O O   . LEU A 1 68  ? -6.042  -8.384  6.699   1.00 15.13 ? 68  LEU A O   1 
ATOM   534  C CB  . LEU A 1 68  ? -4.555  -6.026  4.866   1.00 11.05 ? 68  LEU A CB  1 
ATOM   535  C CG  . LEU A 1 68  ? -3.365  -5.806  3.953   1.00 12.23 ? 68  LEU A CG  1 
ATOM   536  C CD1 . LEU A 1 68  ? -2.938  -4.352  4.004   1.00 13.60 ? 68  LEU A CD1 1 
ATOM   537  C CD2 . LEU A 1 68  ? -2.236  -6.741  4.392   1.00 10.11 ? 68  LEU A CD2 1 
ATOM   538  N N   . GLU A 1 69  ? -7.435  -7.003  5.626   1.00 13.11 ? 69  GLU A N   1 
ATOM   539  C CA  . GLU A 1 69  ? -8.492  -7.140  6.612   1.00 16.71 ? 69  GLU A CA  1 
ATOM   540  C C   . GLU A 1 69  ? -9.081  -8.550  6.635   1.00 16.96 ? 69  GLU A C   1 
ATOM   541  O O   . GLU A 1 69  ? -8.967  -9.262  7.626   1.00 17.26 ? 69  GLU A O   1 
ATOM   542  C CB  . GLU A 1 69  ? -9.578  -6.115  6.324   1.00 19.38 ? 69  GLU A CB  1 
ATOM   543  C CG  . GLU A 1 69  ? -10.542 -5.860  7.469   1.00 29.44 ? 69  GLU A CG  1 
ATOM   544  C CD  . GLU A 1 69  ? -11.547 -4.741  7.176   1.00 33.45 ? 69  GLU A CD  1 
ATOM   545  O OE1 . GLU A 1 69  ? -11.695 -4.330  6.000   1.00 38.01 ? 69  GLU A OE1 1 
ATOM   546  O OE2 . GLU A 1 69  ? -12.197 -4.270  8.133   1.00 35.74 ? 69  GLU A OE2 1 
ATOM   547  N N   . ASP A 1 70  ? -9.664  -8.963  5.521   1.00 18.65 ? 70  ASP A N   1 
ATOM   548  C CA  . ASP A 1 70  ? -10.289 -10.286 5.394   1.00 21.72 ? 70  ASP A CA  1 
ATOM   549  C C   . ASP A 1 70  ? -9.399  -11.528 5.473   1.00 20.06 ? 70  ASP A C   1 
ATOM   550  O O   . ASP A 1 70  ? -9.738  -12.503 6.129   1.00 23.33 ? 70  ASP A O   1 
ATOM   551  C CB  . ASP A 1 70  ? -11.108 -10.339 4.105   1.00 25.95 ? 70  ASP A CB  1 
ATOM   552  C CG  . ASP A 1 70  ? -12.326 -9.434  4.152   1.00 31.03 ? 70  ASP A CG  1 
ATOM   553  O OD1 . ASP A 1 70  ? -12.648 -8.912  5.246   1.00 33.77 ? 70  ASP A OD1 1 
ATOM   554  O OD2 . ASP A 1 70  ? -12.966 -9.249  3.092   1.00 35.20 ? 70  ASP A OD2 1 
ATOM   555  N N   . THR A 1 71  ? -8.273  -11.496 4.786   1.00 18.42 ? 71  THR A N   1 
ATOM   556  C CA  . THR A 1 71  ? -7.363  -12.616 4.753   1.00 16.46 ? 71  THR A CA  1 
ATOM   557  C C   . THR A 1 71  ? -6.291  -12.577 5.806   1.00 17.93 ? 71  THR A C   1 
ATOM   558  O O   . THR A 1 71  ? -5.855  -13.624 6.282   1.00 18.06 ? 71  THR A O   1 
ATOM   559  C CB  . THR A 1 71  ? -6.660  -12.671 3.401   1.00 14.51 ? 71  THR A CB  1 
ATOM   560  O OG1 . THR A 1 71  ? -7.638  -12.856 2.383   1.00 17.06 ? 71  THR A OG1 1 
ATOM   561  C CG2 . THR A 1 71  ? -5.684  -13.807 3.340   1.00 15.30 ? 71  THR A CG2 1 
ATOM   562  N N   . TYR A 1 72  ? -5.844  -11.380 6.169   1.00 14.85 ? 72  TYR A N   1 
ATOM   563  C CA  . TYR A 1 72  ? -4.758  -11.298 7.129   1.00 13.54 ? 72  TYR A CA  1 
ATOM   564  C C   . TYR A 1 72  ? -5.055  -10.784 8.522   1.00 13.79 ? 72  TYR A C   1 
ATOM   565  O O   . TYR A 1 72  ? -4.159  -10.702 9.366   1.00 15.97 ? 72  TYR A O   1 
ATOM   566  C CB  . TYR A 1 72  ? -3.587  -10.577 6.490   1.00 14.61 ? 72  TYR A CB  1 
ATOM   567  C CG  . TYR A 1 72  ? -3.079  -11.312 5.272   1.00 15.18 ? 72  TYR A CG  1 
ATOM   568  C CD1 . TYR A 1 72  ? -2.418  -12.528 5.409   1.00 15.91 ? 72  TYR A CD1 1 
ATOM   569  C CD2 . TYR A 1 72  ? -3.245  -10.797 3.997   1.00 14.39 ? 72  TYR A CD2 1 
ATOM   570  C CE1 . TYR A 1 72  ? -1.931  -13.210 4.313   1.00 16.45 ? 72  TYR A CE1 1 
ATOM   571  C CE2 . TYR A 1 72  ? -2.763  -11.476 2.891   1.00 17.71 ? 72  TYR A CE2 1 
ATOM   572  C CZ  . TYR A 1 72  ? -2.105  -12.683 3.066   1.00 17.62 ? 72  TYR A CZ  1 
ATOM   573  O OH  . TYR A 1 72  ? -1.605  -13.368 1.995   1.00 19.41 ? 72  TYR A OH  1 
ATOM   574  N N   . ASN A 1 73  ? -6.320  -10.488 8.770   1.00 15.48 ? 73  ASN A N   1 
ATOM   575  C CA  . ASN A 1 73  ? -6.796  -10.035 10.063  1.00 19.17 ? 73  ASN A CA  1 
ATOM   576  C C   . ASN A 1 73  ? -6.215  -8.719  10.576  1.00 19.90 ? 73  ASN A C   1 
ATOM   577  O O   . ASN A 1 73  ? -5.924  -8.581  11.772  1.00 20.17 ? 73  ASN A O   1 
ATOM   578  C CB  . ASN A 1 73  ? -6.631  -11.136 11.119  1.00 23.78 ? 73  ASN A CB  1 
ATOM   579  C CG  . ASN A 1 73  ? -7.296  -12.431 10.697  1.00 28.36 ? 73  ASN A CG  1 
ATOM   580  O OD1 . ASN A 1 73  ? -6.629  -13.448 10.528  1.00 31.63 ? 73  ASN A OD1 1 
ATOM   581  N ND2 . ASN A 1 73  ? -8.607  -12.398 10.495  1.00 31.73 ? 73  ASN A ND2 1 
ATOM   582  N N   . TRP A 1 74  ? -6.044  -7.770  9.668   1.00 19.93 ? 74  TRP A N   1 
ATOM   583  C CA  . TRP A 1 74  ? -5.569  -6.433  10.027  1.00 19.49 ? 74  TRP A CA  1 
ATOM   584  C C   . TRP A 1 74  ? -6.811  -5.621  10.406  1.00 21.33 ? 74  TRP A C   1 
ATOM   585  O O   . TRP A 1 74  ? -7.924  -5.976  10.018  1.00 22.31 ? 74  TRP A O   1 
ATOM   586  C CB  . TRP A 1 74  ? -4.888  -5.768  8.816   1.00 14.72 ? 74  TRP A CB  1 
ATOM   587  C CG  . TRP A 1 74  ? -3.504  -6.231  8.539   1.00 13.36 ? 74  TRP A CG  1 
ATOM   588  C CD1 . TRP A 1 74  ? -3.075  -7.516  8.326   1.00 11.35 ? 74  TRP A CD1 1 
ATOM   589  C CD2 . TRP A 1 74  ? -2.332  -5.410  8.481   1.00 12.06 ? 74  TRP A CD2 1 
ATOM   590  N NE1 . TRP A 1 74  ? -1.718  -7.539  8.155   1.00 12.45 ? 74  TRP A NE1 1 
ATOM   591  C CE2 . TRP A 1 74  ? -1.232  -6.262  8.239   1.00 13.05 ? 74  TRP A CE2 1 
ATOM   592  C CE3 . TRP A 1 74  ? -2.103  -4.036  8.617   1.00 12.64 ? 74  TRP A CE3 1 
ATOM   593  C CZ2 . TRP A 1 74  ? 0.064   -5.781  8.138   1.00 11.24 ? 74  TRP A CZ2 1 
ATOM   594  C CZ3 . TRP A 1 74  ? -0.818  -3.565  8.526   1.00 10.69 ? 74  TRP A CZ3 1 
ATOM   595  C CH2 . TRP A 1 74  ? 0.249   -4.434  8.283   1.00 13.72 ? 74  TRP A CH2 1 
ATOM   596  N N   . TYR A 1 75  ? -6.644  -4.545  11.164  1.00 24.46 ? 75  TYR A N   1 
ATOM   597  C CA  . TYR A 1 75  ? -7.785  -3.705  11.535  1.00 26.11 ? 75  TYR A CA  1 
ATOM   598  C C   . TYR A 1 75  ? -7.747  -2.438  10.689  1.00 25.66 ? 75  TYR A C   1 
ATOM   599  O O   . TYR A 1 75  ? -6.688  -2.047  10.209  1.00 22.20 ? 75  TYR A O   1 
ATOM   600  C CB  . TYR A 1 75  ? -7.696  -3.288  13.009  1.00 33.79 ? 75  TYR A CB  1 
ATOM   601  C CG  . TYR A 1 75  ? -7.780  -4.417  14.025  1.00 42.20 ? 75  TYR A CG  1 
ATOM   602  C CD1 . TYR A 1 75  ? -9.017  -4.938  14.414  1.00 46.57 ? 75  TYR A CD1 1 
ATOM   603  C CD2 . TYR A 1 75  ? -6.627  -4.949  14.598  1.00 44.72 ? 75  TYR A CD2 1 
ATOM   604  C CE1 . TYR A 1 75  ? -9.096  -5.967  15.364  1.00 49.71 ? 75  TYR A CE1 1 
ATOM   605  C CE2 . TYR A 1 75  ? -6.693  -5.971  15.546  1.00 47.85 ? 75  TYR A CE2 1 
ATOM   606  C CZ  . TYR A 1 75  ? -7.925  -6.479  15.925  1.00 48.68 ? 75  TYR A CZ  1 
ATOM   607  O OH  . TYR A 1 75  ? -8.000  -7.480  16.866  1.00 47.94 ? 75  TYR A OH  1 
ATOM   608  N N   . ARG A 1 76  ? -8.895  -1.795  10.519  1.00 28.03 ? 76  ARG A N   1 
ATOM   609  C CA  . ARG A 1 76  ? -8.978  -0.541  9.778   1.00 32.46 ? 76  ARG A CA  1 
ATOM   610  C C   . ARG A 1 76  ? -9.338  0.633   10.694  1.00 35.19 ? 76  ARG A C   1 
ATOM   611  O O   . ARG A 1 76  ? -10.342 0.575   11.391  1.00 36.94 ? 76  ARG A O   1 
ATOM   612  C CB  . ARG A 1 76  ? -10.008 -0.652  8.656   1.00 31.85 ? 76  ARG A CB  1 
ATOM   613  C CG  . ARG A 1 76  ? -9.548  -1.531  7.515   1.00 32.72 ? 76  ARG A CG  1 
ATOM   614  C CD  . ARG A 1 76  ? -10.443 -1.380  6.297   1.00 33.87 ? 76  ARG A CD  1 
ATOM   615  N NE  . ARG A 1 76  ? -10.392 -0.041  5.721   1.00 34.63 ? 76  ARG A NE  1 
ATOM   616  C CZ  . ARG A 1 76  ? -10.738 0.240   4.464   1.00 35.60 ? 76  ARG A CZ  1 
ATOM   617  N NH1 . ARG A 1 76  ? -11.151 -0.731  3.643   1.00 35.06 ? 76  ARG A NH1 1 
ATOM   618  N NH2 . ARG A 1 76  ? -10.732 1.499   4.035   1.00 35.25 ? 76  ARG A NH2 1 
ATOM   619  N N   . GLU A 1 77  ? -8.484  1.663   10.701  1.00 39.35 ? 77  GLU A N   1 
ATOM   620  C CA  . GLU A 1 77  ? -8.644  2.916   11.492  1.00 43.32 ? 77  GLU A CA  1 
ATOM   621  C C   . GLU A 1 77  ? -8.229  3.006   12.982  1.00 44.23 ? 77  GLU A C   1 
ATOM   622  O O   . GLU A 1 77  ? -9.040  2.780   13.884  1.00 44.60 ? 77  GLU A O   1 
ATOM   623  C CB  . GLU A 1 77  ? -10.070 3.440   11.346  1.00 45.20 ? 77  GLU A CB  1 
ATOM   624  C CG  . GLU A 1 77  ? -10.417 3.839   9.928   1.00 53.02 ? 77  GLU A CG  1 
ATOM   625  C CD  . GLU A 1 77  ? -11.914 3.970   9.684   1.00 58.50 ? 77  GLU A CD  1 
ATOM   626  O OE1 . GLU A 1 77  ? -12.696 4.026   10.662  1.00 61.57 ? 77  GLU A OE1 1 
ATOM   627  O OE2 . GLU A 1 77  ? -12.309 4.011   8.496   1.00 61.97 ? 77  GLU A OE2 1 
ATOM   628  N N   . LYS A 1 78  ? -7.007  3.472   13.237  1.00 45.75 ? 78  LYS A N   1 
ATOM   629  C CA  . LYS A 1 78  ? -6.507  3.613   14.625  1.00 48.78 ? 78  LYS A CA  1 
ATOM   630  C C   . LYS A 1 78  ? -5.887  4.986   14.916  1.00 49.99 ? 78  LYS A C   1 
ATOM   631  O O   . LYS A 1 78  ? -4.698  5.191   14.573  1.00 51.07 ? 78  LYS A O   1 
ATOM   632  C CB  . LYS A 1 78  ? -5.468  2.532   14.941  1.00 48.91 ? 78  LYS A CB  1 
ATOM   633  N N   . PRO A 1 92  ? -5.773  7.673   13.735  1.00 27.74 ? 92  PRO A N   1 
ATOM   634  C CA  . PRO A 1 92  ? -6.482  7.374   12.465  1.00 23.30 ? 92  PRO A CA  1 
ATOM   635  C C   . PRO A 1 92  ? -5.527  6.812   11.401  1.00 21.21 ? 92  PRO A C   1 
ATOM   636  O O   . PRO A 1 92  ? -5.510  7.289   10.267  1.00 23.01 ? 92  PRO A O   1 
ATOM   637  C CB  . PRO A 1 92  ? -7.197  8.634   11.945  1.00 24.60 ? 92  PRO A CB  1 
ATOM   638  N N   . ILE A 1 93  ? -4.710  5.824   11.769  1.00 18.85 ? 93  ILE A N   1 
ATOM   639  C CA  . ILE A 1 93  ? -3.811  5.188   10.802  1.00 15.90 ? 93  ILE A CA  1 
ATOM   640  C C   . ILE A 1 93  ? -4.775  4.308   10.000  1.00 14.41 ? 93  ILE A C   1 
ATOM   641  O O   . ILE A 1 93  ? -5.658  3.683   10.575  1.00 16.23 ? 93  ILE A O   1 
ATOM   642  C CB  . ILE A 1 93  ? -2.725  4.335   11.511  1.00 15.65 ? 93  ILE A CB  1 
ATOM   643  C CG1 . ILE A 1 93  ? -1.865  5.240   12.381  1.00 16.30 ? 93  ILE A CG1 1 
ATOM   644  C CG2 . ILE A 1 93  ? -1.832  3.645   10.502  1.00 13.22 ? 93  ILE A CG2 1 
ATOM   645  C CD1 . ILE A 1 93  ? -0.672  4.564   12.968  1.00 16.24 ? 93  ILE A CD1 1 
ATOM   646  N N   . ASP A 1 94  ? -4.658  4.317   8.683   1.00 12.32 ? 94  ASP A N   1 
ATOM   647  C CA  . ASP A 1 94  ? -5.554  3.557   7.824   1.00 12.90 ? 94  ASP A CA  1 
ATOM   648  C C   . ASP A 1 94  ? -5.788  2.100   8.187   1.00 12.62 ? 94  ASP A C   1 
ATOM   649  O O   . ASP A 1 94  ? -6.933  1.656   8.288   1.00 14.74 ? 94  ASP A O   1 
ATOM   650  C CB  . ASP A 1 94  ? -5.093  3.648   6.384   1.00 14.07 ? 94  ASP A CB  1 
ATOM   651  C CG  . ASP A 1 94  ? -5.730  4.793   5.642   1.00 17.77 ? 94  ASP A CG  1 
ATOM   652  O OD1 . ASP A 1 94  ? -6.518  5.549   6.258   1.00 22.70 ? 94  ASP A OD1 1 
ATOM   653  O OD2 . ASP A 1 94  ? -5.450  4.941   4.440   1.00 17.25 ? 94  ASP A OD2 1 
ATOM   654  N N   . VAL A 1 95  ? -4.714  1.338   8.303   1.00 12.11 ? 95  VAL A N   1 
ATOM   655  C CA  . VAL A 1 95  ? -4.824  -0.074  8.660   1.00 11.93 ? 95  VAL A CA  1 
ATOM   656  C C   . VAL A 1 95  ? -3.634  -0.407  9.522   1.00 11.40 ? 95  VAL A C   1 
ATOM   657  O O   . VAL A 1 95  ? -2.579  0.211   9.383   1.00 9.27  ? 95  VAL A O   1 
ATOM   658  C CB  . VAL A 1 95  ? -4.822  -1.022  7.424   1.00 12.09 ? 95  VAL A CB  1 
ATOM   659  C CG1 . VAL A 1 95  ? -6.083  -0.877  6.634   1.00 16.77 ? 95  VAL A CG1 1 
ATOM   660  C CG2 . VAL A 1 95  ? -3.636  -0.774  6.557   1.00 13.91 ? 95  VAL A CG2 1 
ATOM   661  N N   . TYR A 1 96  ? -3.812  -1.345  10.443  1.00 9.32  ? 96  TYR A N   1 
ATOM   662  C CA  . TYR A 1 96  ? -2.723  -1.752  11.316  1.00 11.11 ? 96  TYR A CA  1 
ATOM   663  C C   . TYR A 1 96  ? -2.948  -3.170  11.795  1.00 11.56 ? 96  TYR A C   1 
ATOM   664  O O   . TYR A 1 96  ? -4.075  -3.675  11.792  1.00 10.24 ? 96  TYR A O   1 
ATOM   665  C CB  . TYR A 1 96  ? -2.616  -0.836  12.521  1.00 14.03 ? 96  TYR A CB  1 
ATOM   666  C CG  . TYR A 1 96  ? -3.812  -0.897  13.427  1.00 17.33 ? 96  TYR A CG  1 
ATOM   667  C CD1 . TYR A 1 96  ? -4.939  -0.143  13.159  1.00 20.76 ? 96  TYR A CD1 1 
ATOM   668  C CD2 . TYR A 1 96  ? -3.812  -1.706  14.555  1.00 17.20 ? 96  TYR A CD2 1 
ATOM   669  C CE1 . TYR A 1 96  ? -6.037  -0.196  13.990  1.00 24.64 ? 96  TYR A CE1 1 
ATOM   670  C CE2 . TYR A 1 96  ? -4.897  -1.763  15.394  1.00 20.86 ? 96  TYR A CE2 1 
ATOM   671  C CZ  . TYR A 1 96  ? -6.012  -1.008  15.117  1.00 24.06 ? 96  TYR A CZ  1 
ATOM   672  O OH  . TYR A 1 96  ? -7.106  -1.048  15.968  1.00 28.46 ? 96  TYR A OH  1 
ATOM   673  N N   . LYS A 1 97  ? -1.872  -3.823  12.187  1.00 12.91 ? 97  LYS A N   1 
ATOM   674  C CA  . LYS A 1 97  ? -1.999  -5.172  12.684  1.00 12.40 ? 97  LYS A CA  1 
ATOM   675  C C   . LYS A 1 97  ? -1.535  -5.074  14.094  1.00 10.48 ? 97  LYS A C   1 
ATOM   676  O O   . LYS A 1 97  ? -0.520  -4.471  14.364  1.00 10.74 ? 97  LYS A O   1 
ATOM   677  C CB  . LYS A 1 97  ? -1.107  -6.155  11.925  1.00 14.09 ? 97  LYS A CB  1 
ATOM   678  C CG  . LYS A 1 97  ? -1.619  -7.594  12.049  1.00 16.33 ? 97  LYS A CG  1 
ATOM   679  C CD  . LYS A 1 97  ? -0.695  -8.587  11.378  1.00 15.79 ? 97  LYS A CD  1 
ATOM   680  C CE  . LYS A 1 97  ? -1.386  -9.912  11.263  1.00 15.83 ? 97  LYS A CE  1 
ATOM   681  N NZ  . LYS A 1 97  ? -0.405  -10.906 10.815  1.00 20.43 ? 97  LYS A NZ  1 
ATOM   682  N N   . GLU A 1 98  ? -2.259  -5.711  14.986  1.00 11.08 ? 98  GLU A N   1 
ATOM   683  C CA  . GLU A 1 98  ? -1.936  -5.693  16.395  1.00 14.36 ? 98  GLU A CA  1 
ATOM   684  C C   . GLU A 1 98  ? -1.784  -7.150  16.864  1.00 16.37 ? 98  GLU A C   1 
ATOM   685  O O   . GLU A 1 98  ? -2.554  -8.015  16.456  1.00 18.52 ? 98  GLU A O   1 
ATOM   686  C CB  . GLU A 1 98  ? -3.085  -4.995  17.093  1.00 12.10 ? 98  GLU A CB  1 
ATOM   687  C CG  . GLU A 1 98  ? -2.951  -4.842  18.524  1.00 15.66 ? 98  GLU A CG  1 
ATOM   688  C CD  . GLU A 1 98  ? -4.046  -4.002  19.019  1.00 18.41 ? 98  GLU A CD  1 
ATOM   689  O OE1 . GLU A 1 98  ? -3.876  -2.775  19.022  1.00 18.64 ? 98  GLU A OE1 1 
ATOM   690  O OE2 . GLU A 1 98  ? -5.096  -4.555  19.370  1.00 18.21 ? 98  GLU A OE2 1 
ATOM   691  N N   . PHE A 1 99  ? -0.799  -7.433  17.708  1.00 18.12 ? 99  PHE A N   1 
ATOM   692  C CA  . PHE A 1 99  ? -0.597  -8.797  18.180  1.00 19.45 ? 99  PHE A CA  1 
ATOM   693  C C   . PHE A 1 99  ? 0.373   -8.885  19.350  1.00 20.77 ? 99  PHE A C   1 
ATOM   694  O O   . PHE A 1 99  ? 1.246   -8.027  19.507  1.00 19.26 ? 99  PHE A O   1 
ATOM   695  C CB  . PHE A 1 99  ? -0.080  -9.668  17.036  1.00 19.45 ? 99  PHE A CB  1 
ATOM   696  C CG  . PHE A 1 99  ? 1.119   -9.096  16.326  1.00 16.99 ? 99  PHE A CG  1 
ATOM   697  C CD1 . PHE A 1 99  ? 2.389   -9.309  16.806  1.00 17.13 ? 99  PHE A CD1 1 
ATOM   698  C CD2 . PHE A 1 99  ? 0.964   -8.340  15.176  1.00 18.13 ? 99  PHE A CD2 1 
ATOM   699  C CE1 . PHE A 1 99  ? 3.476   -8.779  16.161  1.00 17.73 ? 99  PHE A CE1 1 
ATOM   700  C CE2 . PHE A 1 99  ? 2.054   -7.809  14.527  1.00 16.27 ? 99  PHE A CE2 1 
ATOM   701  C CZ  . PHE A 1 99  ? 3.307   -8.029  15.020  1.00 18.21 ? 99  PHE A CZ  1 
ATOM   702  N N   . ILE A 1 100 ? 0.168   -9.879  20.212  1.00 20.45 ? 100 ILE A N   1 
ATOM   703  C CA  . ILE A 1 100 ? 1.069   -10.077 21.338  1.00 19.81 ? 100 ILE A CA  1 
ATOM   704  C C   . ILE A 1 100 ? 2.235   -10.957 20.913  1.00 22.16 ? 100 ILE A C   1 
ATOM   705  O O   . ILE A 1 100 ? 2.046   -12.018 20.325  1.00 23.91 ? 100 ILE A O   1 
ATOM   706  C CB  . ILE A 1 100 ? 0.372   -10.719 22.572  1.00 16.34 ? 100 ILE A CB  1 
ATOM   707  C CG1 . ILE A 1 100 ? -0.504  -9.704  23.289  1.00 15.73 ? 100 ILE A CG1 1 
ATOM   708  C CG2 . ILE A 1 100 ? 1.405   -11.186 23.592  1.00 14.70 ? 100 ILE A CG2 1 
ATOM   709  C CD1 . ILE A 1 100 ? -1.853  -9.555  22.713  1.00 16.92 ? 100 ILE A CD1 1 
ATOM   710  N N   . GLU A 1 101 ? 3.441   -10.524 21.240  1.00 23.63 ? 101 GLU A N   1 
ATOM   711  C CA  . GLU A 1 101 ? 4.635   -11.280 20.930  1.00 29.24 ? 101 GLU A CA  1 
ATOM   712  C C   . GLU A 1 101 ? 5.605   -11.107 22.085  1.00 33.33 ? 101 GLU A C   1 
ATOM   713  O O   . GLU A 1 101 ? 6.007   -9.986  22.399  1.00 34.23 ? 101 GLU A O   1 
ATOM   714  C CB  . GLU A 1 101 ? 5.277   -10.790 19.639  1.00 30.34 ? 101 GLU A CB  1 
ATOM   715  C CG  . GLU A 1 101 ? 6.441   -11.652 19.232  1.00 33.27 ? 101 GLU A CG  1 
ATOM   716  C CD  . GLU A 1 101 ? 7.169   -11.120 18.020  1.00 34.11 ? 101 GLU A CD  1 
ATOM   717  O OE1 . GLU A 1 101 ? 7.170   -9.892  17.812  1.00 34.82 ? 101 GLU A OE1 1 
ATOM   718  O OE2 . GLU A 1 101 ? 7.758   -11.935 17.281  1.00 34.78 ? 101 GLU A OE2 1 
ATOM   719  N N   . ASN A 1 102 ? 5.982   -12.227 22.706  1.00 37.89 ? 102 ASN A N   1 
ATOM   720  C CA  . ASN A 1 102 ? 6.887   -12.235 23.861  1.00 40.50 ? 102 ASN A CA  1 
ATOM   721  C C   . ASN A 1 102 ? 6.333   -11.323 24.943  1.00 39.75 ? 102 ASN A C   1 
ATOM   722  O O   . ASN A 1 102 ? 7.007   -10.395 25.402  1.00 40.45 ? 102 ASN A O   1 
ATOM   723  C CB  . ASN A 1 102 ? 8.294   -11.795 23.454  1.00 44.88 ? 102 ASN A CB  1 
ATOM   724  C CG  . ASN A 1 102 ? 8.976   -12.794 22.542  1.00 50.66 ? 102 ASN A CG  1 
ATOM   725  O OD1 . ASN A 1 102 ? 8.494   -13.920 22.338  1.00 53.03 ? 102 ASN A OD1 1 
ATOM   726  N ND2 . ASN A 1 102 ? 10.123  -12.391 21.994  1.00 52.53 ? 102 ASN A ND2 1 
ATOM   727  N N   . SER A 1 103 ? 5.064   -11.554 25.284  1.00 38.16 ? 103 SER A N   1 
ATOM   728  C CA  . SER A 1 103 ? 4.370   -10.778 26.318  1.00 36.91 ? 103 SER A CA  1 
ATOM   729  C C   . SER A 1 103 ? 4.265   -9.264  26.087  1.00 34.88 ? 103 SER A C   1 
ATOM   730  O O   . SER A 1 103 ? 4.119   -8.497  27.034  1.00 36.30 ? 103 SER A O   1 
ATOM   731  C CB  . SER A 1 103 ? 5.004   -11.061 27.682  1.00 37.43 ? 103 SER A CB  1 
ATOM   732  O OG  . SER A 1 103 ? 5.009   -12.461 27.941  1.00 40.31 ? 103 SER A OG  1 
ATOM   733  N N   . GLU A 1 104 ? 4.319   -8.839  24.832  1.00 33.32 ? 104 GLU A N   1 
ATOM   734  C CA  . GLU A 1 104 ? 4.214   -7.427  24.492  1.00 33.26 ? 104 GLU A CA  1 
ATOM   735  C C   . GLU A 1 104 ? 3.271   -7.227  23.330  1.00 30.66 ? 104 GLU A C   1 
ATOM   736  O O   . GLU A 1 104 ? 3.229   -8.061  22.415  1.00 29.50 ? 104 GLU A O   1 
ATOM   737  C CB  . GLU A 1 104 ? 5.576   -6.868  24.101  1.00 36.03 ? 104 GLU A CB  1 
ATOM   738  C CG  . GLU A 1 104 ? 6.262   -6.075  25.183  1.00 44.55 ? 104 GLU A CG  1 
ATOM   739  C CD  . GLU A 1 104 ? 7.764   -6.020  24.979  1.00 49.17 ? 104 GLU A CD  1 
ATOM   740  O OE1 . GLU A 1 104 ? 8.235   -6.308  23.851  1.00 51.79 ? 104 GLU A OE1 1 
ATOM   741  O OE2 . GLU A 1 104 ? 8.476   -5.702  25.951  1.00 52.94 ? 104 GLU A OE2 1 
ATOM   742  N N   . LEU A 1 105 ? 2.509   -6.138  23.368  1.00 27.23 ? 105 LEU A N   1 
ATOM   743  C CA  . LEU A 1 105 ? 1.588   -5.817  22.284  1.00 25.47 ? 105 LEU A CA  1 
ATOM   744  C C   . LEU A 1 105 ? 2.421   -5.091  21.225  1.00 25.60 ? 105 LEU A C   1 
ATOM   745  O O   . LEU A 1 105 ? 3.168   -4.154  21.555  1.00 25.85 ? 105 LEU A O   1 
ATOM   746  C CB  . LEU A 1 105 ? 0.469   -4.901  22.794  1.00 24.20 ? 105 LEU A CB  1 
ATOM   747  C CG  . LEU A 1 105 ? -0.694  -4.673  21.817  1.00 25.49 ? 105 LEU A CG  1 
ATOM   748  C CD1 . LEU A 1 105 ? -1.417  -5.984  21.578  1.00 25.57 ? 105 LEU A CD1 1 
ATOM   749  C CD2 . LEU A 1 105 ? -1.677  -3.660  22.373  1.00 26.20 ? 105 LEU A CD2 1 
ATOM   750  N N   . LYS A 1 106 ? 2.344   -5.548  19.977  1.00 22.13 ? 106 LYS A N   1 
ATOM   751  C CA  . LYS A 1 106 ? 3.096   -4.930  18.890  1.00 20.96 ? 106 LYS A CA  1 
ATOM   752  C C   . LYS A 1 106 ? 2.120   -4.502  17.833  1.00 18.20 ? 106 LYS A C   1 
ATOM   753  O O   . LYS A 1 106 ? 1.114   -5.185  17.623  1.00 17.58 ? 106 LYS A O   1 
ATOM   754  C CB  . LYS A 1 106 ? 4.095   -5.929  18.317  1.00 22.23 ? 106 LYS A CB  1 
ATOM   755  C CG  . LYS A 1 106 ? 4.911   -6.530  19.406  1.00 26.80 ? 106 LYS A CG  1 
ATOM   756  C CD  . LYS A 1 106 ? 6.310   -6.736  18.974  1.00 32.10 ? 106 LYS A CD  1 
ATOM   757  C CE  . LYS A 1 106 ? 7.193   -6.913  20.179  1.00 37.21 ? 106 LYS A CE  1 
ATOM   758  N NZ  . LYS A 1 106 ? 8.541   -7.376  19.777  1.00 44.37 ? 106 LYS A NZ  1 
ATOM   759  N N   . ARG A 1 107 ? 2.386   -3.364  17.199  1.00 14.86 ? 107 ARG A N   1 
ATOM   760  C CA  . ARG A 1 107 ? 1.510   -2.835  16.162  1.00 12.31 ? 107 ARG A CA  1 
ATOM   761  C C   . ARG A 1 107 ? 2.284   -2.404  14.949  1.00 10.66 ? 107 ARG A C   1 
ATOM   762  O O   . ARG A 1 107 ? 3.333   -1.793  15.064  1.00 8.79  ? 107 ARG A O   1 
ATOM   763  C CB  . ARG A 1 107 ? 0.750   -1.605  16.650  1.00 13.73 ? 107 ARG A CB  1 
ATOM   764  C CG  . ARG A 1 107 ? -0.347  -1.836  17.645  1.00 20.17 ? 107 ARG A CG  1 
ATOM   765  C CD  . ARG A 1 107 ? -1.316  -0.629  17.648  1.00 24.84 ? 107 ARG A CD  1 
ATOM   766  N NE  . ARG A 1 107 ? -2.221  -0.641  18.785  1.00 28.66 ? 107 ARG A NE  1 
ATOM   767  C CZ  . ARG A 1 107 ? -1.843  -0.351  20.026  1.00 33.89 ? 107 ARG A CZ  1 
ATOM   768  N NH1 . ARG A 1 107 ? -0.572  -0.009  20.275  1.00 36.35 ? 107 ARG A NH1 1 
ATOM   769  N NH2 . ARG A 1 107 ? -2.703  -0.463  21.038  1.00 34.55 ? 107 ARG A NH2 1 
ATOM   770  N N   . VAL A 1 108 ? 1.732   -2.676  13.785  1.00 9.41  ? 108 VAL A N   1 
ATOM   771  C CA  . VAL A 1 108 ? 2.350   -2.278  12.536  1.00 9.76  ? 108 VAL A CA  1 
ATOM   772  C C   . VAL A 1 108 ? 1.302   -1.416  11.875  1.00 7.85  ? 108 VAL A C   1 
ATOM   773  O O   . VAL A 1 108 ? 0.110   -1.742  11.911  1.00 9.29  ? 108 VAL A O   1 
ATOM   774  C CB  . VAL A 1 108 ? 2.703   -3.523  11.639  1.00 8.15  ? 108 VAL A CB  1 
ATOM   775  C CG1 . VAL A 1 108 ? 3.344   -3.087  10.323  1.00 7.82  ? 108 VAL A CG1 1 
ATOM   776  C CG2 . VAL A 1 108 ? 3.666   -4.434  12.363  1.00 6.13  ? 108 VAL A CG2 1 
ATOM   777  N N   . GLY A 1 109 ? 1.737   -0.279  11.341  1.00 8.47  ? 109 GLY A N   1 
ATOM   778  C CA  . GLY A 1 109 ? 0.807   0.626   10.698  1.00 6.41  ? 109 GLY A CA  1 
ATOM   779  C C   . GLY A 1 109 ? 1.183   0.824   9.259   1.00 4.37  ? 109 GLY A C   1 
ATOM   780  O O   . GLY A 1 109 ? 2.352   0.863   8.926   1.00 7.70  ? 109 GLY A O   1 
ATOM   781  N N   . MET A 1 110 ? 0.192   0.999   8.410   1.00 6.46  ? 110 MET A N   1 
ATOM   782  C CA  . MET A 1 110 ? 0.451   1.166   6.981   1.00 8.29  ? 110 MET A CA  1 
ATOM   783  C C   . MET A 1 110 ? -0.567  2.101   6.355   1.00 7.13  ? 110 MET A C   1 
ATOM   784  O O   . MET A 1 110 ? -1.727  2.130   6.768   1.00 9.02  ? 110 MET A O   1 
ATOM   785  C CB  . MET A 1 110 ? 0.366   -0.215  6.286   1.00 6.75  ? 110 MET A CB  1 
ATOM   786  C CG  . MET A 1 110 ? 0.695   -0.246  4.813   1.00 3.13  ? 110 MET A CG  1 
ATOM   787  S SD  . MET A 1 110 ? -0.682  0.138   3.725   1.00 12.41 ? 110 MET A SD  1 
ATOM   788  C CE  . MET A 1 110 ? -1.594  -1.366  3.666   1.00 7.96  ? 110 MET A CE  1 
ATOM   789  N N   . GLU A 1 111 ? -0.133  2.869   5.361   1.00 6.18  ? 111 GLU A N   1 
ATOM   790  C CA  . GLU A 1 111 ? -1.034  3.744   4.655   1.00 6.39  ? 111 GLU A CA  1 
ATOM   791  C C   . GLU A 1 111 ? -0.687  3.627   3.205   1.00 5.37  ? 111 GLU A C   1 
ATOM   792  O O   . GLU A 1 111 ? 0.481   3.512   2.861   1.00 5.58  ? 111 GLU A O   1 
ATOM   793  C CB  . GLU A 1 111 ? -0.907  5.185   5.117   1.00 8.32  ? 111 GLU A CB  1 
ATOM   794  C CG  . GLU A 1 111 ? -1.400  5.385   6.545   1.00 14.44 ? 111 GLU A CG  1 
ATOM   795  C CD  . GLU A 1 111 ? -2.177  6.693   6.736   1.00 15.09 ? 111 GLU A CD  1 
ATOM   796  O OE1 . GLU A 1 111 ? -1.905  7.674   6.018   1.00 18.43 ? 111 GLU A OE1 1 
ATOM   797  O OE2 . GLU A 1 111 ? -3.081  6.738   7.595   1.00 13.74 ? 111 GLU A OE2 1 
ATOM   798  N N   . PHE A 1 112 ? -1.715  3.612   2.362   1.00 6.17  ? 112 PHE A N   1 
ATOM   799  C CA  . PHE A 1 112 ? -1.566  3.512   0.915   1.00 6.44  ? 112 PHE A CA  1 
ATOM   800  C C   . PHE A 1 112 ? -1.951  4.924   0.462   1.00 7.33  ? 112 PHE A C   1 
ATOM   801  O O   . PHE A 1 112 ? -3.081  5.344   0.672   1.00 6.68  ? 112 PHE A O   1 
ATOM   802  C CB  . PHE A 1 112 ? -2.556  2.456   0.408   1.00 7.80  ? 112 PHE A CB  1 
ATOM   803  C CG  . PHE A 1 112 ? -2.552  2.231   -1.086  1.00 9.28  ? 112 PHE A CG  1 
ATOM   804  C CD1 . PHE A 1 112 ? -2.673  3.279   -1.979  1.00 8.60  ? 112 PHE A CD1 1 
ATOM   805  C CD2 . PHE A 1 112 ? -2.550  0.939   -1.591  1.00 10.89 ? 112 PHE A CD2 1 
ATOM   806  C CE1 . PHE A 1 112 ? -2.813  3.046   -3.346  1.00 9.93  ? 112 PHE A CE1 1 
ATOM   807  C CE2 . PHE A 1 112 ? -2.689  0.693   -2.953  1.00 8.30  ? 112 PHE A CE2 1 
ATOM   808  C CZ  . PHE A 1 112 ? -2.820  1.743   -3.831  1.00 11.06 ? 112 PHE A CZ  1 
ATOM   809  N N   . GLU A 1 113 ? -0.987  5.671   -0.078  1.00 8.32  ? 113 GLU A N   1 
ATOM   810  C CA  . GLU A 1 113 ? -1.215  7.062   -0.504  1.00 9.07  ? 113 GLU A CA  1 
ATOM   811  C C   . GLU A 1 113 ? -1.995  7.247   -1.788  1.00 9.58  ? 113 GLU A C   1 
ATOM   812  O O   . GLU A 1 113 ? -1.529  6.856   -2.866  1.00 13.23 ? 113 GLU A O   1 
ATOM   813  C CB  . GLU A 1 113 ? 0.109   7.800   -0.687  1.00 9.85  ? 113 GLU A CB  1 
ATOM   814  C CG  . GLU A 1 113 ? 1.020   7.791   0.510   1.00 13.32 ? 113 GLU A CG  1 
ATOM   815  C CD  . GLU A 1 113 ? 0.359   8.303   1.770   1.00 16.47 ? 113 GLU A CD  1 
ATOM   816  O OE1 . GLU A 1 113 ? -0.447  9.267   1.713   1.00 13.49 ? 113 GLU A OE1 1 
ATOM   817  O OE2 . GLU A 1 113 ? 0.658   7.721   2.829   1.00 16.65 ? 113 GLU A OE2 1 
ATOM   818  N N   . THR A 1 114 ? -3.160  7.869   -1.683  1.00 6.32  ? 114 THR A N   1 
ATOM   819  C CA  . THR A 1 114 ? -3.966  8.142   -2.860  1.00 9.19  ? 114 THR A CA  1 
ATOM   820  C C   . THR A 1 114 ? -4.143  9.645   -3.057  1.00 9.62  ? 114 THR A C   1 
ATOM   821  O O   . THR A 1 114 ? -4.788  10.069  -4.011  1.00 12.95 ? 114 THR A O   1 
ATOM   822  C CB  . THR A 1 114 ? -5.346  7.477   -2.800  1.00 9.79  ? 114 THR A CB  1 
ATOM   823  O OG1 . THR A 1 114 ? -5.998  7.831   -1.581  1.00 14.22 ? 114 THR A OG1 1 
ATOM   824  C CG2 . THR A 1 114 ? -5.218  5.961   -2.884  1.00 10.54 ? 114 THR A CG2 1 
ATOM   825  N N   . GLY A 1 115 ? -3.574  10.444  -2.153  1.00 10.42 ? 115 GLY A N   1 
ATOM   826  C CA  . GLY A 1 115 ? -3.677  11.889  -2.263  1.00 8.87  ? 115 GLY A CA  1 
ATOM   827  C C   . GLY A 1 115 ? -2.469  12.530  -2.931  1.00 9.74  ? 115 GLY A C   1 
ATOM   828  O O   . GLY A 1 115 ? -1.600  11.845  -3.478  1.00 7.17  ? 115 GLY A O   1 
ATOM   829  N N   . ASN A 1 116 ? -2.421  13.862  -2.906  1.00 10.44 ? 116 ASN A N   1 
ATOM   830  C CA  . ASN A 1 116 ? -1.312  14.584  -3.524  1.00 9.35  ? 116 ASN A CA  1 
ATOM   831  C C   . ASN A 1 116 ? -0.091  14.587  -2.624  1.00 7.05  ? 116 ASN A C   1 
ATOM   832  O O   . ASN A 1 116 ? -0.134  14.047  -1.520  1.00 7.45  ? 116 ASN A O   1 
ATOM   833  C CB  . ASN A 1 116 ? -1.724  16.004  -3.923  1.00 10.62 ? 116 ASN A CB  1 
ATOM   834  C CG  . ASN A 1 116 ? -2.241  16.813  -2.749  1.00 13.26 ? 116 ASN A CG  1 
ATOM   835  O OD1 . ASN A 1 116 ? -1.694  16.759  -1.658  1.00 9.68  ? 116 ASN A OD1 1 
ATOM   836  N ND2 . ASN A 1 116 ? -3.313  17.549  -2.968  1.00 17.47 ? 116 ASN A ND2 1 
ATOM   837  N N   . ILE A 1 117 ? 1.003   15.184  -3.102  1.00 7.04  ? 117 ILE A N   1 
ATOM   838  C CA  . ILE A 1 117 ? 2.251   15.209  -2.357  1.00 7.50  ? 117 ILE A CA  1 
ATOM   839  C C   . ILE A 1 117 ? 2.146   15.809  -0.953  1.00 9.92  ? 117 ILE A C   1 
ATOM   840  O O   . ILE A 1 117 ? 2.766   15.301  -0.028  1.00 10.48 ? 117 ILE A O   1 
ATOM   841  C CB  . ILE A 1 117 ? 3.380   15.885  -3.175  1.00 10.32 ? 117 ILE A CB  1 
ATOM   842  C CG1 . ILE A 1 117 ? 4.739   15.719  -2.477  1.00 9.45  ? 117 ILE A CG1 1 
ATOM   843  C CG2 . ILE A 1 117 ? 3.064   17.358  -3.380  1.00 10.27 ? 117 ILE A CG2 1 
ATOM   844  C CD1 . ILE A 1 117 ? 5.133   14.281  -2.222  1.00 9.68  ? 117 ILE A CD1 1 
ATOM   845  N N   . SER A 1 118 ? 1.366   16.878  -0.781  1.00 10.89 ? 118 SER A N   1 
ATOM   846  C CA  . SER A 1 118 ? 1.200   17.491  0.544   1.00 10.62 ? 118 SER A CA  1 
ATOM   847  C C   . SER A 1 118 ? 0.543   16.473  1.469   1.00 8.63  ? 118 SER A C   1 
ATOM   848  O O   . SER A 1 118 ? 0.926   16.356  2.633   1.00 7.88  ? 118 SER A O   1 
ATOM   849  C CB  . SER A 1 118 ? 0.378   18.780  0.460   1.00 10.60 ? 118 SER A CB  1 
ATOM   850  O OG  . SER A 1 118 ? 1.104   19.743  -0.289  1.00 16.38 ? 118 SER A OG  1 
ATOM   851  N N   . SER A 1 119 ? -0.418  15.717  0.929   1.00 9.70  ? 119 SER A N   1 
ATOM   852  C CA  . SER A 1 119 ? -1.100  14.628  1.657   1.00 10.00 ? 119 SER A CA  1 
ATOM   853  C C   . SER A 1 119 ? -0.094  13.596  2.133   1.00 5.92  ? 119 SER A C   1 
ATOM   854  O O   . SER A 1 119 ? -0.197  13.097  3.244   1.00 6.87  ? 119 SER A O   1 
ATOM   855  C CB  . SER A 1 119 ? -2.048  13.857  0.733   1.00 12.65 ? 119 SER A CB  1 
ATOM   856  O OG  . SER A 1 119 ? -3.319  14.456  0.719   1.00 25.87 ? 119 SER A OG  1 
ATOM   857  N N   . ALA A 1 120 ? 0.800   13.205  1.235   1.00 5.45  ? 120 ALA A N   1 
ATOM   858  C CA  . ALA A 1 120 ? 1.808   12.207  1.537   1.00 7.06  ? 120 ALA A CA  1 
ATOM   859  C C   . ALA A 1 120 ? 2.695   12.671  2.686   1.00 7.76  ? 120 ALA A C   1 
ATOM   860  O O   . ALA A 1 120 ? 3.146   11.870  3.485   1.00 7.89  ? 120 ALA A O   1 
ATOM   861  C CB  . ALA A 1 120 ? 2.631   11.904  0.282   1.00 6.34  ? 120 ALA A CB  1 
ATOM   862  N N   . HIS A 1 121 ? 2.988   13.968  2.750   1.00 6.91  ? 121 HIS A N   1 
ATOM   863  C CA  . HIS A 1 121 ? 3.803   14.496  3.844   1.00 4.39  ? 121 HIS A CA  1 
ATOM   864  C C   . HIS A 1 121 ? 3.078   14.374  5.145   1.00 2.00  ? 121 HIS A C   1 
ATOM   865  O O   . HIS A 1 121 ? 3.652   13.969  6.143   1.00 6.26  ? 121 HIS A O   1 
ATOM   866  C CB  . HIS A 1 121 ? 4.166   15.965  3.620   1.00 4.18  ? 121 HIS A CB  1 
ATOM   867  C CG  . HIS A 1 121 ? 5.326   16.146  2.711   1.00 2.00  ? 121 HIS A CG  1 
ATOM   868  N ND1 . HIS A 1 121 ? 6.627   16.010  3.153   1.00 2.43  ? 121 HIS A ND1 1 
ATOM   869  C CD2 . HIS A 1 121 ? 5.397   16.411  1.396   1.00 5.40  ? 121 HIS A CD2 1 
ATOM   870  C CE1 . HIS A 1 121 ? 7.444   16.180  2.128   1.00 2.00  ? 121 HIS A CE1 1 
ATOM   871  N NE2 . HIS A 1 121 ? 6.727   16.426  1.052   1.00 2.00  ? 121 HIS A NE2 1 
ATOM   872  N N   . ARG A 1 122 ? 1.811   14.738  5.134   1.00 2.00  ? 122 ARG A N   1 
ATOM   873  C CA  . ARG A 1 122 ? 0.994   14.656  6.327   1.00 4.77  ? 122 ARG A CA  1 
ATOM   874  C C   . ARG A 1 122 ? 0.879   13.204  6.826   1.00 6.51  ? 122 ARG A C   1 
ATOM   875  O O   . ARG A 1 122 ? 0.947   12.933  8.020   1.00 8.53  ? 122 ARG A O   1 
ATOM   876  C CB  . ARG A 1 122 ? -0.383  15.209  6.008   1.00 5.41  ? 122 ARG A CB  1 
ATOM   877  C CG  . ARG A 1 122 ? -1.241  15.313  7.209   1.00 10.02 ? 122 ARG A CG  1 
ATOM   878  C CD  . ARG A 1 122 ? -2.563  15.849  6.796   1.00 19.83 ? 122 ARG A CD  1 
ATOM   879  N NE  . ARG A 1 122 ? -3.471  15.895  7.929   1.00 26.63 ? 122 ARG A NE  1 
ATOM   880  C CZ  . ARG A 1 122 ? -4.772  16.145  7.831   1.00 32.72 ? 122 ARG A CZ  1 
ATOM   881  N NH1 . ARG A 1 122 ? -5.326  16.374  6.648   1.00 33.49 ? 122 ARG A NH1 1 
ATOM   882  N NH2 . ARG A 1 122 ? -5.519  16.182  8.932   1.00 37.00 ? 122 ARG A NH2 1 
ATOM   883  N N   . SER A 1 123 ? 0.763   12.276  5.886   1.00 6.56  ? 123 SER A N   1 
ATOM   884  C CA  . SER A 1 123 ? 0.648   10.846  6.189   1.00 6.11  ? 123 SER A CA  1 
ATOM   885  C C   . SER A 1 123 ? 1.932   10.326  6.803   1.00 3.62  ? 123 SER A C   1 
ATOM   886  O O   . SER A 1 123 ? 1.901   9.648   7.825   1.00 3.77  ? 123 SER A O   1 
ATOM   887  C CB  . SER A 1 123 ? 0.293   10.084  4.912   1.00 6.80  ? 123 SER A CB  1 
ATOM   888  O OG  . SER A 1 123 ? 0.306   8.690   5.124   1.00 8.97  ? 123 SER A OG  1 
ATOM   889  N N   . MET A 1 124 ? 3.066   10.678  6.201   1.00 5.01  ? 124 MET A N   1 
ATOM   890  C CA  . MET A 1 124 ? 4.372   10.259  6.704   1.00 5.58  ? 124 MET A CA  1 
ATOM   891  C C   . MET A 1 124 ? 4.584   10.771  8.120   1.00 6.06  ? 124 MET A C   1 
ATOM   892  O O   . MET A 1 124 ? 5.033   10.038  9.005   1.00 7.03  ? 124 MET A O   1 
ATOM   893  C CB  . MET A 1 124 ? 5.479   10.791  5.792   1.00 6.20  ? 124 MET A CB  1 
ATOM   894  C CG  . MET A 1 124 ? 6.871   10.478  6.267   1.00 10.01 ? 124 MET A CG  1 
ATOM   895  S SD  . MET A 1 124 ? 8.076   10.885  5.047   1.00 12.77 ? 124 MET A SD  1 
ATOM   896  C CE  . MET A 1 124 ? 8.242   12.581  5.341   1.00 13.92 ? 124 MET A CE  1 
ATOM   897  N N   . ASN A 1 125 ? 4.260   12.038  8.345   1.00 6.79  ? 125 ASN A N   1 
ATOM   898  C CA  . ASN A 1 125 ? 4.436   12.627  9.669   1.00 6.52  ? 125 ASN A CA  1 
ATOM   899  C C   . ASN A 1 125 ? 3.497   12.004  10.698  1.00 5.38  ? 125 ASN A C   1 
ATOM   900  O O   . ASN A 1 125 ? 3.851   11.862  11.868  1.00 4.69  ? 125 ASN A O   1 
ATOM   901  C CB  . ASN A 1 125 ? 4.245   14.138  9.610   1.00 6.38  ? 125 ASN A CB  1 
ATOM   902  C CG  . ASN A 1 125 ? 5.375   14.850  8.881   1.00 8.37  ? 125 ASN A CG  1 
ATOM   903  O OD1 . ASN A 1 125 ? 5.272   16.053  8.601   1.00 14.33 ? 125 ASN A OD1 1 
ATOM   904  N ND2 . ASN A 1 125 ? 6.447   14.143  8.578   1.00 6.10  ? 125 ASN A ND2 1 
ATOM   905  N N   . LYS A 1 126 ? 2.286   11.671  10.270  1.00 5.27  ? 126 LYS A N   1 
ATOM   906  C CA  . LYS A 1 126 ? 1.326   11.043  11.165  1.00 7.79  ? 126 LYS A CA  1 
ATOM   907  C C   . LYS A 1 126 ? 1.906   9.720   11.697  1.00 7.93  ? 126 LYS A C   1 
ATOM   908  O O   . LYS A 1 126 ? 1.898   9.462   12.908  1.00 7.38  ? 126 LYS A O   1 
ATOM   909  C CB  . LYS A 1 126 ? 0.023   10.831  10.419  1.00 8.93  ? 126 LYS A CB  1 
ATOM   910  C CG  . LYS A 1 126 ? -1.026  10.160  11.228  1.00 16.57 ? 126 LYS A CG  1 
ATOM   911  C CD  . LYS A 1 126 ? -2.360  10.197  10.526  1.00 17.40 ? 126 LYS A CD  1 
ATOM   912  C CE  . LYS A 1 126 ? -2.461  9.145   9.459   1.00 18.46 ? 126 LYS A CE  1 
ATOM   913  N NZ  . LYS A 1 126 ? -3.805  9.209   8.795   1.00 17.15 ? 126 LYS A NZ  1 
ATOM   914  N N   . LEU A 1 127 ? 2.518   8.941   10.804  1.00 6.10  ? 127 LEU A N   1 
ATOM   915  C CA  . LEU A 1 127 ? 3.125   7.670   11.182  1.00 5.31  ? 127 LEU A CA  1 
ATOM   916  C C   . LEU A 1 127 ? 4.376   7.871   12.007  1.00 5.15  ? 127 LEU A C   1 
ATOM   917  O O   . LEU A 1 127 ? 4.634   7.137   12.960  1.00 4.57  ? 127 LEU A O   1 
ATOM   918  C CB  . LEU A 1 127 ? 3.426   6.819   9.935   1.00 6.18  ? 127 LEU A CB  1 
ATOM   919  C CG  . LEU A 1 127 ? 2.188   6.356   9.151   1.00 10.35 ? 127 LEU A CG  1 
ATOM   920  C CD1 . LEU A 1 127 ? 2.578   5.698   7.858   1.00 9.07  ? 127 LEU A CD1 1 
ATOM   921  C CD2 . LEU A 1 127 ? 1.380   5.417   9.992   1.00 12.42 ? 127 LEU A CD2 1 
ATOM   922  N N   . LEU A 1 128 ? 5.167   8.861   11.633  1.00 5.31  ? 128 LEU A N   1 
ATOM   923  C CA  . LEU A 1 128 ? 6.385   9.187   12.358  1.00 7.71  ? 128 LEU A CA  1 
ATOM   924  C C   . LEU A 1 128 ? 6.079   9.557   13.823  1.00 6.95  ? 128 LEU A C   1 
ATOM   925  O O   . LEU A 1 128 ? 6.821   9.192   14.740  1.00 9.16  ? 128 LEU A O   1 
ATOM   926  C CB  . LEU A 1 128 ? 7.064   10.345  11.644  1.00 10.49 ? 128 LEU A CB  1 
ATOM   927  C CG  . LEU A 1 128 ? 8.572   10.324  11.410  1.00 15.38 ? 128 LEU A CG  1 
ATOM   928  C CD1 . LEU A 1 128 ? 9.090   8.948   11.093  1.00 13.78 ? 128 LEU A CD1 1 
ATOM   929  C CD2 . LEU A 1 128 ? 8.874   11.317  10.282  1.00 14.65 ? 128 LEU A CD2 1 
ATOM   930  N N   . LEU A 1 129 ? 4.988   10.276  14.048  1.00 5.84  ? 129 LEU A N   1 
ATOM   931  C CA  . LEU A 1 129 ? 4.620   10.651  15.405  1.00 8.51  ? 129 LEU A CA  1 
ATOM   932  C C   . LEU A 1 129 ? 4.086   9.397   16.152  1.00 9.56  ? 129 LEU A C   1 
ATOM   933  O O   . LEU A 1 129 ? 4.348   9.224   17.352  1.00 9.49  ? 129 LEU A O   1 
ATOM   934  C CB  . LEU A 1 129 ? 3.573   11.761  15.368  1.00 7.01  ? 129 LEU A CB  1 
ATOM   935  C CG  . LEU A 1 129 ? 3.233   12.435  16.693  1.00 7.89  ? 129 LEU A CG  1 
ATOM   936  C CD1 . LEU A 1 129 ? 4.371   13.352  17.119  1.00 9.77  ? 129 LEU A CD1 1 
ATOM   937  C CD2 . LEU A 1 129 ? 1.967   13.232  16.501  1.00 7.14  ? 129 LEU A CD2 1 
ATOM   938  N N   . GLY A 1 130 ? 3.318   8.552   15.458  1.00 9.10  ? 130 GLY A N   1 
ATOM   939  C CA  . GLY A 1 130 ? 2.823   7.318   16.066  1.00 7.87  ? 130 GLY A CA  1 
ATOM   940  C C   . GLY A 1 130 ? 4.004   6.477   16.534  1.00 7.24  ? 130 GLY A C   1 
ATOM   941  O O   . GLY A 1 130 ? 3.952   5.875   17.604  1.00 9.47  ? 130 GLY A O   1 
ATOM   942  N N   . LEU A 1 131 ? 5.068   6.427   15.734  1.00 7.01  ? 131 LEU A N   1 
ATOM   943  C CA  . LEU A 1 131 ? 6.292   5.692   16.067  1.00 7.82  ? 131 LEU A CA  1 
ATOM   944  C C   . LEU A 1 131 ? 7.008   6.283   17.275  1.00 12.57 ? 131 LEU A C   1 
ATOM   945  O O   . LEU A 1 131 ? 7.459   5.552   18.169  1.00 11.75 ? 131 LEU A O   1 
ATOM   946  C CB  . LEU A 1 131 ? 7.264   5.710   14.884  1.00 7.40  ? 131 LEU A CB  1 
ATOM   947  C CG  . LEU A 1 131 ? 7.047   4.708   13.732  1.00 6.41  ? 131 LEU A CG  1 
ATOM   948  C CD1 . LEU A 1 131 ? 7.769   5.171   12.481  1.00 5.03  ? 131 LEU A CD1 1 
ATOM   949  C CD2 . LEU A 1 131 ? 7.544   3.326   14.123  1.00 7.17  ? 131 LEU A CD2 1 
ATOM   950  N N   . LYS A 1 132 ? 7.164   7.611   17.282  1.00 14.98 ? 132 LYS A N   1 
ATOM   951  C CA  . LYS A 1 132 ? 7.841   8.287   18.385  1.00 14.84 ? 132 LYS A CA  1 
ATOM   952  C C   . LYS A 1 132 ? 7.134   8.065   19.714  1.00 13.67 ? 132 LYS A C   1 
ATOM   953  O O   . LYS A 1 132 ? 7.767   7.915   20.745  1.00 15.13 ? 132 LYS A O   1 
ATOM   954  C CB  . LYS A 1 132 ? 7.957   9.777   18.104  1.00 19.07 ? 132 LYS A CB  1 
ATOM   955  C CG  . LYS A 1 132 ? 9.085   10.121  17.174  1.00 26.41 ? 132 LYS A CG  1 
ATOM   956  C CD  . LYS A 1 132 ? 9.368   11.602  17.234  1.00 32.15 ? 132 LYS A CD  1 
ATOM   957  C CE  . LYS A 1 132 ? 9.605   12.012  18.677  1.00 37.47 ? 132 LYS A CE  1 
ATOM   958  N NZ  . LYS A 1 132 ? 9.833   13.474  18.838  1.00 44.73 ? 132 LYS A NZ  1 
ATOM   959  N N   . HIS A 1 133 ? 5.813   8.077   19.685  1.00 12.03 ? 133 HIS A N   1 
ATOM   960  C CA  . HIS A 1 133 ? 5.019   7.861   20.878  1.00 12.80 ? 133 HIS A CA  1 
ATOM   961  C C   . HIS A 1 133 ? 4.832   6.402   21.230  1.00 15.48 ? 133 HIS A C   1 
ATOM   962  O O   . HIS A 1 133 ? 4.081   6.097   22.144  1.00 17.37 ? 133 HIS A O   1 
ATOM   963  C CB  . HIS A 1 133 ? 3.644   8.494   20.720  1.00 14.45 ? 133 HIS A CB  1 
ATOM   964  C CG  . HIS A 1 133 ? 3.669   9.989   20.763  1.00 18.76 ? 133 HIS A CG  1 
ATOM   965  N ND1 . HIS A 1 133 ? 2.565   10.755  20.492  1.00 21.19 ? 133 HIS A ND1 1 
ATOM   966  C CD2 . HIS A 1 133 ? 4.671   10.855  21.044  1.00 19.02 ? 133 HIS A CD2 1 
ATOM   967  C CE1 . HIS A 1 133 ? 2.872   12.038  20.605  1.00 22.49 ? 133 HIS A CE1 1 
ATOM   968  N NE2 . HIS A 1 133 ? 4.156   12.118  20.944  1.00 20.27 ? 133 HIS A NE2 1 
ATOM   969  N N   . GLY A 1 134 ? 5.426   5.504   20.452  1.00 14.88 ? 134 GLY A N   1 
ATOM   970  C CA  . GLY A 1 134 ? 5.314   4.093   20.736  1.00 15.09 ? 134 GLY A CA  1 
ATOM   971  C C   . GLY A 1 134 ? 3.955   3.486   20.468  1.00 14.93 ? 134 GLY A C   1 
ATOM   972  O O   . GLY A 1 134 ? 3.627   2.435   21.031  1.00 16.91 ? 134 GLY A O   1 
ATOM   973  N N   . GLU A 1 135 ? 3.162   4.124   19.620  1.00 14.31 ? 135 GLU A N   1 
ATOM   974  C CA  . GLU A 1 135 ? 1.849   3.603   19.300  1.00 16.63 ? 135 GLU A CA  1 
ATOM   975  C C   . GLU A 1 135 ? 1.930   2.530   18.228  1.00 14.76 ? 135 GLU A C   1 
ATOM   976  O O   . GLU A 1 135 ? 0.994   1.746   18.065  1.00 16.75 ? 135 GLU A O   1 
ATOM   977  C CB  . GLU A 1 135 ? 0.920   4.723   18.887  1.00 20.86 ? 135 GLU A CB  1 
ATOM   978  C CG  . GLU A 1 135 ? 0.507   5.574   20.063  1.00 31.90 ? 135 GLU A CG  1 
ATOM   979  C CD  . GLU A 1 135 ? -0.045  6.917   19.641  1.00 39.06 ? 135 GLU A CD  1 
ATOM   980  O OE1 . GLU A 1 135 ? 0.222   7.352   18.491  1.00 41.81 ? 135 GLU A OE1 1 
ATOM   981  O OE2 . GLU A 1 135 ? -0.734  7.549   20.479  1.00 43.72 ? 135 GLU A OE2 1 
ATOM   982  N N   . ILE A 1 136 ? 3.000   2.562   17.440  1.00 12.20 ? 136 ILE A N   1 
ATOM   983  C CA  . ILE A 1 136 ? 3.251   1.541   16.430  1.00 10.72 ? 136 ILE A CA  1 
ATOM   984  C C   . ILE A 1 136 ? 4.732   1.260   16.464  1.00 12.06 ? 136 ILE A C   1 
ATOM   985  O O   . ILE A 1 136 ? 5.532   2.137   16.856  1.00 11.75 ? 136 ILE A O   1 
ATOM   986  C CB  . ILE A 1 136 ? 2.819   1.916   15.013  1.00 11.88 ? 136 ILE A CB  1 
ATOM   987  C CG1 . ILE A 1 136 ? 3.349   3.285   14.631  1.00 11.14 ? 136 ILE A CG1 1 
ATOM   988  C CG2 . ILE A 1 136 ? 1.327   1.808   14.868  1.00 10.75 ? 136 ILE A CG2 1 
ATOM   989  C CD1 . ILE A 1 136 ? 3.222   3.539   13.170  1.00 10.32 ? 136 ILE A CD1 1 
ATOM   990  N N   . ASP A 1 137 ? 5.092   0.036   16.075  1.00 9.99  ? 137 ASP A N   1 
ATOM   991  C CA  . ASP A 1 137 ? 6.467   -0.422  16.085  1.00 9.62  ? 137 ASP A CA  1 
ATOM   992  C C   . ASP A 1 137 ? 7.131   -0.345  14.731  1.00 8.92  ? 137 ASP A C   1 
ATOM   993  O O   . ASP A 1 137 ? 8.354   -0.355  14.644  1.00 10.94 ? 137 ASP A O   1 
ATOM   994  C CB  . ASP A 1 137 ? 6.537   -1.857  16.626  1.00 12.96 ? 137 ASP A CB  1 
ATOM   995  C CG  . ASP A 1 137 ? 6.120   -1.941  18.074  1.00 15.88 ? 137 ASP A CG  1 
ATOM   996  O OD1 . ASP A 1 137 ? 4.897   -2.059  18.339  1.00 16.03 ? 137 ASP A OD1 1 
ATOM   997  O OD2 . ASP A 1 137 ? 7.012   -1.825  18.949  1.00 20.64 ? 137 ASP A OD2 1 
ATOM   998  N N   . LEU A 1 138 ? 6.331   -0.238  13.676  1.00 8.37  ? 138 LEU A N   1 
ATOM   999  C CA  . LEU A 1 138 ? 6.866   -0.157  12.315  1.00 9.03  ? 138 LEU A CA  1 
ATOM   1000 C C   . LEU A 1 138 ? 5.846   0.557   11.458  1.00 6.01  ? 138 LEU A C   1 
ATOM   1001 O O   . LEU A 1 138 ? 4.646   0.388   11.667  1.00 7.82  ? 138 LEU A O   1 
ATOM   1002 C CB  . LEU A 1 138 ? 7.111   -1.561  11.737  1.00 9.22  ? 138 LEU A CB  1 
ATOM   1003 C CG  . LEU A 1 138 ? 7.540   -1.589  10.275  1.00 9.77  ? 138 LEU A CG  1 
ATOM   1004 C CD1 . LEU A 1 138 ? 8.979   -1.206  10.164  1.00 9.02  ? 138 LEU A CD1 1 
ATOM   1005 C CD2 . LEU A 1 138 ? 7.336   -2.965  9.732   1.00 13.25 ? 138 LEU A CD2 1 
ATOM   1006 N N   . ALA A 1 139 ? 6.313   1.379   10.528  1.00 4.30  ? 139 ALA A N   1 
ATOM   1007 C CA  . ALA A 1 139 ? 5.418   2.109   9.648   1.00 3.07  ? 139 ALA A CA  1 
ATOM   1008 C C   . ALA A 1 139 ? 5.743   1.733   8.218   1.00 2.00  ? 139 ALA A C   1 
ATOM   1009 O O   . ALA A 1 139 ? 6.902   1.586   7.867   1.00 4.87  ? 139 ALA A O   1 
ATOM   1010 C CB  . ALA A 1 139 ? 5.606   3.627   9.834   1.00 4.08  ? 139 ALA A CB  1 
ATOM   1011 N N   . ILE A 1 140 ? 4.717   1.593   7.392   1.00 3.87  ? 140 ILE A N   1 
ATOM   1012 C CA  . ILE A 1 140 ? 4.895   1.252   5.997   1.00 6.16  ? 140 ILE A CA  1 
ATOM   1013 C C   . ILE A 1 140 ? 4.009   2.149   5.145   1.00 4.93  ? 140 ILE A C   1 
ATOM   1014 O O   . ILE A 1 140 ? 2.842   2.357   5.479   1.00 5.61  ? 140 ILE A O   1 
ATOM   1015 C CB  . ILE A 1 140 ? 4.431   -0.190  5.704   1.00 6.00  ? 140 ILE A CB  1 
ATOM   1016 C CG1 . ILE A 1 140 ? 5.172   -1.190  6.603   1.00 8.15  ? 140 ILE A CG1 1 
ATOM   1017 C CG2 . ILE A 1 140 ? 4.637   -0.480  4.214   1.00 6.28  ? 140 ILE A CG2 1 
ATOM   1018 C CD1 . ILE A 1 140 ? 4.598   -2.633  6.599   1.00 10.13 ? 140 ILE A CD1 1 
ATOM   1019 N N   . ILE A 1 141 ? 4.558   2.688   4.060   1.00 3.78  ? 141 ILE A N   1 
ATOM   1020 C CA  . ILE A 1 141 ? 3.766   3.486   3.149   1.00 3.03  ? 141 ILE A CA  1 
ATOM   1021 C C   . ILE A 1 141 ? 3.886   2.900   1.746   1.00 3.31  ? 141 ILE A C   1 
ATOM   1022 O O   . ILE A 1 141 ? 4.980   2.501   1.311   1.00 4.90  ? 141 ILE A O   1 
ATOM   1023 C CB  . ILE A 1 141 ? 4.202   4.965   3.134   1.00 7.67  ? 141 ILE A CB  1 
ATOM   1024 C CG1 . ILE A 1 141 ? 3.807   5.632   4.442   1.00 8.51  ? 141 ILE A CG1 1 
ATOM   1025 C CG2 . ILE A 1 141 ? 3.544   5.695   1.973   1.00 4.99  ? 141 ILE A CG2 1 
ATOM   1026 C CD1 . ILE A 1 141 ? 4.094   7.111   4.487   1.00 9.68  ? 141 ILE A CD1 1 
ATOM   1027 N N   . LEU A 1 142 ? 2.750   2.819   1.058   1.00 4.46  ? 142 LEU A N   1 
ATOM   1028 C CA  . LEU A 1 142 ? 2.702   2.290   -0.301  1.00 6.75  ? 142 LEU A CA  1 
ATOM   1029 C C   . LEU A 1 142 ? 2.345   3.425   -1.235  1.00 6.26  ? 142 LEU A C   1 
ATOM   1030 O O   . LEU A 1 142 ? 1.393   4.167   -0.978  1.00 4.75  ? 142 LEU A O   1 
ATOM   1031 C CB  . LEU A 1 142 ? 1.615   1.230   -0.441  1.00 4.97  ? 142 LEU A CB  1 
ATOM   1032 C CG  . LEU A 1 142 ? 1.665   0.047   0.514   1.00 8.74  ? 142 LEU A CG  1 
ATOM   1033 C CD1 . LEU A 1 142 ? 0.648   -0.994  0.072   1.00 9.95  ? 142 LEU A CD1 1 
ATOM   1034 C CD2 . LEU A 1 142 ? 3.026   -0.552  0.539   1.00 10.48 ? 142 LEU A CD2 1 
ATOM   1035 N N   . MET A 1 143 ? 3.052   3.508   -2.351  1.00 6.91  ? 143 MET A N   1 
ATOM   1036 C CA  . MET A 1 143 ? 2.796   4.558   -3.317  1.00 8.54  ? 143 MET A CA  1 
ATOM   1037 C C   . MET A 1 143 ? 3.092   4.025   -4.695  1.00 6.19  ? 143 MET A C   1 
ATOM   1038 O O   . MET A 1 143 ? 3.963   3.186   -4.852  1.00 6.85  ? 143 MET A O   1 
ATOM   1039 C CB  . MET A 1 143 ? 3.771   5.708   -3.113  1.00 9.97  ? 143 MET A CB  1 
ATOM   1040 C CG  . MET A 1 143 ? 3.559   6.560   -1.890  1.00 13.12 ? 143 MET A CG  1 
ATOM   1041 S SD  . MET A 1 143 ? 4.911   7.734   -1.675  1.00 12.88 ? 143 MET A SD  1 
ATOM   1042 C CE  . MET A 1 143 ? 6.128   6.714   -1.212  1.00 8.77  ? 143 MET A CE  1 
ATOM   1043 N N   . PRO A 1 144 ? 2.338   4.482   -5.711  1.00 6.05  ? 144 PRO A N   1 
ATOM   1044 C CA  . PRO A 1 144 ? 2.645   3.995   -7.061  1.00 8.41  ? 144 PRO A CA  1 
ATOM   1045 C C   . PRO A 1 144 ? 3.897   4.735   -7.554  1.00 10.96 ? 144 PRO A C   1 
ATOM   1046 O O   . PRO A 1 144 ? 4.160   5.877   -7.134  1.00 11.84 ? 144 PRO A O   1 
ATOM   1047 C CB  . PRO A 1 144 ? 1.402   4.429   -7.851  1.00 5.01  ? 144 PRO A CB  1 
ATOM   1048 C CG  . PRO A 1 144 ? 0.916   5.635   -7.122  1.00 7.19  ? 144 PRO A CG  1 
ATOM   1049 C CD  . PRO A 1 144 ? 1.075   5.226   -5.687  1.00 5.29  ? 144 PRO A CD  1 
ATOM   1050 N N   . ILE A 1 145 ? 4.710   4.090   -8.387  1.00 10.56 ? 145 ILE A N   1 
ATOM   1051 C CA  . ILE A 1 145 ? 5.892   4.775   -8.914  1.00 9.76  ? 145 ILE A CA  1 
ATOM   1052 C C   . ILE A 1 145 ? 5.397   5.763   -9.979  1.00 10.02 ? 145 ILE A C   1 
ATOM   1053 O O   . ILE A 1 145 ? 4.275   5.642   -10.467 1.00 9.46  ? 145 ILE A O   1 
ATOM   1054 C CB  . ILE A 1 145 ? 6.959   3.808   -9.488  1.00 9.92  ? 145 ILE A CB  1 
ATOM   1055 C CG1 . ILE A 1 145 ? 6.433   3.041   -10.702 1.00 8.60  ? 145 ILE A CG1 1 
ATOM   1056 C CG2 . ILE A 1 145 ? 7.478   2.885   -8.404  1.00 8.92  ? 145 ILE A CG2 1 
ATOM   1057 C CD1 . ILE A 1 145 ? 7.504   2.169   -11.325 1.00 10.60 ? 145 ILE A CD1 1 
ATOM   1058 N N   . LYS A 1 146 ? 6.248   6.695   -10.381 1.00 10.35 ? 146 LYS A N   1 
ATOM   1059 C CA  . LYS A 1 146 ? 5.863   7.724   -11.339 1.00 11.36 ? 146 LYS A CA  1 
ATOM   1060 C C   . LYS A 1 146 ? 5.283   7.205   -12.640 1.00 9.99  ? 146 LYS A C   1 
ATOM   1061 O O   . LYS A 1 146 ? 4.274   7.700   -13.106 1.00 9.61  ? 146 LYS A O   1 
ATOM   1062 C CB  . LYS A 1 146 ? 7.048   8.637   -11.625 1.00 14.90 ? 146 LYS A CB  1 
ATOM   1063 C CG  . LYS A 1 146 ? 6.619   9.914   -12.273 1.00 19.51 ? 146 LYS A CG  1 
ATOM   1064 C CD  . LYS A 1 146 ? 7.715   10.955  -12.253 1.00 28.84 ? 146 LYS A CD  1 
ATOM   1065 C CE  . LYS A 1 146 ? 7.148   12.294  -12.736 1.00 35.38 ? 146 LYS A CE  1 
ATOM   1066 N NZ  . LYS A 1 146 ? 8.235   13.305  -12.945 1.00 43.38 ? 146 LYS A NZ  1 
ATOM   1067 N N   . GLN A 1 147 ? 5.947   6.213   -13.217 1.00 12.00 ? 147 GLN A N   1 
ATOM   1068 C CA  . GLN A 1 147 ? 5.529   5.563   -14.461 1.00 13.20 ? 147 GLN A CA  1 
ATOM   1069 C C   . GLN A 1 147 ? 4.054   5.115   -14.426 1.00 12.05 ? 147 GLN A C   1 
ATOM   1070 O O   . GLN A 1 147 ? 3.303   5.335   -15.392 1.00 12.44 ? 147 GLN A O   1 
ATOM   1071 C CB  . GLN A 1 147 ? 6.443   4.363   -14.708 1.00 15.62 ? 147 GLN A CB  1 
ATOM   1072 C CG  . GLN A 1 147 ? 6.266   3.654   -16.037 1.00 23.77 ? 147 GLN A CG  1 
ATOM   1073 C CD  . GLN A 1 147 ? 7.190   2.449   -16.155 1.00 27.29 ? 147 GLN A CD  1 
ATOM   1074 O OE1 . GLN A 1 147 ? 7.023   1.445   -15.457 1.00 30.25 ? 147 GLN A OE1 1 
ATOM   1075 N NE2 . GLN A 1 147 ? 8.191   2.561   -17.015 1.00 33.27 ? 147 GLN A NE2 1 
ATOM   1076 N N   . LEU A 1 148 ? 3.648   4.487   -13.325 1.00 9.84  ? 148 LEU A N   1 
ATOM   1077 C CA  . LEU A 1 148 ? 2.272   4.042   -13.166 1.00 9.02  ? 148 LEU A CA  1 
ATOM   1078 C C   . LEU A 1 148 ? 1.376   5.242   -12.874 1.00 10.61 ? 148 LEU A C   1 
ATOM   1079 O O   . LEU A 1 148 ? 0.347   5.406   -13.528 1.00 9.28  ? 148 LEU A O   1 
ATOM   1080 C CB  . LEU A 1 148 ? 2.147   3.016   -12.022 1.00 8.96  ? 148 LEU A CB  1 
ATOM   1081 C CG  . LEU A 1 148 ? 0.737   2.588   -11.574 1.00 7.95  ? 148 LEU A CG  1 
ATOM   1082 C CD1 . LEU A 1 148 ? 0.058   1.865   -12.687 1.00 11.06 ? 148 LEU A CD1 1 
ATOM   1083 C CD2 . LEU A 1 148 ? 0.800   1.679   -10.368 1.00 6.15  ? 148 LEU A CD2 1 
ATOM   1084 N N   . ALA A 1 149 ? 1.792   6.081   -11.908 1.00 9.73  ? 149 ALA A N   1 
ATOM   1085 C CA  . ALA A 1 149 ? 1.040   7.272   -11.487 1.00 9.18  ? 149 ALA A CA  1 
ATOM   1086 C C   . ALA A 1 149 ? 0.604   8.140   -12.645 1.00 9.11  ? 149 ALA A C   1 
ATOM   1087 O O   . ALA A 1 149 ? -0.444  8.753   -12.599 1.00 10.10 ? 149 ALA A O   1 
ATOM   1088 C CB  . ALA A 1 149 ? 1.836   8.083   -10.495 1.00 9.09  ? 149 ALA A CB  1 
ATOM   1089 N N   . TYR A 1 150 ? 1.393   8.135   -13.707 1.00 10.06 ? 150 TYR A N   1 
ATOM   1090 C CA  . TYR A 1 150 ? 1.102   8.900   -14.903 1.00 10.75 ? 150 TYR A CA  1 
ATOM   1091 C C   . TYR A 1 150 ? -0.263  8.518   -15.456 1.00 13.28 ? 150 TYR A C   1 
ATOM   1092 O O   . TYR A 1 150 ? -0.999  9.380   -15.954 1.00 14.81 ? 150 TYR A O   1 
ATOM   1093 C CB  . TYR A 1 150 ? 2.207   8.678   -15.957 1.00 11.28 ? 150 TYR A CB  1 
ATOM   1094 C CG  . TYR A 1 150 ? 2.073   9.521   -17.217 1.00 16.18 ? 150 TYR A CG  1 
ATOM   1095 C CD1 . TYR A 1 150 ? 2.415   10.873  -17.221 1.00 17.87 ? 150 TYR A CD1 1 
ATOM   1096 C CD2 . TYR A 1 150 ? 1.571   8.973   -18.390 1.00 17.71 ? 150 TYR A CD2 1 
ATOM   1097 C CE1 . TYR A 1 150 ? 2.259   11.645  -18.365 1.00 17.80 ? 150 TYR A CE1 1 
ATOM   1098 C CE2 . TYR A 1 150 ? 1.414   9.726   -19.522 1.00 18.00 ? 150 TYR A CE2 1 
ATOM   1099 C CZ  . TYR A 1 150 ? 1.749   11.063  -19.510 1.00 19.81 ? 150 TYR A CZ  1 
ATOM   1100 O OH  . TYR A 1 150 ? 1.561   11.798  -20.654 1.00 17.37 ? 150 TYR A OH  1 
ATOM   1101 N N   . TYR A 1 151 ? -0.624  7.240   -15.372 1.00 10.01 ? 151 TYR A N   1 
ATOM   1102 C CA  . TYR A 1 151 ? -1.920  6.799   -15.882 1.00 10.37 ? 151 TYR A CA  1 
ATOM   1103 C C   . TYR A 1 151 ? -2.989  6.694   -14.818 1.00 11.55 ? 151 TYR A C   1 
ATOM   1104 O O   . TYR A 1 151 ? -4.082  6.172   -15.060 1.00 13.42 ? 151 TYR A O   1 
ATOM   1105 C CB  . TYR A 1 151 ? -1.773  5.468   -16.625 1.00 10.40 ? 151 TYR A CB  1 
ATOM   1106 C CG  . TYR A 1 151 ? -0.948  5.615   -17.870 1.00 11.80 ? 151 TYR A CG  1 
ATOM   1107 C CD1 . TYR A 1 151 ? -1.468  6.247   -18.990 1.00 12.98 ? 151 TYR A CD1 1 
ATOM   1108 C CD2 . TYR A 1 151 ? 0.359   5.173   -17.916 1.00 12.49 ? 151 TYR A CD2 1 
ATOM   1109 C CE1 . TYR A 1 151 ? -0.704  6.439   -20.118 1.00 12.72 ? 151 TYR A CE1 1 
ATOM   1110 C CE2 . TYR A 1 151 ? 1.129   5.361   -19.047 1.00 15.25 ? 151 TYR A CE2 1 
ATOM   1111 C CZ  . TYR A 1 151 ? 0.588   5.991   -20.139 1.00 13.64 ? 151 TYR A CZ  1 
ATOM   1112 O OH  . TYR A 1 151 ? 1.337   6.171   -21.270 1.00 20.69 ? 151 TYR A OH  1 
ATOM   1113 N N   . LEU A 1 152 ? -2.652  7.128   -13.609 1.00 12.39 ? 152 LEU A N   1 
ATOM   1114 C CA  . LEU A 1 152 ? -3.582  7.104   -12.482 1.00 11.61 ? 152 LEU A CA  1 
ATOM   1115 C C   . LEU A 1 152 ? -4.203  8.487   -12.377 1.00 14.72 ? 152 LEU A C   1 
ATOM   1116 O O   . LEU A 1 152 ? -3.763  9.424   -13.042 1.00 15.46 ? 152 LEU A O   1 
ATOM   1117 C CB  . LEU A 1 152 ? -2.861  6.728   -11.186 1.00 9.23  ? 152 LEU A CB  1 
ATOM   1118 C CG  . LEU A 1 152 ? -2.340  5.279   -11.177 1.00 9.55  ? 152 LEU A CG  1 
ATOM   1119 C CD1 . LEU A 1 152 ? -1.757  4.924   -9.838  1.00 7.80  ? 152 LEU A CD1 1 
ATOM   1120 C CD2 . LEU A 1 152 ? -3.476  4.340   -11.506 1.00 7.65  ? 152 LEU A CD2 1 
ATOM   1121 N N   . THR A 1 153 ? -5.227  8.615   -11.557 1.00 16.41 ? 153 THR A N   1 
ATOM   1122 C CA  . THR A 1 153 ? -5.913  9.872   -11.402 1.00 19.22 ? 153 THR A CA  1 
ATOM   1123 C C   . THR A 1 153 ? -5.014  11.055  -11.037 1.00 20.94 ? 153 THR A C   1 
ATOM   1124 O O   . THR A 1 153 ? -4.021  10.920  -10.337 1.00 20.08 ? 153 THR A O   1 
ATOM   1125 C CB  . THR A 1 153 ? -7.046  9.729   -10.425 1.00 20.58 ? 153 THR A CB  1 
ATOM   1126 O OG1 . THR A 1 153 ? -7.717  10.982  -10.310 1.00 30.20 ? 153 THR A OG1 1 
ATOM   1127 C CG2 . THR A 1 153 ? -6.532  9.313   -9.085  1.00 22.51 ? 153 THR A CG2 1 
ATOM   1128 N N   . ASP A 1 154 ? -5.391  12.209  -11.566 1.00 24.17 ? 154 ASP A N   1 
ATOM   1129 C CA  . ASP A 1 154 ? -4.706  13.481  -11.401 1.00 27.91 ? 154 ASP A CA  1 
ATOM   1130 C C   . ASP A 1 154 ? -4.134  13.797  -10.012 1.00 28.69 ? 154 ASP A C   1 
ATOM   1131 O O   . ASP A 1 154 ? -2.988  14.212  -9.889  1.00 29.27 ? 154 ASP A O   1 
ATOM   1132 C CB  . ASP A 1 154 ? -5.669  14.599  -11.836 1.00 32.47 ? 154 ASP A CB  1 
ATOM   1133 C CG  . ASP A 1 154 ? -4.953  15.875  -12.244 1.00 37.00 ? 154 ASP A CG  1 
ATOM   1134 O OD1 . ASP A 1 154 ? -3.818  15.796  -12.781 1.00 40.02 ? 154 ASP A OD1 1 
ATOM   1135 O OD2 . ASP A 1 154 ? -5.540  16.963  -12.038 1.00 41.37 ? 154 ASP A OD2 1 
ATOM   1136 N N   . ARG A 1 155 ? -4.945  13.650  -8.975  1.00 31.68 ? 155 ARG A N   1 
ATOM   1137 C CA  . ARG A 1 155 ? -4.510  13.944  -7.607  1.00 35.80 ? 155 ARG A CA  1 
ATOM   1138 C C   . ARG A 1 155 ? -3.225  13.236  -7.192  1.00 34.54 ? 155 ARG A C   1 
ATOM   1139 O O   . ARG A 1 155 ? -2.201  13.875  -6.896  1.00 35.52 ? 155 ARG A O   1 
ATOM   1140 C CB  . ARG A 1 155 ? -5.589  13.521  -6.594  1.00 42.86 ? 155 ARG A CB  1 
ATOM   1141 C CG  . ARG A 1 155 ? -6.484  14.622  -6.027  1.00 52.97 ? 155 ARG A CG  1 
ATOM   1142 C CD  . ARG A 1 155 ? -7.369  14.059  -4.881  1.00 60.31 ? 155 ARG A CD  1 
ATOM   1143 N NE  . ARG A 1 155 ? -8.587  14.860  -4.668  1.00 67.48 ? 155 ARG A NE  1 
ATOM   1144 C CZ  . ARG A 1 155 ? -9.594  14.534  -3.847  1.00 70.09 ? 155 ARG A CZ  1 
ATOM   1145 N NH1 . ARG A 1 155 ? -9.569  13.412  -3.132  1.00 71.63 ? 155 ARG A NH1 1 
ATOM   1146 N NH2 . ARG A 1 155 ? -10.649 15.340  -3.749  1.00 72.13 ? 155 ARG A NH2 1 
ATOM   1147 N N   . VAL A 1 156 ? -3.298  11.906  -7.234  1.00 30.65 ? 156 VAL A N   1 
ATOM   1148 C CA  . VAL A 1 156 ? -2.239  11.024  -6.775  1.00 25.02 ? 156 VAL A CA  1 
ATOM   1149 C C   . VAL A 1 156 ? -0.777  11.376  -6.947  1.00 21.34 ? 156 VAL A C   1 
ATOM   1150 O O   . VAL A 1 156 ? -0.330  11.698  -8.037  1.00 21.85 ? 156 VAL A O   1 
ATOM   1151 C CB  . VAL A 1 156 ? -2.460  9.569   -7.240  1.00 23.53 ? 156 VAL A CB  1 
ATOM   1152 C CG1 . VAL A 1 156 ? -1.952  9.365   -8.633  1.00 24.48 ? 156 VAL A CG1 1 
ATOM   1153 C CG2 . VAL A 1 156 ? -1.768  8.625   -6.297  1.00 23.09 ? 156 VAL A CG2 1 
ATOM   1154 N N   . THR A 1 157 ? -0.044  11.299  -5.839  1.00 18.80 ? 157 THR A N   1 
ATOM   1155 C CA  . THR A 1 157 ? 1.387   11.529  -5.857  1.00 17.54 ? 157 THR A CA  1 
ATOM   1156 C C   . THR A 1 157 ? 2.090   10.208  -6.250  1.00 17.58 ? 157 THR A C   1 
ATOM   1157 O O   . THR A 1 157 ? 1.431   9.243   -6.651  1.00 19.19 ? 157 THR A O   1 
ATOM   1158 C CB  . THR A 1 157 ? 1.908   12.094  -4.498  1.00 17.96 ? 157 THR A CB  1 
ATOM   1159 O OG1 . THR A 1 157 ? 3.220   12.638  -4.695  1.00 17.82 ? 157 THR A OG1 1 
ATOM   1160 C CG2 . THR A 1 157 ? 1.952   11.041  -3.407  1.00 15.59 ? 157 THR A CG2 1 
ATOM   1161 N N   . ASN A 1 158 ? 3.416   10.165  -6.173  1.00 13.50 ? 158 ASN A N   1 
ATOM   1162 C CA  . ASN A 1 158 ? 4.150   8.970   -6.553  1.00 11.04 ? 158 ASN A CA  1 
ATOM   1163 C C   . ASN A 1 158 ? 5.392   8.844   -5.720  1.00 8.99  ? 158 ASN A C   1 
ATOM   1164 O O   . ASN A 1 158 ? 5.825   9.816   -5.132  1.00 8.84  ? 158 ASN A O   1 
ATOM   1165 C CB  . ASN A 1 158 ? 4.514   9.000   -8.041  1.00 9.75  ? 158 ASN A CB  1 
ATOM   1166 C CG  . ASN A 1 158 ? 5.302   10.234  -8.441  1.00 11.40 ? 158 ASN A CG  1 
ATOM   1167 O OD1 . ASN A 1 158 ? 6.521   10.280  -8.314  1.00 11.22 ? 158 ASN A OD1 1 
ATOM   1168 N ND2 . ASN A 1 158 ? 4.612   11.215  -8.961  1.00 10.74 ? 158 ASN A ND2 1 
ATOM   1169 N N   . PHE A 1 159 ? 5.949   7.638   -5.687  1.00 6.19  ? 159 PHE A N   1 
ATOM   1170 C CA  . PHE A 1 159 ? 7.148   7.280   -4.932  1.00 5.87  ? 159 PHE A CA  1 
ATOM   1171 C C   . PHE A 1 159 ? 8.343   8.241   -5.111  1.00 5.90  ? 159 PHE A C   1 
ATOM   1172 O O   . PHE A 1 159 ? 8.946   8.675   -4.147  1.00 5.87  ? 159 PHE A O   1 
ATOM   1173 C CB  . PHE A 1 159 ? 7.550   5.836   -5.329  1.00 4.04  ? 159 PHE A CB  1 
ATOM   1174 C CG  . PHE A 1 159 ? 8.720   5.267   -4.551  1.00 5.25  ? 159 PHE A CG  1 
ATOM   1175 C CD1 . PHE A 1 159 ? 10.018  5.485   -4.972  1.00 5.71  ? 159 PHE A CD1 1 
ATOM   1176 C CD2 . PHE A 1 159 ? 8.517   4.494   -3.417  1.00 6.52  ? 159 PHE A CD2 1 
ATOM   1177 C CE1 . PHE A 1 159 ? 11.095  4.948   -4.292  1.00 4.30  ? 159 PHE A CE1 1 
ATOM   1178 C CE2 . PHE A 1 159 ? 9.605   3.953   -2.730  1.00 6.09  ? 159 PHE A CE2 1 
ATOM   1179 C CZ  . PHE A 1 159 ? 10.893  4.184   -3.175  1.00 5.23  ? 159 PHE A CZ  1 
ATOM   1180 N N   . GLU A 1 160 ? 8.691   8.545   -6.348  1.00 5.38  ? 160 GLU A N   1 
ATOM   1181 C CA  . GLU A 1 160 ? 9.833   9.388   -6.625  1.00 7.93  ? 160 GLU A CA  1 
ATOM   1182 C C   . GLU A 1 160 ? 9.689   10.820  -6.126  1.00 9.68  ? 160 GLU A C   1 
ATOM   1183 O O   . GLU A 1 160 ? 10.666  11.457  -5.741  1.00 10.91 ? 160 GLU A O   1 
ATOM   1184 C CB  . GLU A 1 160 ? 10.138  9.361   -8.113  1.00 8.31  ? 160 GLU A CB  1 
ATOM   1185 C CG  . GLU A 1 160 ? 10.596  7.975   -8.578  1.00 10.73 ? 160 GLU A CG  1 
ATOM   1186 C CD  . GLU A 1 160 ? 9.463   7.054   -9.011  1.00 11.55 ? 160 GLU A CD  1 
ATOM   1187 O OE1 . GLU A 1 160 ? 8.280   7.282   -8.674  1.00 12.35 ? 160 GLU A OE1 1 
ATOM   1188 O OE2 . GLU A 1 160 ? 9.768   6.087   -9.729  1.00 14.90 ? 160 GLU A OE2 1 
ATOM   1189 N N   . GLU A 1 161 ? 8.460   11.306  -6.091  1.00 10.41 ? 161 GLU A N   1 
ATOM   1190 C CA  . GLU A 1 161 ? 8.186   12.650  -5.617  1.00 13.56 ? 161 GLU A CA  1 
ATOM   1191 C C   . GLU A 1 161 ? 8.442   12.777  -4.109  1.00 15.44 ? 161 GLU A C   1 
ATOM   1192 O O   . GLU A 1 161 ? 8.902   13.826  -3.637  1.00 13.75 ? 161 GLU A O   1 
ATOM   1193 C CB  . GLU A 1 161 ? 6.752   13.015  -5.947  1.00 16.58 ? 161 GLU A CB  1 
ATOM   1194 C CG  . GLU A 1 161 ? 6.583   14.372  -6.610  1.00 27.90 ? 161 GLU A CG  1 
ATOM   1195 C CD  . GLU A 1 161 ? 5.293   14.443  -7.438  1.00 34.29 ? 161 GLU A CD  1 
ATOM   1196 O OE1 . GLU A 1 161 ? 4.215   14.720  -6.851  1.00 34.05 ? 161 GLU A OE1 1 
ATOM   1197 O OE2 . GLU A 1 161 ? 5.367   14.196  -8.675  1.00 38.15 ? 161 GLU A OE2 1 
ATOM   1198 N N   . LEU A 1 162 ? 8.164   11.714  -3.353  1.00 12.01 ? 162 LEU A N   1 
ATOM   1199 C CA  . LEU A 1 162 ? 8.370   11.741  -1.918  1.00 8.60  ? 162 LEU A CA  1 
ATOM   1200 C C   . LEU A 1 162 ? 9.762   11.272  -1.557  1.00 8.02  ? 162 LEU A C   1 
ATOM   1201 O O   . LEU A 1 162 ? 10.258  11.577  -0.485  1.00 9.03  ? 162 LEU A O   1 
ATOM   1202 C CB  . LEU A 1 162 ? 7.330   10.891  -1.173  1.00 8.28  ? 162 LEU A CB  1 
ATOM   1203 C CG  . LEU A 1 162 ? 7.392   11.022  0.353   1.00 8.71  ? 162 LEU A CG  1 
ATOM   1204 C CD1 . LEU A 1 162 ? 7.093   12.465  0.722   1.00 9.64  ? 162 LEU A CD1 1 
ATOM   1205 C CD2 . LEU A 1 162 ? 6.397   10.094  1.038   1.00 9.22  ? 162 LEU A CD2 1 
ATOM   1206 N N   . GLU A 1 163 ? 10.429  10.600  -2.484  1.00 7.70  ? 163 GLU A N   1 
ATOM   1207 C CA  . GLU A 1 163 ? 11.755  10.052  -2.225  1.00 7.87  ? 163 GLU A CA  1 
ATOM   1208 C C   . GLU A 1 163 ? 12.811  10.926  -1.559  1.00 10.37 ? 163 GLU A C   1 
ATOM   1209 O O   . GLU A 1 163 ? 13.479  10.470  -0.632  1.00 9.50  ? 163 GLU A O   1 
ATOM   1210 C CB  . GLU A 1 163 ? 12.330  9.410   -3.483  1.00 11.72 ? 163 GLU A CB  1 
ATOM   1211 C CG  . GLU A 1 163 ? 13.560  8.545   -3.225  1.00 13.31 ? 163 GLU A CG  1 
ATOM   1212 C CD  . GLU A 1 163 ? 13.946  7.698   -4.427  1.00 17.43 ? 163 GLU A CD  1 
ATOM   1213 O OE1 . GLU A 1 163 ? 13.292  7.832   -5.481  1.00 17.11 ? 163 GLU A OE1 1 
ATOM   1214 O OE2 . GLU A 1 163 ? 14.893  6.886   -4.316  1.00 20.65 ? 163 GLU A OE2 1 
ATOM   1215 N N   . PRO A 1 164 ? 12.981  12.195  -1.999  1.00 11.11 ? 164 PRO A N   1 
ATOM   1216 C CA  . PRO A 1 164 ? 13.999  13.048  -1.362  1.00 11.04 ? 164 PRO A CA  1 
ATOM   1217 C C   . PRO A 1 164 ? 13.809  13.161  0.151   1.00 10.31 ? 164 PRO A C   1 
ATOM   1218 O O   . PRO A 1 164 ? 14.770  13.373  0.895   1.00 14.71 ? 164 PRO A O   1 
ATOM   1219 C CB  . PRO A 1 164 ? 13.777  14.403  -2.039  1.00 12.71 ? 164 PRO A CB  1 
ATOM   1220 C CG  . PRO A 1 164 ? 13.272  14.037  -3.390  1.00 11.02 ? 164 PRO A CG  1 
ATOM   1221 C CD  . PRO A 1 164 ? 12.284  12.931  -3.070  1.00 11.20 ? 164 PRO A CD  1 
ATOM   1222 N N   . TYR A 1 165 ? 12.582  12.936  0.602   1.00 9.43  ? 165 TYR A N   1 
ATOM   1223 C CA  . TYR A 1 165 ? 12.222  13.020  2.017   1.00 9.00  ? 165 TYR A CA  1 
ATOM   1224 C C   . TYR A 1 165 ? 12.230  11.736  2.843   1.00 9.68  ? 165 TYR A C   1 
ATOM   1225 O O   . TYR A 1 165 ? 11.941  11.783  4.037   1.00 9.51  ? 165 TYR A O   1 
ATOM   1226 C CB  . TYR A 1 165 ? 10.853  13.668  2.145   1.00 8.25  ? 165 TYR A CB  1 
ATOM   1227 C CG  . TYR A 1 165 ? 10.825  15.054  1.576   1.00 13.02 ? 165 TYR A CG  1 
ATOM   1228 C CD1 . TYR A 1 165 ? 11.245  16.143  2.349   1.00 14.73 ? 165 TYR A CD1 1 
ATOM   1229 C CD2 . TYR A 1 165 ? 10.411  15.286  0.267   1.00 8.71  ? 165 TYR A CD2 1 
ATOM   1230 C CE1 . TYR A 1 165 ? 11.249  17.418  1.839   1.00 14.53 ? 165 TYR A CE1 1 
ATOM   1231 C CE2 . TYR A 1 165 ? 10.415  16.563  -0.253  1.00 13.56 ? 165 TYR A CE2 1 
ATOM   1232 C CZ  . TYR A 1 165 ? 10.838  17.624  0.547   1.00 17.61 ? 165 TYR A CZ  1 
ATOM   1233 O OH  . TYR A 1 165 ? 10.837  18.908  0.061   1.00 20.21 ? 165 TYR A OH  1 
ATOM   1234 N N   . PHE A 1 166 ? 12.536  10.592  2.239   1.00 8.94  ? 166 PHE A N   1 
ATOM   1235 C CA  . PHE A 1 166 ? 12.567  9.345   3.000   1.00 8.04  ? 166 PHE A CA  1 
ATOM   1236 C C   . PHE A 1 166 ? 13.603  9.473   4.099   1.00 7.72  ? 166 PHE A C   1 
ATOM   1237 O O   . PHE A 1 166 ? 13.503  8.858   5.141   1.00 9.82  ? 166 PHE A O   1 
ATOM   1238 C CB  . PHE A 1 166 ? 12.976  8.163   2.118   1.00 8.56  ? 166 PHE A CB  1 
ATOM   1239 C CG  . PHE A 1 166 ? 11.986  7.797   1.043   1.00 5.40  ? 166 PHE A CG  1 
ATOM   1240 C CD1 . PHE A 1 166 ? 10.704  8.330   1.012   1.00 7.23  ? 166 PHE A CD1 1 
ATOM   1241 C CD2 . PHE A 1 166 ? 12.361  6.913   0.044   1.00 5.04  ? 166 PHE A CD2 1 
ATOM   1242 C CE1 . PHE A 1 166 ? 9.812   7.985   -0.013  1.00 6.17  ? 166 PHE A CE1 1 
ATOM   1243 C CE2 . PHE A 1 166 ? 11.492  6.572   -0.966  1.00 5.43  ? 166 PHE A CE2 1 
ATOM   1244 C CZ  . PHE A 1 166 ? 10.216  7.105   -1.002  1.00 5.13  ? 166 PHE A CZ  1 
ATOM   1245 N N   . GLU A 1 167 ? 14.600  10.304  3.847   1.00 9.90  ? 167 GLU A N   1 
ATOM   1246 C CA  . GLU A 1 167 ? 15.693  10.542  4.775   1.00 10.25 ? 167 GLU A CA  1 
ATOM   1247 C C   . GLU A 1 167 ? 15.223  11.041  6.136   1.00 8.78  ? 167 GLU A C   1 
ATOM   1248 O O   . GLU A 1 167 ? 15.890  10.832  7.134   1.00 10.05 ? 167 GLU A O   1 
ATOM   1249 C CB  . GLU A 1 167 ? 16.634  11.570  4.165   1.00 15.17 ? 167 GLU A CB  1 
ATOM   1250 C CG  . GLU A 1 167 ? 17.964  11.680  4.865   1.00 24.24 ? 167 GLU A CG  1 
ATOM   1251 C CD  . GLU A 1 167 ? 18.871  12.738  4.243   1.00 24.33 ? 167 GLU A CD  1 
ATOM   1252 O OE1 . GLU A 1 167 ? 18.578  13.197  3.112   1.00 20.10 ? 167 GLU A OE1 1 
ATOM   1253 O OE2 . GLU A 1 167 ? 19.884  13.092  4.892   1.00 29.77 ? 167 GLU A OE2 1 
ATOM   1254 N N   . LEU A 1 168 ? 14.080  11.715  6.163   1.00 8.64  ? 168 LEU A N   1 
ATOM   1255 C CA  . LEU A 1 168 ? 13.527  12.251  7.401   1.00 7.47  ? 168 LEU A CA  1 
ATOM   1256 C C   . LEU A 1 168 ? 13.040  11.178  8.353   1.00 9.66  ? 168 LEU A C   1 
ATOM   1257 O O   . LEU A 1 168 ? 12.811  11.460  9.530   1.00 9.20  ? 168 LEU A O   1 
ATOM   1258 C CB  . LEU A 1 168 ? 12.387  13.222  7.116   1.00 4.24  ? 168 LEU A CB  1 
ATOM   1259 C CG  . LEU A 1 168 ? 12.798  14.502  6.397   1.00 5.21  ? 168 LEU A CG  1 
ATOM   1260 C CD1 . LEU A 1 168 ? 11.625  15.423  6.368   1.00 4.52  ? 168 LEU A CD1 1 
ATOM   1261 C CD2 . LEU A 1 168 ? 13.941  15.165  7.128   1.00 4.46  ? 168 LEU A CD2 1 
ATOM   1262 N N   . THR A 1 169 ? 12.892  9.948   7.859   1.00 10.43 ? 169 THR A N   1 
ATOM   1263 C CA  . THR A 1 169 ? 12.434  8.851   8.700   1.00 9.26  ? 169 THR A CA  1 
ATOM   1264 C C   . THR A 1 169 ? 13.582  8.094   9.338   1.00 10.15 ? 169 THR A C   1 
ATOM   1265 O O   . THR A 1 169 ? 13.359  7.248   10.189  1.00 10.37 ? 169 THR A O   1 
ATOM   1266 C CB  . THR A 1 169 ? 11.557  7.883   7.904   1.00 10.26 ? 169 THR A CB  1 
ATOM   1267 O OG1 . THR A 1 169 ? 12.332  7.322   6.841   1.00 8.78  ? 169 THR A OG1 1 
ATOM   1268 C CG2 . THR A 1 169 ? 10.331  8.626   7.335   1.00 8.21  ? 169 THR A CG2 1 
ATOM   1269 N N   . GLU A 1 170 ? 14.806  8.377   8.911   1.00 10.87 ? 170 GLU A N   1 
ATOM   1270 C CA  . GLU A 1 170 ? 15.953  7.702   9.493   1.00 15.67 ? 170 GLU A CA  1 
ATOM   1271 C C   . GLU A 1 170 ? 15.927  7.837   11.005  1.00 15.22 ? 170 GLU A C   1 
ATOM   1272 O O   . GLU A 1 170 ? 15.539  8.871   11.547  1.00 15.83 ? 170 GLU A O   1 
ATOM   1273 C CB  . GLU A 1 170 ? 17.259  8.247   8.928   1.00 19.40 ? 170 GLU A CB  1 
ATOM   1274 C CG  . GLU A 1 170 ? 17.680  7.578   7.625   1.00 28.93 ? 170 GLU A CG  1 
ATOM   1275 C CD  . GLU A 1 170 ? 18.675  8.404   6.829   1.00 35.47 ? 170 GLU A CD  1 
ATOM   1276 O OE1 . GLU A 1 170 ? 19.460  9.182   7.441   1.00 38.70 ? 170 GLU A OE1 1 
ATOM   1277 O OE2 . GLU A 1 170 ? 18.653  8.281   5.577   1.00 39.42 ? 170 GLU A OE2 1 
ATOM   1278 N N   . GLY A 1 171 ? 16.293  6.758   11.680  1.00 13.98 ? 171 GLY A N   1 
ATOM   1279 C CA  . GLY A 1 171 ? 16.269  6.764   13.122  1.00 13.39 ? 171 GLY A CA  1 
ATOM   1280 C C   . GLY A 1 171 ? 15.027  6.057   13.611  1.00 14.59 ? 171 GLY A C   1 
ATOM   1281 O O   . GLY A 1 171 ? 14.932  5.762   14.797  1.00 16.38 ? 171 GLY A O   1 
ATOM   1282 N N   . GLN A 1 172 ? 14.068  5.806   12.718  1.00 13.82 ? 172 GLN A N   1 
ATOM   1283 C CA  . GLN A 1 172 ? 12.823  5.097   13.062  1.00 14.48 ? 172 GLN A CA  1 
ATOM   1284 C C   . GLN A 1 172 ? 12.587  3.927   12.071  1.00 11.89 ? 172 GLN A C   1 
ATOM   1285 O O   . GLN A 1 172 ? 13.124  3.930   10.969  1.00 12.15 ? 172 GLN A O   1 
ATOM   1286 C CB  . GLN A 1 172 ? 11.616  6.057   13.006  1.00 17.26 ? 172 GLN A CB  1 
ATOM   1287 C CG  . GLN A 1 172 ? 11.607  7.226   14.012  1.00 22.21 ? 172 GLN A CG  1 
ATOM   1288 C CD  . GLN A 1 172 ? 11.379  6.803   15.475  1.00 24.75 ? 172 GLN A CD  1 
ATOM   1289 O OE1 . GLN A 1 172 ? 11.545  7.614   16.391  1.00 26.41 ? 172 GLN A OE1 1 
ATOM   1290 N NE2 . GLN A 1 172 ? 10.987  5.551   15.697  1.00 22.82 ? 172 GLN A NE2 1 
ATOM   1291 N N   . PRO A 1 173 ? 11.852  2.878   12.486  1.00 12.38 ? 173 PRO A N   1 
ATOM   1292 C CA  . PRO A 1 173 ? 11.563  1.722   11.619  1.00 9.76  ? 173 PRO A CA  1 
ATOM   1293 C C   . PRO A 1 173 ? 10.546  2.179   10.579  1.00 6.16  ? 173 PRO A C   1 
ATOM   1294 O O   . PRO A 1 173 ? 9.375   2.304   10.899  1.00 6.70  ? 173 PRO A O   1 
ATOM   1295 C CB  . PRO A 1 173 ? 10.895  0.736   12.586  1.00 11.54 ? 173 PRO A CB  1 
ATOM   1296 C CG  . PRO A 1 173 ? 11.446  1.092   13.891  1.00 12.83 ? 173 PRO A CG  1 
ATOM   1297 C CD  . PRO A 1 173 ? 11.429  2.594   13.868  1.00 10.70 ? 173 PRO A CD  1 
ATOM   1298 N N   . PHE A 1 174 ? 10.968  2.396   9.340   1.00 5.52  ? 174 PHE A N   1 
ATOM   1299 C CA  . PHE A 1 174 ? 10.050  2.898   8.327   1.00 5.75  ? 174 PHE A CA  1 
ATOM   1300 C C   . PHE A 1 174 ? 10.365  2.230   7.007   1.00 4.68  ? 174 PHE A C   1 
ATOM   1301 O O   . PHE A 1 174 ? 11.533  2.023   6.676   1.00 8.82  ? 174 PHE A O   1 
ATOM   1302 C CB  . PHE A 1 174 ? 10.219  4.434   8.193   1.00 6.59  ? 174 PHE A CB  1 
ATOM   1303 C CG  . PHE A 1 174 ? 8.918   5.195   7.963   1.00 5.13  ? 174 PHE A CG  1 
ATOM   1304 C CD1 . PHE A 1 174 ? 8.219   5.078   6.774   1.00 6.37  ? 174 PHE A CD1 1 
ATOM   1305 C CD2 . PHE A 1 174 ? 8.407   6.035   8.942   1.00 4.68  ? 174 PHE A CD2 1 
ATOM   1306 C CE1 . PHE A 1 174 ? 7.048   5.776   6.569   1.00 5.62  ? 174 PHE A CE1 1 
ATOM   1307 C CE2 . PHE A 1 174 ? 7.239   6.736   8.737   1.00 2.83  ? 174 PHE A CE2 1 
ATOM   1308 C CZ  . PHE A 1 174 ? 6.559   6.605   7.553   1.00 4.39  ? 174 PHE A CZ  1 
ATOM   1309 N N   . ILE A 1 175 ? 9.330   1.933   6.233   1.00 6.01  ? 175 ILE A N   1 
ATOM   1310 C CA  . ILE A 1 175 ? 9.487   1.280   4.929   1.00 5.96  ? 175 ILE A CA  1 
ATOM   1311 C C   . ILE A 1 175 ? 8.597   1.959   3.914   1.00 4.76  ? 175 ILE A C   1 
ATOM   1312 O O   . ILE A 1 175 ? 7.444   2.277   4.235   1.00 6.40  ? 175 ILE A O   1 
ATOM   1313 C CB  . ILE A 1 175 ? 9.040   -0.224  5.008   1.00 6.16  ? 175 ILE A CB  1 
ATOM   1314 C CG1 . ILE A 1 175 ? 9.971   -1.005  5.921   1.00 7.82  ? 175 ILE A CG1 1 
ATOM   1315 C CG2 . ILE A 1 175 ? 9.072   -0.878  3.626   1.00 7.61  ? 175 ILE A CG2 1 
ATOM   1316 C CD1 . ILE A 1 175 ? 9.513   -2.465  6.131   1.00 5.76  ? 175 ILE A CD1 1 
ATOM   1317 N N   . PHE A 1 176 ? 9.136   2.251   2.727   1.00 3.52  ? 176 PHE A N   1 
ATOM   1318 C CA  . PHE A 1 176 ? 8.345   2.848   1.660   1.00 4.08  ? 176 PHE A CA  1 
ATOM   1319 C C   . PHE A 1 176 ? 8.383   1.862   0.490   1.00 4.44  ? 176 PHE A C   1 
ATOM   1320 O O   . PHE A 1 176 ? 9.457   1.439   0.074   1.00 6.85  ? 176 PHE A O   1 
ATOM   1321 C CB  . PHE A 1 176 ? 8.933   4.185   1.178   1.00 4.78  ? 176 PHE A CB  1 
ATOM   1322 C CG  . PHE A 1 176 ? 8.976   5.255   2.232   1.00 4.12  ? 176 PHE A CG  1 
ATOM   1323 C CD1 . PHE A 1 176 ? 10.043  5.326   3.112   1.00 5.26  ? 176 PHE A CD1 1 
ATOM   1324 C CD2 . PHE A 1 176 ? 7.968   6.196   2.327   1.00 5.73  ? 176 PHE A CD2 1 
ATOM   1325 C CE1 . PHE A 1 176 ? 10.104  6.318   4.069   1.00 5.22  ? 176 PHE A CE1 1 
ATOM   1326 C CE2 . PHE A 1 176 ? 8.024   7.201   3.290   1.00 5.88  ? 176 PHE A CE2 1 
ATOM   1327 C CZ  . PHE A 1 176 ? 9.097   7.253   4.154   1.00 5.26  ? 176 PHE A CZ  1 
ATOM   1328 N N   . ILE A 1 177 ? 7.229   1.584   -0.100  1.00 6.65  ? 177 ILE A N   1 
ATOM   1329 C CA  . ILE A 1 177 ? 7.151   0.642   -1.211  1.00 6.02  ? 177 ILE A CA  1 
ATOM   1330 C C   . ILE A 1 177 ? 6.539   1.292   -2.437  1.00 6.13  ? 177 ILE A C   1 
ATOM   1331 O O   . ILE A 1 177 ? 5.486   1.939   -2.348  1.00 9.82  ? 177 ILE A O   1 
ATOM   1332 C CB  . ILE A 1 177 ? 6.306   -0.605  -0.800  1.00 8.82  ? 177 ILE A CB  1 
ATOM   1333 C CG1 . ILE A 1 177 ? 7.021   -1.363  0.307   1.00 8.53  ? 177 ILE A CG1 1 
ATOM   1334 C CG2 . ILE A 1 177 ? 6.088   -1.512  -1.976  1.00 8.72  ? 177 ILE A CG2 1 
ATOM   1335 C CD1 . ILE A 1 177 ? 6.262   -2.629  0.801   1.00 15.17 ? 177 ILE A CD1 1 
ATOM   1336 N N   . GLY A 1 178 ? 7.223   1.150   -3.568  1.00 5.55  ? 178 GLY A N   1 
ATOM   1337 C CA  . GLY A 1 178 ? 6.735   1.704   -4.812  1.00 6.30  ? 178 GLY A CA  1 
ATOM   1338 C C   . GLY A 1 178 ? 6.318   0.574   -5.723  1.00 7.03  ? 178 GLY A C   1 
ATOM   1339 O O   . GLY A 1 178 ? 7.129   -0.264  -6.094  1.00 8.80  ? 178 GLY A O   1 
ATOM   1340 N N   . PHE A 1 179 ? 5.049   0.551   -6.081  1.00 6.91  ? 179 PHE A N   1 
ATOM   1341 C CA  . PHE A 1 179 ? 4.519   -0.516  -6.912  1.00 9.66  ? 179 PHE A CA  1 
ATOM   1342 C C   . PHE A 1 179 ? 4.277   -0.116  -8.345  1.00 10.86 ? 179 PHE A C   1 
ATOM   1343 O O   . PHE A 1 179 ? 4.042   1.056   -8.655  1.00 8.38  ? 179 PHE A O   1 
ATOM   1344 C CB  . PHE A 1 179 ? 3.236   -1.107  -6.287  1.00 7.98  ? 179 PHE A CB  1 
ATOM   1345 C CG  . PHE A 1 179 ? 2.092   -0.100  -6.106  1.00 9.04  ? 179 PHE A CG  1 
ATOM   1346 C CD1 . PHE A 1 179 ? 1.170   0.139   -7.124  1.00 6.45  ? 179 PHE A CD1 1 
ATOM   1347 C CD2 . PHE A 1 179 ? 1.925   0.565   -4.899  1.00 7.62  ? 179 PHE A CD2 1 
ATOM   1348 C CE1 . PHE A 1 179 ? 0.127   1.001   -6.940  1.00 5.86  ? 179 PHE A CE1 1 
ATOM   1349 C CE2 . PHE A 1 179 ? 0.888   1.423   -4.713  1.00 6.58  ? 179 PHE A CE2 1 
ATOM   1350 C CZ  . PHE A 1 179 ? -0.016  1.645   -5.734  1.00 9.40  ? 179 PHE A CZ  1 
ATOM   1351 N N   . ASN A 1 180 ? 4.318   -1.108  -9.222  1.00 9.01  ? 180 ASN A N   1 
ATOM   1352 C CA  . ASN A 1 180 ? 4.110   -0.870  -10.624 1.00 6.82  ? 180 ASN A CA  1 
ATOM   1353 C C   . ASN A 1 180 ? 3.223   -1.964  -11.205 1.00 9.66  ? 180 ASN A C   1 
ATOM   1354 O O   . ASN A 1 180 ? 3.142   -3.044  -10.645 1.00 10.20 ? 180 ASN A O   1 
ATOM   1355 C CB  . ASN A 1 180 ? 5.445   -0.862  -11.336 1.00 6.12  ? 180 ASN A CB  1 
ATOM   1356 C CG  . ASN A 1 180 ? 5.337   -0.323  -12.707 1.00 5.87  ? 180 ASN A CG  1 
ATOM   1357 O OD1 . ASN A 1 180 ? 4.288   0.210   -13.058 1.00 7.20  ? 180 ASN A OD1 1 
ATOM   1358 N ND2 . ASN A 1 180 ? 6.383   -0.451  -13.523 1.00 11.13 ? 180 ASN A ND2 1 
ATOM   1359 N N   . ALA A 1 181 ? 2.527   -1.667  -12.296 1.00 9.03  ? 181 ALA A N   1 
ATOM   1360 C CA  . ALA A 1 181 ? 1.689   -2.653  -12.982 1.00 11.54 ? 181 ALA A CA  1 
ATOM   1361 C C   . ALA A 1 181 ? 2.653   -3.527  -13.787 1.00 12.18 ? 181 ALA A C   1 
ATOM   1362 O O   . ALA A 1 181 ? 3.740   -3.092  -14.133 1.00 11.70 ? 181 ALA A O   1 
ATOM   1363 C CB  . ALA A 1 181 ? 0.699   -1.961  -13.932 1.00 8.31  ? 181 ALA A CB  1 
ATOM   1364 N N   . GLU A 1 182 ? 2.248   -4.751  -14.108 1.00 14.26 ? 182 GLU A N   1 
ATOM   1365 C CA  . GLU A 1 182 ? 3.126   -5.623  -14.864 1.00 12.87 ? 182 GLU A CA  1 
ATOM   1366 C C   . GLU A 1 182 ? 3.142   -5.318  -16.352 1.00 12.94 ? 182 GLU A C   1 
ATOM   1367 O O   . GLU A 1 182 ? 4.118   -5.620  -17.025 1.00 15.38 ? 182 GLU A O   1 
ATOM   1368 C CB  . GLU A 1 182 ? 2.790   -7.093  -14.641 1.00 16.23 ? 182 GLU A CB  1 
ATOM   1369 C CG  . GLU A 1 182 ? 3.237   -7.647  -13.305 1.00 17.64 ? 182 GLU A CG  1 
ATOM   1370 C CD  . GLU A 1 182 ? 2.098   -7.879  -12.367 1.00 19.03 ? 182 GLU A CD  1 
ATOM   1371 O OE1 . GLU A 1 182 ? 1.037   -7.276  -12.561 1.00 21.53 ? 182 GLU A OE1 1 
ATOM   1372 O OE2 . GLU A 1 182 ? 2.261   -8.666  -11.424 1.00 21.86 ? 182 GLU A OE2 1 
ATOM   1373 N N   . ALA A 1 183 ? 2.050   -4.769  -16.874 1.00 12.52 ? 183 ALA A N   1 
ATOM   1374 C CA  . ALA A 1 183 ? 1.966   -4.410  -18.292 1.00 14.86 ? 183 ALA A CA  1 
ATOM   1375 C C   . ALA A 1 183 ? 1.106   -3.171  -18.491 1.00 14.85 ? 183 ALA A C   1 
ATOM   1376 O O   . ALA A 1 183 ? 0.280   -2.821  -17.640 1.00 14.82 ? 183 ALA A O   1 
ATOM   1377 C CB  . ALA A 1 183 ? 1.395   -5.568  -19.122 1.00 15.06 ? 183 ALA A CB  1 
ATOM   1378 N N   . TYR A 1 184 ? 1.311   -2.514  -19.625 1.00 15.68 ? 184 TYR A N   1 
ATOM   1379 C CA  . TYR A 1 184 ? 0.559   -1.324  -19.989 1.00 17.04 ? 184 TYR A CA  1 
ATOM   1380 C C   . TYR A 1 184 ? -0.035  -1.596  -21.350 1.00 16.50 ? 184 TYR A C   1 
ATOM   1381 O O   . TYR A 1 184 ? 0.698   -1.822  -22.303 1.00 17.12 ? 184 TYR A O   1 
ATOM   1382 C CB  . TYR A 1 184 ? 1.495   -0.111  -20.060 1.00 17.41 ? 184 TYR A CB  1 
ATOM   1383 C CG  . TYR A 1 184 ? 2.017   0.362   -18.716 1.00 16.32 ? 184 TYR A CG  1 
ATOM   1384 C CD1 . TYR A 1 184 ? 2.968   -0.360  -18.025 1.00 14.12 ? 184 TYR A CD1 1 
ATOM   1385 C CD2 . TYR A 1 184 ? 1.536   1.527   -18.143 1.00 19.39 ? 184 TYR A CD2 1 
ATOM   1386 C CE1 . TYR A 1 184 ? 3.428   0.064   -16.800 1.00 16.49 ? 184 TYR A CE1 1 
ATOM   1387 C CE2 . TYR A 1 184 ? 1.994   1.963   -16.913 1.00 18.19 ? 184 TYR A CE2 1 
ATOM   1388 C CZ  . TYR A 1 184 ? 2.936   1.224   -16.248 1.00 15.90 ? 184 TYR A CZ  1 
ATOM   1389 O OH  . TYR A 1 184 ? 3.384   1.644   -15.023 1.00 15.75 ? 184 TYR A OH  1 
ATOM   1390 N N   . ASN A 1 185 ? -1.352  -1.576  -21.451 1.00 18.34 ? 185 ASN A N   1 
ATOM   1391 C CA  . ASN A 1 185 ? -2.007  -1.859  -22.721 1.00 22.49 ? 185 ASN A CA  1 
ATOM   1392 C C   . ASN A 1 185 ? -3.295  -1.053  -22.841 1.00 23.06 ? 185 ASN A C   1 
ATOM   1393 O O   . ASN A 1 185 ? -3.947  -0.747  -21.845 1.00 21.29 ? 185 ASN A O   1 
ATOM   1394 C CB  . ASN A 1 185 ? -2.319  -3.374  -22.826 1.00 25.97 ? 185 ASN A CB  1 
ATOM   1395 C CG  . ASN A 1 185 ? -2.146  -3.918  -24.241 1.00 32.91 ? 185 ASN A CG  1 
ATOM   1396 O OD1 . ASN A 1 185 ? -2.413  -3.218  -25.223 1.00 35.39 ? 185 ASN A OD1 1 
ATOM   1397 N ND2 . ASN A 1 185 ? -1.670  -5.155  -24.355 1.00 34.20 ? 185 ASN A ND2 1 
ATOM   1398 N N   . SER A 1 186 ? -3.664  -0.699  -24.064 1.00 26.42 ? 186 SER A N   1 
ATOM   1399 C CA  . SER A 1 186 ? -4.884  0.057   -24.276 1.00 30.12 ? 186 SER A CA  1 
ATOM   1400 C C   . SER A 1 186 ? -6.064  -0.867  -24.555 1.00 32.13 ? 186 SER A C   1 
ATOM   1401 O O   . SER A 1 186 ? -7.140  -0.400  -24.923 1.00 33.87 ? 186 SER A O   1 
ATOM   1402 C CB  . SER A 1 186 ? -4.700  1.050   -25.423 1.00 31.40 ? 186 SER A CB  1 
ATOM   1403 O OG  . SER A 1 186 ? -4.196  0.394   -26.569 1.00 36.26 ? 186 SER A OG  1 
ATOM   1404 N N   . ASN A 1 187 ? -5.867  -2.172  -24.361 1.00 34.29 ? 187 ASN A N   1 
ATOM   1405 C CA  . ASN A 1 187 ? -6.922  -3.155  -24.617 1.00 35.66 ? 187 ASN A CA  1 
ATOM   1406 C C   . ASN A 1 187 ? -7.615  -3.755  -23.396 1.00 34.37 ? 187 ASN A C   1 
ATOM   1407 O O   . ASN A 1 187 ? -8.253  -4.808  -23.497 1.00 37.08 ? 187 ASN A O   1 
ATOM   1408 C CB  . ASN A 1 187 ? -6.431  -4.277  -25.565 1.00 41.12 ? 187 ASN A CB  1 
ATOM   1409 C CG  . ASN A 1 187 ? -5.312  -5.149  -24.968 1.00 45.17 ? 187 ASN A CG  1 
ATOM   1410 O OD1 . ASN A 1 187 ? -4.990  -5.080  -23.776 1.00 47.71 ? 187 ASN A OD1 1 
ATOM   1411 N ND2 . ASN A 1 187 ? -4.708  -5.970  -25.816 1.00 48.26 ? 187 ASN A ND2 1 
ATOM   1412 N N   . VAL A 1 188 ? -7.429  -3.144  -22.231 1.00 29.47 ? 188 VAL A N   1 
ATOM   1413 C CA  . VAL A 1 188 ? -8.093  -3.620  -21.039 1.00 25.17 ? 188 VAL A CA  1 
ATOM   1414 C C   . VAL A 1 188 ? -8.985  -2.485  -20.601 1.00 26.02 ? 188 VAL A C   1 
ATOM   1415 O O   . VAL A 1 188 ? -8.822  -1.348  -21.051 1.00 25.43 ? 188 VAL A O   1 
ATOM   1416 C CB  . VAL A 1 188 ? -7.113  -3.999  -19.905 1.00 24.80 ? 188 VAL A CB  1 
ATOM   1417 C CG1 . VAL A 1 188 ? -6.279  -5.200  -20.311 1.00 23.55 ? 188 VAL A CG1 1 
ATOM   1418 C CG2 . VAL A 1 188 ? -6.230  -2.820  -19.519 1.00 22.33 ? 188 VAL A CG2 1 
ATOM   1419 N N   . PRO A 1 189 ? -9.960  -2.760  -19.734 1.00 24.98 ? 189 PRO A N   1 
ATOM   1420 C CA  . PRO A 1 189 ? -10.838 -1.678  -19.295 1.00 25.78 ? 189 PRO A CA  1 
ATOM   1421 C C   . PRO A 1 189 ? -10.130 -0.705  -18.330 1.00 25.07 ? 189 PRO A C   1 
ATOM   1422 O O   . PRO A 1 189 ? -9.045  -0.999  -17.816 1.00 25.85 ? 189 PRO A O   1 
ATOM   1423 C CB  . PRO A 1 189 ? -11.986 -2.429  -18.631 1.00 25.72 ? 189 PRO A CB  1 
ATOM   1424 C CG  . PRO A 1 189 ? -11.298 -3.606  -18.032 1.00 28.44 ? 189 PRO A CG  1 
ATOM   1425 C CD  . PRO A 1 189 ? -10.353 -4.043  -19.128 1.00 25.64 ? 189 PRO A CD  1 
ATOM   1426 N N   . LEU A 1 190 ? -10.757 0.436   -18.081 1.00 23.88 ? 190 LEU A N   1 
ATOM   1427 C CA  . LEU A 1 190 ? -10.200 1.448   -17.203 1.00 23.87 ? 190 LEU A CA  1 
ATOM   1428 C C   . LEU A 1 190 ? -10.643 1.143   -15.803 1.00 22.65 ? 190 LEU A C   1 
ATOM   1429 O O   . LEU A 1 190 ? -11.692 0.542   -15.618 1.00 22.48 ? 190 LEU A O   1 
ATOM   1430 C CB  . LEU A 1 190 ? -10.755 2.824   -17.577 1.00 26.26 ? 190 LEU A CB  1 
ATOM   1431 C CG  . LEU A 1 190 ? -10.290 3.474   -18.878 1.00 27.44 ? 190 LEU A CG  1 
ATOM   1432 C CD1 . LEU A 1 190 ? -11.219 4.638   -19.207 1.00 30.12 ? 190 LEU A CD1 1 
ATOM   1433 C CD2 . LEU A 1 190 ? -8.848  3.937   -18.752 1.00 28.02 ? 190 LEU A CD2 1 
ATOM   1434 N N   . ILE A 1 191 ? -9.839  1.524   -14.819 1.00 20.03 ? 191 ILE A N   1 
ATOM   1435 C CA  . ILE A 1 191 ? -10.236 1.323   -13.432 1.00 19.35 ? 191 ILE A CA  1 
ATOM   1436 C C   . ILE A 1 191 ? -11.035 2.565   -13.092 1.00 20.82 ? 191 ILE A C   1 
ATOM   1437 O O   . ILE A 1 191 ? -10.628 3.668   -13.425 1.00 21.42 ? 191 ILE A O   1 
ATOM   1438 C CB  . ILE A 1 191 ? -9.030  1.181   -12.520 1.00 17.07 ? 191 ILE A CB  1 
ATOM   1439 C CG1 . ILE A 1 191 ? -8.254  -0.068  -12.939 1.00 14.55 ? 191 ILE A CG1 1 
ATOM   1440 C CG2 . ILE A 1 191 ? -9.477  1.093   -11.069 1.00 17.04 ? 191 ILE A CG2 1 
ATOM   1441 C CD1 . ILE A 1 191 ? -7.052  -0.329  -12.125 1.00 20.86 ? 191 ILE A CD1 1 
ATOM   1442 N N   . PRO A 1 192 ? -12.237 2.391   -12.532 1.00 21.28 ? 192 PRO A N   1 
ATOM   1443 C CA  . PRO A 1 192 ? -13.121 3.495   -12.155 1.00 22.59 ? 192 PRO A CA  1 
ATOM   1444 C C   . PRO A 1 192 ? -12.510 4.395   -11.099 1.00 22.44 ? 192 PRO A C   1 
ATOM   1445 O O   . PRO A 1 192 ? -11.732 3.945   -10.259 1.00 21.16 ? 192 PRO A O   1 
ATOM   1446 C CB  . PRO A 1 192 ? -14.350 2.778   -11.616 1.00 22.52 ? 192 PRO A CB  1 
ATOM   1447 C CG  . PRO A 1 192 ? -14.337 1.500   -12.368 1.00 24.29 ? 192 PRO A CG  1 
ATOM   1448 C CD  . PRO A 1 192 ? -12.902 1.102   -12.307 1.00 22.47 ? 192 PRO A CD  1 
ATOM   1449 N N   . LYS A 1 193 ? -12.890 5.665   -11.147 1.00 23.44 ? 193 LYS A N   1 
ATOM   1450 C CA  . LYS A 1 193 ? -12.387 6.669   -10.229 1.00 26.35 ? 193 LYS A CA  1 
ATOM   1451 C C   . LYS A 1 193 ? -13.287 6.886   -9.008  1.00 29.50 ? 193 LYS A C   1 
ATOM   1452 O O   . LYS A 1 193 ? -14.492 6.607   -9.041  1.00 30.82 ? 193 LYS A O   1 
ATOM   1453 C CB  . LYS A 1 193 ? -12.205 7.991   -10.982 1.00 24.54 ? 193 LYS A CB  1 
ATOM   1454 C CG  . LYS A 1 193 ? -11.165 7.927   -12.097 1.00 25.95 ? 193 LYS A CG  1 
ATOM   1455 C CD  . LYS A 1 193 ? -11.026 9.255   -12.837 1.00 27.22 ? 193 LYS A CD  1 
ATOM   1456 C CE  . LYS A 1 193 ? -9.801  9.253   -13.731 1.00 30.22 ? 193 LYS A CE  1 
ATOM   1457 N NZ  . LYS A 1 193 ? -9.546  10.592  -14.326 1.00 30.62 ? 193 LYS A NZ  1 
ATOM   1458 N N   . GLY A 1 194 ? -12.699 7.382   -7.924  1.00 31.60 ? 194 GLY A N   1 
ATOM   1459 C CA  . GLY A 1 194 ? -13.475 7.657   -6.733  1.00 33.18 ? 194 GLY A CA  1 
ATOM   1460 C C   . GLY A 1 194 ? -13.594 6.567   -5.687  1.00 35.79 ? 194 GLY A C   1 
ATOM   1461 O O   . GLY A 1 194 ? -13.215 5.405   -5.881  1.00 36.08 ? 194 GLY A O   1 
ATOM   1462 N N   . SER A 1 195 ? -14.139 6.980   -4.553  1.00 37.96 ? 195 SER A N   1 
ATOM   1463 C CA  . SER A 1 195 ? -14.364 6.119   -3.401  1.00 41.21 ? 195 SER A CA  1 
ATOM   1464 C C   . SER A 1 195 ? -15.452 5.093   -3.746  1.00 40.80 ? 195 SER A C   1 
ATOM   1465 O O   . SER A 1 195 ? -15.418 3.940   -3.289  1.00 41.06 ? 195 SER A O   1 
ATOM   1466 C CB  . SER A 1 195 ? -14.814 7.006   -2.230  1.00 45.02 ? 195 SER A CB  1 
ATOM   1467 O OG  . SER A 1 195 ? -14.969 6.282   -1.017  1.00 52.42 ? 195 SER A OG  1 
ATOM   1468 N N   . ASP A 1 196 ? -16.408 5.532   -4.565  1.00 40.15 ? 196 ASP A N   1 
ATOM   1469 C CA  . ASP A 1 196 ? -17.535 4.707   -5.006  1.00 38.24 ? 196 ASP A CA  1 
ATOM   1470 C C   . ASP A 1 196 ? -17.307 4.110   -6.390  1.00 35.17 ? 196 ASP A C   1 
ATOM   1471 O O   . ASP A 1 196 ? -18.243 3.625   -7.019  1.00 33.71 ? 196 ASP A O   1 
ATOM   1472 C CB  . ASP A 1 196 ? -18.817 5.547   -5.026  1.00 40.28 ? 196 ASP A CB  1 
ATOM   1473 C CG  . ASP A 1 196 ? -18.612 6.918   -5.656  1.00 42.43 ? 196 ASP A CG  1 
ATOM   1474 O OD1 . ASP A 1 196 ? -17.719 7.080   -6.520  1.00 43.20 ? 196 ASP A OD1 1 
ATOM   1475 O OD2 . ASP A 1 196 ? -19.352 7.845   -5.273  1.00 47.32 ? 196 ASP A OD2 1 
ATOM   1476 N N   . GLY A 1 197 ? -16.066 4.173   -6.862  1.00 33.32 ? 197 GLY A N   1 
ATOM   1477 C CA  . GLY A 1 197 ? -15.744 3.638   -8.169  1.00 34.01 ? 197 GLY A CA  1 
ATOM   1478 C C   . GLY A 1 197 ? -16.146 2.181   -8.218  1.00 33.97 ? 197 GLY A C   1 
ATOM   1479 O O   . GLY A 1 197 ? -16.600 1.677   -9.242  1.00 34.61 ? 197 GLY A O   1 
ATOM   1480 N N   . MET A 1 198 ? -15.983 1.508   -7.090  1.00 33.48 ? 198 MET A N   1 
ATOM   1481 C CA  . MET A 1 198 ? -16.340 0.120   -6.978  1.00 32.55 ? 198 MET A CA  1 
ATOM   1482 C C   . MET A 1 198 ? -17.081 -0.073  -5.680  1.00 32.16 ? 198 MET A C   1 
ATOM   1483 O O   . MET A 1 198 ? -16.712 0.515   -4.659  1.00 32.03 ? 198 MET A O   1 
ATOM   1484 C CB  . MET A 1 198 ? -15.090 -0.755  -7.001  1.00 33.72 ? 198 MET A CB  1 
ATOM   1485 C CG  . MET A 1 198 ? -14.512 -0.952  -8.386  1.00 34.65 ? 198 MET A CG  1 
ATOM   1486 S SD  . MET A 1 198 ? -13.340 -2.307  -8.437  1.00 34.98 ? 198 MET A SD  1 
ATOM   1487 C CE  . MET A 1 198 ? -12.751 -2.136  -10.068 1.00 35.58 ? 198 MET A CE  1 
ATOM   1488 N N   . SER A 1 199 ? -18.146 -0.868  -5.727  1.00 31.52 ? 199 SER A N   1 
ATOM   1489 C CA  . SER A 1 199 ? -18.925 -1.149  -4.531  1.00 32.76 ? 199 SER A CA  1 
ATOM   1490 C C   . SER A 1 199 ? -18.149 -2.186  -3.734  1.00 32.15 ? 199 SER A C   1 
ATOM   1491 O O   . SER A 1 199 ? -17.209 -2.789  -4.256  1.00 31.14 ? 199 SER A O   1 
ATOM   1492 C CB  . SER A 1 199 ? -20.296 -1.723  -4.908  1.00 32.41 ? 199 SER A CB  1 
ATOM   1493 O OG  . SER A 1 199 ? -20.161 -2.987  -5.547  1.00 34.88 ? 199 SER A OG  1 
ATOM   1494 N N   . LYS A 1 200 ? -18.533 -2.400  -2.480  1.00 32.46 ? 200 LYS A N   1 
ATOM   1495 C CA  . LYS A 1 200 ? -17.856 -3.399  -1.669  1.00 33.59 ? 200 LYS A CA  1 
ATOM   1496 C C   . LYS A 1 200 ? -18.113 -4.766  -2.276  1.00 33.43 ? 200 LYS A C   1 
ATOM   1497 O O   . LYS A 1 200 ? -17.251 -5.642  -2.234  1.00 33.01 ? 200 LYS A O   1 
ATOM   1498 C CB  . LYS A 1 200 ? -18.322 -3.337  -0.220  1.00 37.40 ? 200 LYS A CB  1 
ATOM   1499 C CG  . LYS A 1 200 ? -17.933 -2.034  0.458   1.00 44.40 ? 200 LYS A CG  1 
ATOM   1500 C CD  . LYS A 1 200 ? -18.491 -1.935  1.868   1.00 49.59 ? 200 LYS A CD  1 
ATOM   1501 C CE  . LYS A 1 200 ? -18.199 -0.562  2.486   1.00 53.58 ? 200 LYS A CE  1 
ATOM   1502 N NZ  . LYS A 1 200 ? -18.860 -0.398  3.823   1.00 56.89 ? 200 LYS A NZ  1 
ATOM   1503 N N   . ARG A 1 201 ? -19.270 -4.929  -2.906  1.00 33.00 ? 201 ARG A N   1 
ATOM   1504 C CA  . ARG A 1 201 ? -19.574 -6.195  -3.539  1.00 34.92 ? 201 ARG A CA  1 
ATOM   1505 C C   . ARG A 1 201 ? -18.604 -6.420  -4.678  1.00 32.62 ? 201 ARG A C   1 
ATOM   1506 O O   . ARG A 1 201 ? -18.129 -7.532  -4.881  1.00 33.23 ? 201 ARG A O   1 
ATOM   1507 C CB  . ARG A 1 201 ? -20.992 -6.211  -4.081  1.00 40.89 ? 201 ARG A CB  1 
ATOM   1508 C CG  . ARG A 1 201 ? -22.029 -6.355  -3.003  1.00 51.70 ? 201 ARG A CG  1 
ATOM   1509 C CD  . ARG A 1 201 ? -23.434 -6.340  -3.598  1.00 60.30 ? 201 ARG A CD  1 
ATOM   1510 N NE  . ARG A 1 201 ? -23.736 -5.095  -4.322  1.00 68.07 ? 201 ARG A NE  1 
ATOM   1511 C CZ  . ARG A 1 201 ? -24.063 -3.933  -3.744  1.00 70.52 ? 201 ARG A CZ  1 
ATOM   1512 N NH1 . ARG A 1 201 ? -24.135 -3.826  -2.413  1.00 72.29 ? 201 ARG A NH1 1 
ATOM   1513 N NH2 . ARG A 1 201 ? -24.356 -2.879  -4.507  1.00 71.07 ? 201 ARG A NH2 1 
ATOM   1514 N N   . SER A 1 202 ? -18.284 -5.355  -5.402  1.00 30.24 ? 202 SER A N   1 
ATOM   1515 C CA  . SER A 1 202 ? -17.358 -5.458  -6.524  1.00 28.96 ? 202 SER A CA  1 
ATOM   1516 C C   . SER A 1 202 ? -15.918 -5.685  -6.096  1.00 25.71 ? 202 SER A C   1 
ATOM   1517 O O   . SER A 1 202 ? -15.176 -6.392  -6.774  1.00 24.42 ? 202 SER A O   1 
ATOM   1518 C CB  . SER A 1 202 ? -17.463 -4.225  -7.403  1.00 30.79 ? 202 SER A CB  1 
ATOM   1519 O OG  . SER A 1 202 ? -18.810 -4.038  -7.798  1.00 35.82 ? 202 SER A OG  1 
ATOM   1520 N N   . ILE A 1 203 ? -15.532 -5.086  -4.975  1.00 24.26 ? 203 ILE A N   1 
ATOM   1521 C CA  . ILE A 1 203 ? -14.184 -5.239  -4.437  1.00 24.34 ? 203 ILE A CA  1 
ATOM   1522 C C   . ILE A 1 203 ? -14.044 -6.659  -3.901  1.00 24.29 ? 203 ILE A C   1 
ATOM   1523 O O   . ILE A 1 203 ? -13.022 -7.320  -4.104  1.00 21.71 ? 203 ILE A O   1 
ATOM   1524 C CB  . ILE A 1 203 ? -13.889 -4.223  -3.286  1.00 23.44 ? 203 ILE A CB  1 
ATOM   1525 C CG1 . ILE A 1 203 ? -13.801 -2.787  -3.818  1.00 23.33 ? 203 ILE A CG1 1 
ATOM   1526 C CG2 . ILE A 1 203 ? -12.595 -4.580  -2.579  1.00 23.00 ? 203 ILE A CG2 1 
ATOM   1527 C CD1 . ILE A 1 203 ? -12.566 -2.477  -4.678  1.00 25.79 ? 203 ILE A CD1 1 
ATOM   1528 N N   . LYS A 1 204 ? -15.079 -7.133  -3.220  1.00 25.82 ? 204 LYS A N   1 
ATOM   1529 C CA  . LYS A 1 204 ? -15.023 -8.475  -2.693  1.00 27.87 ? 204 LYS A CA  1 
ATOM   1530 C C   . LYS A 1 204 ? -15.019 -9.507  -3.801  1.00 26.55 ? 204 LYS A C   1 
ATOM   1531 O O   . LYS A 1 204 ? -14.289 -10.481 -3.720  1.00 25.27 ? 204 LYS A O   1 
ATOM   1532 C CB  . LYS A 1 204 ? -16.082 -8.689  -1.622  1.00 30.98 ? 204 LYS A CB  1 
ATOM   1533 C CG  . LYS A 1 204 ? -15.733 -7.816  -0.410  1.00 36.66 ? 204 LYS A CG  1 
ATOM   1534 C CD  . LYS A 1 204 ? -16.440 -8.197  0.870   1.00 41.42 ? 204 LYS A CD  1 
ATOM   1535 C CE  . LYS A 1 204 ? -16.063 -7.234  2.000   1.00 44.12 ? 204 LYS A CE  1 
ATOM   1536 N NZ  . LYS A 1 204 ? -17.072 -7.246  3.104   1.00 46.62 ? 204 LYS A NZ  1 
ATOM   1537 N N   . LYS A 1 205 ? -15.725 -9.237  -4.893  1.00 28.50 ? 205 LYS A N   1 
ATOM   1538 C CA  . LYS A 1 205 ? -15.706 -10.171 -6.025  1.00 30.86 ? 205 LYS A CA  1 
ATOM   1539 C C   . LYS A 1 205 ? -14.315 -10.180 -6.648  1.00 28.40 ? 205 LYS A C   1 
ATOM   1540 O O   . LYS A 1 205 ? -13.785 -11.233 -7.008  1.00 28.37 ? 205 LYS A O   1 
ATOM   1541 C CB  . LYS A 1 205 ? -16.762 -9.817  -7.068  1.00 34.84 ? 205 LYS A CB  1 
ATOM   1542 C CG  . LYS A 1 205 ? -18.169 -10.054 -6.549  1.00 41.67 ? 205 LYS A CG  1 
ATOM   1543 C CD  . LYS A 1 205 ? -19.185 -10.181 -7.658  1.00 49.12 ? 205 LYS A CD  1 
ATOM   1544 C CE  . LYS A 1 205 ? -20.548 -10.561 -7.078  1.00 54.26 ? 205 LYS A CE  1 
ATOM   1545 N NZ  . LYS A 1 205 ? -21.579 -10.748 -8.149  1.00 59.87 ? 205 LYS A NZ  1 
ATOM   1546 N N   . TRP A 1 206 ? -13.716 -8.997  -6.728  1.00 26.24 ? 206 TRP A N   1 
ATOM   1547 C CA  . TRP A 1 206 ? -12.366 -8.829  -7.255  1.00 22.25 ? 206 TRP A CA  1 
ATOM   1548 C C   . TRP A 1 206 ? -11.375 -9.579  -6.343  1.00 21.22 ? 206 TRP A C   1 
ATOM   1549 O O   . TRP A 1 206 ? -10.512 -10.340 -6.815  1.00 20.61 ? 206 TRP A O   1 
ATOM   1550 C CB  . TRP A 1 206 ? -12.053 -7.335  -7.290  1.00 22.14 ? 206 TRP A CB  1 
ATOM   1551 C CG  . TRP A 1 206 ? -10.801 -6.953  -8.017  1.00 20.26 ? 206 TRP A CG  1 
ATOM   1552 C CD1 . TRP A 1 206 ? -10.000 -7.757  -8.784  1.00 19.11 ? 206 TRP A CD1 1 
ATOM   1553 C CD2 . TRP A 1 206 ? -10.229 -5.645  -8.070  1.00 18.49 ? 206 TRP A CD2 1 
ATOM   1554 N NE1 . TRP A 1 206 ? -8.967  -7.024  -9.312  1.00 18.24 ? 206 TRP A NE1 1 
ATOM   1555 C CE2 . TRP A 1 206 ? -9.082  -5.724  -8.892  1.00 18.08 ? 206 TRP A CE2 1 
ATOM   1556 C CE3 . TRP A 1 206 ? -10.568 -4.420  -7.503  1.00 17.71 ? 206 TRP A CE3 1 
ATOM   1557 C CZ2 . TRP A 1 206 ? -8.281  -4.618  -9.166  1.00 18.88 ? 206 TRP A CZ2 1 
ATOM   1558 C CZ3 . TRP A 1 206 ? -9.775  -3.325  -7.771  1.00 16.48 ? 206 TRP A CZ3 1 
ATOM   1559 C CH2 . TRP A 1 206 ? -8.641  -3.429  -8.594  1.00 17.40 ? 206 TRP A CH2 1 
ATOM   1560 N N   . LYS A 1 207 ? -11.549 -9.425  -5.034  1.00 20.66 ? 207 LYS A N   1 
ATOM   1561 C CA  . LYS A 1 207 ? -10.691 -10.092 -4.058  1.00 22.82 ? 207 LYS A CA  1 
ATOM   1562 C C   . LYS A 1 207 ? -10.745 -11.622 -4.239  1.00 24.97 ? 207 LYS A C   1 
ATOM   1563 O O   . LYS A 1 207 ? -9.707  -12.290 -4.185  1.00 25.70 ? 207 LYS A O   1 
ATOM   1564 C CB  . LYS A 1 207 ? -11.128 -9.718  -2.642  1.00 23.31 ? 207 LYS A CB  1 
ATOM   1565 C CG  . LYS A 1 207 ? -10.274 -10.313 -1.536  1.00 24.67 ? 207 LYS A CG  1 
ATOM   1566 C CD  . LYS A 1 207 ? -10.986 -10.212 -0.198  1.00 27.14 ? 207 LYS A CD  1 
ATOM   1567 C CE  . LYS A 1 207 ? -11.300 -11.588 0.329   1.00 28.28 ? 207 LYS A CE  1 
ATOM   1568 N NZ  . LYS A 1 207 ? -12.397 -11.575 1.319   1.00 31.89 ? 207 LYS A NZ  1 
ATOM   1569 N N   . ASP A 1 208 ? -11.942 -12.173 -4.455  1.00 25.12 ? 208 ASP A N   1 
ATOM   1570 C CA  . ASP A 1 208 ? -12.082 -13.614 -4.654  1.00 25.67 ? 208 ASP A CA  1 
ATOM   1571 C C   . ASP A 1 208 ? -11.293 -14.078 -5.868  1.00 25.14 ? 208 ASP A C   1 
ATOM   1572 O O   . ASP A 1 208 ? -10.557 -15.062 -5.785  1.00 23.21 ? 208 ASP A O   1 
ATOM   1573 C CB  . ASP A 1 208 ? -13.547 -14.025 -4.778  1.00 27.65 ? 208 ASP A CB  1 
ATOM   1574 C CG  . ASP A 1 208 ? -14.304 -13.951 -3.443  1.00 32.27 ? 208 ASP A CG  1 
ATOM   1575 O OD1 . ASP A 1 208 ? -13.678 -14.028 -2.351  1.00 31.90 ? 208 ASP A OD1 1 
ATOM   1576 O OD2 . ASP A 1 208 ? -15.551 -13.813 -3.494  1.00 34.65 ? 208 ASP A OD2 1 
ATOM   1577 N N   . LYS A 1 209 ? -11.412 -13.359 -6.983  1.00 26.35 ? 209 LYS A N   1 
ATOM   1578 C CA  . LYS A 1 209 ? -10.660 -13.709 -8.192  1.00 26.90 ? 209 LYS A CA  1 
ATOM   1579 C C   . LYS A 1 209 ? -9.176  -13.690 -7.885  1.00 27.55 ? 209 LYS A C   1 
ATOM   1580 O O   . LYS A 1 209 ? -8.423  -14.555 -8.333  1.00 26.82 ? 209 LYS A O   1 
ATOM   1581 C CB  . LYS A 1 209 ? -10.960 -12.737 -9.334  1.00 29.57 ? 209 LYS A CB  1 
ATOM   1582 C CG  . LYS A 1 209 ? -12.316 -12.946 -9.963  1.00 32.97 ? 209 LYS A CG  1 
ATOM   1583 C CD  . LYS A 1 209 ? -12.377 -14.296 -10.682 1.00 40.16 ? 209 LYS A CD  1 
ATOM   1584 C CE  . LYS A 1 209 ? -13.823 -14.736 -10.939 1.00 43.72 ? 209 LYS A CE  1 
ATOM   1585 N NZ  . LYS A 1 209 ? -13.924 -15.875 -11.906 1.00 47.73 ? 209 LYS A NZ  1 
ATOM   1586 N N   . VAL A 1 210 ? -8.761  -12.696 -7.113  1.00 28.58 ? 210 VAL A N   1 
ATOM   1587 C CA  . VAL A 1 210 ? -7.370  -12.561 -6.726  1.00 30.73 ? 210 VAL A CA  1 
ATOM   1588 C C   . VAL A 1 210 ? -6.945  -13.801 -5.955  1.00 33.47 ? 210 VAL A C   1 
ATOM   1589 O O   . VAL A 1 210 ? -5.863  -14.346 -6.170  1.00 34.45 ? 210 VAL A O   1 
ATOM   1590 C CB  . VAL A 1 210 ? -7.181  -11.305 -5.845  1.00 30.62 ? 210 VAL A CB  1 
ATOM   1591 C CG1 . VAL A 1 210 ? -5.880  -11.375 -5.076  1.00 29.98 ? 210 VAL A CG1 1 
ATOM   1592 C CG2 . VAL A 1 210 ? -7.217  -10.045 -6.719  1.00 29.55 ? 210 VAL A CG2 1 
ATOM   1593 N N   . GLU A 1 211 ? -7.845  -14.289 -5.117  1.00 36.50 ? 211 GLU A N   1 
ATOM   1594 C CA  . GLU A 1 211 ? -7.570  -15.451 -4.298  1.00 40.35 ? 211 GLU A CA  1 
ATOM   1595 C C   . GLU A 1 211 ? -8.089  -16.781 -4.843  1.00 42.16 ? 211 GLU A C   1 
ATOM   1596 O O   . GLU A 1 211 ? -7.946  -17.805 -4.181  1.00 44.80 ? 211 GLU A O   1 
ATOM   1597 C CB  . GLU A 1 211 ? -8.108  -15.208 -2.893  1.00 39.53 ? 211 GLU A CB  1 
ATOM   1598 C CG  . GLU A 1 211 ? -7.516  -13.969 -2.244  1.00 40.37 ? 211 GLU A CG  1 
ATOM   1599 C CD  . GLU A 1 211 ? -7.845  -13.885 -0.775  1.00 40.27 ? 211 GLU A CD  1 
ATOM   1600 O OE1 . GLU A 1 211 ? -9.040  -13.835 -0.446  1.00 40.62 ? 211 GLU A OE1 1 
ATOM   1601 O OE2 . GLU A 1 211 ? -6.912  -13.895 0.050   1.00 41.20 ? 211 GLU A OE2 1 
ATOM   1602 N N   . ASN A 1 212 ? -8.680  -16.769 -6.037  1.00 44.14 ? 212 ASN A N   1 
ATOM   1603 C CA  . ASN A 1 212 ? -9.213  -17.981 -6.676  1.00 45.73 ? 212 ASN A CA  1 
ATOM   1604 C C   . ASN A 1 212 ? -10.320 -18.628 -5.863  1.00 48.04 ? 212 ASN A C   1 
ATOM   1605 O O   . ASN A 1 212 ? -10.142 -19.732 -5.324  1.00 49.77 ? 212 ASN A O   1 
ATOM   1606 C CB  . ASN A 1 212 ? -8.105  -19.014 -6.892  1.00 46.52 ? 212 ASN A CB  1 
ATOM   1607 C CG  . ASN A 1 212 ? -6.886  -18.433 -7.575  1.00 47.16 ? 212 ASN A CG  1 
ATOM   1608 O OD1 . ASN A 1 212 ? -6.854  -18.284 -8.798  1.00 49.11 ? 212 ASN A OD1 1 
ATOM   1609 N ND2 . ASN A 1 212 ? -5.861  -18.127 -6.790  1.00 47.35 ? 212 ASN A ND2 1 
ATOM   1610 N N   . LYS A 1 213 ? -11.459 -17.947 -5.777  1.00 49.81 ? 213 LYS A N   1 
ATOM   1611 C CA  . LYS A 1 213 ? -12.616 -18.440 -5.029  1.00 50.87 ? 213 LYS A CA  1 
ATOM   1612 C C   . LYS A 1 213 ? -13.915 -18.157 -5.787  1.00 52.23 ? 213 LYS A C   1 
ATOM   1613 O O   . LYS A 1 213 ? -14.943 -18.775 -5.445  1.00 53.26 ? 213 LYS A O   1 
ATOM   1614 C CB  . LYS A 1 213 ? -12.668 -17.805 -3.634  1.00 50.53 ? 213 LYS A CB  1 
ATOM   1615 C CG  . LYS A 1 213 ? -11.476 -18.165 -2.762  1.00 50.94 ? 213 LYS A CG  1 
ATOM   1616 C CD  . LYS A 1 213 ? -11.539 -17.509 -1.398  1.00 51.95 ? 213 LYS A CD  1 
ATOM   1617 C CE  . LYS A 1 213 ? -10.223 -17.699 -0.658  1.00 52.34 ? 213 LYS A CE  1 
ATOM   1618 N NZ  . LYS A 1 213 ? -10.326 -17.377 0.793   1.00 54.68 ? 213 LYS A NZ  1 
ATOM   1619 O OXT . LYS A 1 213 ? -13.886 -17.337 -6.732  1.00 53.33 ? 213 LYS A OXT 1 
HETATM 1620 O O   . HOH B 2 .   ? 7.598   -7.845  -7.197  1.00 32.09 ? 301 HOH A O   1 
HETATM 1621 O O   . HOH B 2 .   ? 6.758   -3.738  -14.277 1.00 37.42 ? 302 HOH A O   1 
HETATM 1622 O O   . HOH B 2 .   ? 14.626  0.065   -4.523  1.00 41.29 ? 303 HOH A O   1 
HETATM 1623 O O   . HOH B 2 .   ? 8.766   5.673   -12.307 1.00 18.93 ? 304 HOH A O   1 
HETATM 1624 O O   . HOH B 2 .   ? 13.972  6.295   -7.765  1.00 32.49 ? 305 HOH A O   1 
HETATM 1625 O O   . HOH B 2 .   ? 15.539  3.791   -6.217  1.00 53.77 ? 306 HOH A O   1 
HETATM 1626 O O   . HOH B 2 .   ? 16.609  0.685   1.875   1.00 49.09 ? 307 HOH A O   1 
HETATM 1627 O O   . HOH B 2 .   ? 15.083  -1.577  15.467  1.00 43.73 ? 308 HOH A O   1 
HETATM 1628 O O   . HOH B 2 .   ? 16.040  -7.518  7.538   1.00 37.93 ? 309 HOH A O   1 
HETATM 1629 O O   . HOH B 2 .   ? 20.185  -6.526  12.794  1.00 34.44 ? 310 HOH A O   1 
HETATM 1630 O O   . HOH B 2 .   ? 14.301  -11.580 19.389  1.00 53.88 ? 311 HOH A O   1 
HETATM 1631 O O   . HOH B 2 .   ? 10.782  -13.270 16.763  1.00 39.23 ? 312 HOH A O   1 
HETATM 1632 O O   . HOH B 2 .   ? 2.045   -10.824 12.233  1.00 24.98 ? 313 HOH A O   1 
HETATM 1633 O O   . HOH B 2 .   ? -1.460  -12.915 12.506  1.00 55.93 ? 314 HOH A O   1 
HETATM 1634 O O   . HOH B 2 .   ? -2.195  -12.849 9.460   1.00 38.60 ? 315 HOH A O   1 
HETATM 1635 O O   . HOH B 2 .   ? 0.463   -14.839 7.034   1.00 14.78 ? 316 HOH A O   1 
HETATM 1636 O O   . HOH B 2 .   ? -3.281  -13.302 -2.981  1.00 43.99 ? 317 HOH A O   1 
HETATM 1637 O O   . HOH B 2 .   ? -3.800  -8.308  -17.579 1.00 21.51 ? 318 HOH A O   1 
HETATM 1638 O O   . HOH B 2 .   ? -4.898  -9.701  -19.822 1.00 35.09 ? 319 HOH A O   1 
HETATM 1639 O O   . HOH B 2 .   ? -12.101 -6.474  -14.470 1.00 27.87 ? 320 HOH A O   1 
HETATM 1640 O O   . HOH B 2 .   ? -0.266  -15.759 2.424   1.00 30.98 ? 321 HOH A O   1 
HETATM 1641 O O   . HOH B 2 .   ? -7.880  -13.907 -12.016 1.00 17.69 ? 322 HOH A O   1 
HETATM 1642 O O   . HOH B 2 .   ? -2.591  -12.982 -17.519 1.00 36.56 ? 323 HOH A O   1 
HETATM 1643 O O   . HOH B 2 .   ? -6.752  -0.160  -16.757 1.00 18.34 ? 324 HOH A O   1 
HETATM 1644 O O   . HOH B 2 .   ? 2.745   3.196   -21.477 1.00 39.69 ? 325 HOH A O   1 
HETATM 1645 O O   . HOH B 2 .   ? 4.299   5.739   -17.970 1.00 31.04 ? 326 HOH A O   1 
HETATM 1646 O O   . HOH B 2 .   ? -2.352  -11.666 19.724  1.00 26.64 ? 327 HOH A O   1 
HETATM 1647 O O   . HOH B 2 .   ? -7.520  12.945  -13.313 1.00 48.65 ? 328 HOH A O   1 
HETATM 1648 O O   . HOH B 2 .   ? -11.762 5.535   -15.040 1.00 24.15 ? 329 HOH A O   1 
HETATM 1649 O O   . HOH B 2 .   ? -6.865  12.370  -0.082  1.00 66.18 ? 330 HOH A O   1 
HETATM 1650 O O   . HOH B 2 .   ? -1.336  11.252  -12.592 1.00 16.04 ? 331 HOH A O   1 
HETATM 1651 O O   . HOH B 2 .   ? -9.311  7.359   -7.786  1.00 2.84  ? 332 HOH A O   1 
HETATM 1652 O O   . HOH B 2 .   ? -7.613  10.545  -5.646  1.00 49.22 ? 333 HOH A O   1 
HETATM 1653 O O   . HOH B 2 .   ? -15.138 -0.965  -0.250  1.00 37.77 ? 334 HOH A O   1 
HETATM 1654 O O   . HOH B 2 .   ? -3.849  -15.117 8.769   1.00 40.95 ? 335 HOH A O   1 
HETATM 1655 O O   . HOH B 2 .   ? -4.761  -7.199  14.057  1.00 19.74 ? 336 HOH A O   1 
HETATM 1656 O O   . HOH B 2 .   ? -3.710  -10.056 14.011  1.00 52.10 ? 337 HOH A O   1 
HETATM 1657 O O   . HOH B 2 .   ? -7.900  6.785   8.732   1.00 52.29 ? 338 HOH A O   1 
HETATM 1658 O O   . HOH B 2 .   ? -3.946  9.669   5.597   1.00 49.97 ? 339 HOH A O   1 
HETATM 1659 O O   . HOH B 2 .   ? 3.699   -10.273 -8.551  1.00 42.42 ? 340 HOH A O   1 
HETATM 1660 O O   . HOH B 2 .   ? 3.473   -14.091 24.596  1.00 35.69 ? 341 HOH A O   1 
HETATM 1661 O O   . HOH B 2 .   ? 2.136   11.666  -9.796  1.00 28.80 ? 342 HOH A O   1 
HETATM 1662 O O   . HOH B 2 .   ? 3.409   -0.538  20.069  1.00 26.93 ? 343 HOH A O   1 
HETATM 1663 O O   . HOH B 2 .   ? 0.878   -11.458 -8.835  1.00 48.88 ? 344 HOH A O   1 
HETATM 1664 O O   . HOH B 2 .   ? -4.377  9.391   1.083   1.00 28.32 ? 345 HOH A O   1 
HETATM 1665 O O   . HOH B 2 .   ? -8.298  9.911   -1.592  1.00 51.66 ? 346 HOH A O   1 
HETATM 1666 O O   . HOH B 2 .   ? -4.899  15.066  -2.268  1.00 31.53 ? 347 HOH A O   1 
HETATM 1667 O O   . HOH B 2 .   ? 1.007   15.734  -6.054  1.00 27.64 ? 348 HOH A O   1 
HETATM 1668 O O   . HOH B 2 .   ? -1.172  18.988  -5.888  1.00 44.14 ? 349 HOH A O   1 
HETATM 1669 O O   . HOH B 2 .   ? 0.234   19.053  -3.113  1.00 45.29 ? 350 HOH A O   1 
HETATM 1670 O O   . HOH B 2 .   ? -2.518  12.201  4.836   1.00 35.21 ? 351 HOH A O   1 
HETATM 1671 O O   . HOH B 2 .   ? -2.395  16.849  10.601  1.00 31.69 ? 352 HOH A O   1 
HETATM 1672 O O   . HOH B 2 .   ? 13.037  10.295  12.278  1.00 26.21 ? 353 HOH A O   1 
HETATM 1673 O O   . HOH B 2 .   ? 13.817  14.475  10.978  1.00 48.76 ? 354 HOH A O   1 
HETATM 1674 O O   . HOH B 2 .   ? 16.718  12.023  10.106  1.00 49.64 ? 355 HOH A O   1 
HETATM 1675 O O   . HOH B 2 .   ? 0.000   10.603  20.050  1.00 55.45 ? 356 HOH A O   1 
HETATM 1676 O O   . HOH B 2 .   ? 7.896   2.561   18.132  1.00 17.71 ? 357 HOH A O   1 
HETATM 1677 O O   . HOH B 2 .   ? 10.147  -6.190  -9.558  1.00 44.34 ? 358 HOH A O   1 
HETATM 1678 O O   . HOH B 2 .   ? 15.842  -1.374  -2.212  1.00 62.56 ? 359 HOH A O   1 
HETATM 1679 O O   . HOH B 2 .   ? 7.355   -0.810  -16.914 1.00 40.98 ? 360 HOH A O   1 
HETATM 1680 O O   . HOH B 2 .   ? 12.844  -6.680  2.855   1.00 43.57 ? 361 HOH A O   1 
HETATM 1681 O O   . HOH B 2 .   ? 15.781  -6.051  4.404   1.00 59.65 ? 362 HOH A O   1 
HETATM 1682 O O   . HOH B 2 .   ? 9.274   16.409  -4.298  1.00 34.98 ? 363 HOH A O   1 
HETATM 1683 O O   . HOH B 2 .   ? 13.674  10.866  -6.382  1.00 40.57 ? 364 HOH A O   1 
HETATM 1684 O O   . HOH B 2 .   ? 18.272  5.205   9.588   1.00 39.96 ? 365 HOH A O   1 
HETATM 1685 O O   . HOH B 2 .   ? 17.448  13.553  0.049   1.00 28.47 ? 366 HOH A O   1 
HETATM 1686 O O   . HOH B 2 .   ? 15.998  10.238  0.848   1.00 42.91 ? 367 HOH A O   1 
HETATM 1687 O O   . HOH B 2 .   ? 13.059  9.969   17.640  1.00 63.87 ? 368 HOH A O   1 
HETATM 1688 O O   . HOH B 2 .   ? 13.803  3.985   16.362  1.00 50.77 ? 369 HOH A O   1 
HETATM 1689 O O   . HOH B 2 .   ? 5.677   -5.683  -19.859 1.00 61.28 ? 370 HOH A O   1 
HETATM 1690 O O   . HOH B 2 .   ? 4.205   -3.425  -21.412 1.00 50.54 ? 371 HOH A O   1 
HETATM 1691 O O   . HOH B 2 .   ? -13.449 0.393   -19.858 1.00 32.64 ? 372 HOH A O   1 
HETATM 1692 O O   . HOH B 2 .   ? -13.679 2.191   -5.172  1.00 37.88 ? 373 HOH A O   1 
HETATM 1693 O O   . HOH B 2 .   ? -12.783 -14.802 0.299   1.00 65.52 ? 374 HOH A O   1 
HETATM 1694 O O   . HOH B 2 .   ? 10.056  -0.492  16.784  1.00 38.26 ? 375 HOH A O   1 
HETATM 1695 O O   . HOH B 2 .   ? 20.946  -5.252  10.165  1.00 46.46 ? 376 HOH A O   1 
HETATM 1696 O O   . HOH B 2 .   ? 10.534  -5.176  19.073  1.00 52.43 ? 377 HOH A O   1 
HETATM 1697 O O   . HOH B 2 .   ? 5.682   -2.514  21.504  1.00 55.71 ? 378 HOH A O   1 
HETATM 1698 O O   . HOH B 2 .   ? -0.549  -15.972 11.975  1.00 59.55 ? 379 HOH A O   1 
HETATM 1699 O O   . HOH B 2 .   ? -0.717  -10.578 -19.375 1.00 57.25 ? 380 HOH A O   1 
HETATM 1700 O O   . HOH B 2 .   ? 10.392  -13.362 4.556   1.00 29.51 ? 381 HOH A O   1 
HETATM 1701 O O   . HOH B 2 .   ? -13.736 -8.871  -15.301 1.00 41.56 ? 382 HOH A O   1 
HETATM 1702 O O   . HOH B 2 .   ? -1.500  -12.781 -7.711  1.00 39.20 ? 383 HOH A O   1 
HETATM 1703 O O   . HOH B 2 .   ? -4.001  -7.407  -22.166 1.00 52.20 ? 384 HOH A O   1 
HETATM 1704 O O   . HOH B 2 .   ? -0.664  -8.101  -20.318 1.00 52.77 ? 385 HOH A O   1 
HETATM 1705 O O   . HOH B 2 .   ? 0.100   -6.606  -22.877 1.00 42.70 ? 386 HOH A O   1 
HETATM 1706 O O   . HOH B 2 .   ? -3.871  -10.611 17.007  1.00 62.44 ? 387 HOH A O   1 
HETATM 1707 O O   . HOH B 2 .   ? -14.563 -1.093  -15.240 1.00 42.38 ? 388 HOH A O   1 
HETATM 1708 O O   . HOH B 2 .   ? -14.146 1.858   -16.588 1.00 55.86 ? 389 HOH A O   1 
HETATM 1709 O O   . HOH B 2 .   ? -9.465  7.607   -0.857  1.00 40.24 ? 390 HOH A O   1 
HETATM 1710 O O   . HOH B 2 .   ? -14.172 -3.827  1.835   1.00 51.65 ? 391 HOH A O   1 
HETATM 1711 O O   . HOH B 2 .   ? -10.788 -10.217 9.480   1.00 45.65 ? 392 HOH A O   1 
HETATM 1712 O O   . HOH B 2 .   ? -11.022 -14.754 4.894   1.00 52.60 ? 393 HOH A O   1 
HETATM 1713 O O   . HOH B 2 .   ? -1.561  -16.408 7.564   1.00 48.75 ? 394 HOH A O   1 
HETATM 1714 O O   . HOH B 2 .   ? -3.537  -17.534 4.421   1.00 46.39 ? 395 HOH A O   1 
HETATM 1715 O O   . HOH B 2 .   ? -9.461  -0.242  14.854  1.00 47.80 ? 396 HOH A O   1 
HETATM 1716 O O   . HOH B 2 .   ? -7.224  -2.521  19.378  1.00 62.16 ? 397 HOH A O   1 
HETATM 1717 O O   . HOH B 2 .   ? 7.734   -10.706 29.737  1.00 54.37 ? 398 HOH A O   1 
HETATM 1718 O O   . HOH B 2 .   ? 4.810   -2.379  24.065  1.00 44.41 ? 399 HOH A O   1 
HETATM 1719 O O   . HOH B 2 .   ? -1.799  10.637  0.005   1.00 20.31 ? 400 HOH A O   1 
HETATM 1720 O O   . HOH B 2 .   ? -3.647  14.182  10.399  1.00 48.14 ? 401 HOH A O   1 
HETATM 1721 O O   . HOH B 2 .   ? 2.080   3.926   23.757  1.00 51.21 ? 402 HOH A O   1 
HETATM 1722 O O   . HOH B 2 .   ? 0.563   7.468   23.151  1.00 44.61 ? 403 HOH A O   1 
HETATM 1723 O O   . HOH B 2 .   ? 0.156   13.029  -13.741 1.00 57.38 ? 404 HOH A O   1 
HETATM 1724 O O   . HOH B 2 .   ? 3.197   11.073  -13.080 1.00 35.57 ? 405 HOH A O   1 
HETATM 1725 O O   . HOH B 2 .   ? 11.990  13.729  -6.779  1.00 65.12 ? 406 HOH A O   1 
HETATM 1726 O O   . HOH B 2 .   ? 16.638  7.195   16.999  1.00 44.70 ? 407 HOH A O   1 
HETATM 1727 O O   . HOH B 2 .   ? 2.681   -11.317 -12.263 1.00 57.14 ? 408 HOH A O   1 
HETATM 1728 O O   . HOH B 2 .   ? 6.929   -5.984  -16.469 1.00 56.00 ? 409 HOH A O   1 
HETATM 1729 O O   . HOH B 2 .   ? 6.602   -8.786  -14.816 1.00 60.65 ? 410 HOH A O   1 
HETATM 1730 O O   . HOH B 2 .   ? 1.671   -4.684  -22.904 1.00 66.98 ? 411 HOH A O   1 
HETATM 1731 O O   . HOH B 2 .   ? -20.041 -0.313  -1.358  1.00 42.40 ? 412 HOH A O   1 
HETATM 1732 O O   . HOH B 2 .   ? -22.247 -3.795  -7.211  1.00 45.90 ? 413 HOH A O   1 
HETATM 1733 O O   . HOH B 2 .   ? -15.904 -13.014 -7.967  1.00 46.49 ? 414 HOH A O   1 
HETATM 1734 O O   . HOH B 2 .   ? -17.955 -14.414 -5.499  1.00 56.41 ? 415 HOH A O   1 
HETATM 1735 O O   . HOH B 2 .   ? -4.952  -14.165 -8.866  1.00 55.85 ? 416 HOH A O   1 
# 
